data_8V5R
#
_entry.id   8V5R
#
_cell.length_a   1.00
_cell.length_b   1.00
_cell.length_c   1.00
_cell.angle_alpha   90.00
_cell.angle_beta   90.00
_cell.angle_gamma   90.00
#
_symmetry.space_group_name_H-M   'P 1'
#
loop_
_entity.id
_entity.type
_entity.pdbx_description
1 polymer 'DNA polymerase subunit gamma-1'
2 polymer 'DNA polymerase subunit gamma-2, mitochondrial'
3 polymer 'primer DNA'
4 polymer 'Template DNA'
5 non-polymer 'MAGNESIUM ION'
6 non-polymer "2',3'-DIDEOXY-THYMIDINE-5'-TRIPHOSPHATE"
#
loop_
_entity_poly.entity_id
_entity_poly.type
_entity_poly.pdbx_seq_one_letter_code
_entity_poly.pdbx_strand_id
1 'polypeptide(L)'
;MGGSHHHHHHGSRFMVSSSVPASDPSDGQRRRQQQQQQQQQQQQQPQQPQVLSSEGGQLRHNPLDIQMLSRGLHEQIFGQ
GGEMPGEAAVRRSVEHLQKHGLWGQPAVPLPDVELRLPPLYGDNLDQHFRLLAQKQSLPYLEAANLLLQAQLPPKPPAWA
WAEGWTRYGPEGEAVPVAIPEERALVFAVAVCLAEGTCPTLAVAISPSAWYSWCSQRLVEERYSWTSQLSPADLIPLEVP
TGASSPTQRDWQEQLVVGHNVSFDRAHIREQYLIQGSRMRFLDTMSMHMAISGLSSFQRSLWIAAKQGKHKVQPPTKQGQ
KSQRKARRGPAISSWDWLDISSVNSLAEVHRLYVGGPPLEKEPRELFVKGTMKDIRENFQDLMQYCAQDVWATHEVFQQQ
LPLFLERCPHPVTLAGMLEMGVSYLPVNQNWERYLAEAQGTYEELQREMKKSLMDLANDACQLLSGERYKEDPWLWDLEW
DLQEFKQKKAKKVKKEPATASKLPIEGAGAPGDPMDQEDLGPCSEEEEFQQDVMARACLQKLKGTTELLPKRPQHLPGHP
GWYRKLCPRLDDPAWTPGPSLLSLQMRVTPKLMALTWDGFPLHYSERHGWGYLVPGRRDNLAKLPTGTTLESAGVVCPYR
AIESLYRKHCLEQGKQQLMPQEAGLAEEFLLTDNSAIWQTVEELDYLEVEAEAKMENLRAAVPGQPLALTARGGPKDTQP
SYHHGNGPYNDVDIPGCWFFKLPHKDGNSCNVGSPFAKDFLPKMEDGTLQAGPGGASGPRALEINKMISFWRNAHKRISS
QMVVWLPRSALPRAVIRHPDYDEEGLYGAILPQVVTAGTITRRAVEPTWLTASNARPDRVGSELKAMVQAPPGYTLVGAD
VDSQELWIAAVLGDAHFAGMHGCTAFGWMTLQGRKSRGTDLHSKTATTVGISREHAKIFNYGRIYGAGQPFAERLLMQFN
HRLTQQEAAEKAQQMYAATKGLRWYRLSDEGEWLVRELNLPVDRTEGGWISLQDLRKVQRETARKSQWKKWEVVAERAWK
GGTESEMFNKLESIATSDIPRTPVLGCCISRALEPSAVQEEFMTSRVNWVVQSSAVDYLHLMLVAMKWLFEEFAIDGRFC
ISIHDEVRYLVREEDRYRAALALQITNLLTRCMFAYKLGLNDLPQSVAFFSAVDIDRCLRKEVTMDCKTPSNPTGMERRY
GIPQGEALDIYQIIELTKGSLEKRSQPGP
;
A
2 'polypeptide(L)'
;MASRGSHHHHHHGADAGQPELLTERSSPKGGHVKSHAELEGNGEHPEAPGSGEGSEALLEICQRRHFLSGSKQQLSRDSL
LSGCHPGFGPLGVELRKNLAAEWWTSVVVFREQVFPVDALHHKPGPLLPGDSAFRLVSAETLREILQDKELSKEQLVAFL
ENVLKTSGKLRENLLHGALEHYVNCLDLVNKRLPYGLAQIGVCFHPVFDTKQIRNGVKSIGEKTEASLVWFTPPRTSNQW
LDFWLRHRLQWWRKFAMSPSNFSSSDCQDEEGRKGNKLYYNFPWGKELIETLWNLGDHELLHMYPGNVSKLHGRDGRKNV
VPCVLSVNGDLDRGMLAYLYDSFQLTENSFTRKKNLHRKVLKLHPCLAPIKVALDVGRGPTLELRQVCQGLFNELLENGI
SVWPGYLETMQSSLEQLYSKYDEMSILFTVLVTETTLENGLIHLRSRDTTMKEMMHISKLKDFLIKYISSAKNV
;
B,C
3 'polydeoxyribonucleotide'
;(DT)(DG)(DG)(DG)(DT)(DT)(DT)(DT)(DT)(DA)(DT)(DG)(DT)(DA)(DC)(DT)(DA)(DC)(DA)(DG)
(DG)(DT)(DG)(DG)(DT)(DC)(DA)(DA)(DG)(DT)(DA)(DT)(DT)(DT)(DA)(DT)(DG)(DG)(DT)(DA)
(DC)(DC)(DG)(DT)(DA)(DC)(DA)(DA)(DT)(DA)(2DT)
;
P
4 'polydeoxyribonucleotide'
;(DA)(DT)(DT)(DT)(DC)(DG)(DT)(DA)(DC)(DA)(DT)(DT)(DA)(DC)(DT)(DG)(DC)(DC)(DA)(DG)
(DC)(DC)(DA)(DC)(DC)(DA)(DT)(DG)(DA)(DA)(DT)(DA)(DT)(DT)(DG)(DT)(DA)(DC)(DG)(DG)
(DT)(DA)(DC)(DC)(DA)(DT)(DA)(DA)(DA)(DT)(DA)(DC)(DT)(DT)(DG)(DA)(DC)(DC)(DA)(DC)
(DC)(DT)(DG)(DT)(DA)(DG)(DT)(DA)(DC)(DA)(DT)(DA)(DA)(DA)(DA)(DA)(DC)(DC)(DC)(DA)
;
T
#
loop_
_chem_comp.id
_chem_comp.type
_chem_comp.name
_chem_comp.formula
2DT DNA linking 3'-DEOXYTHYMIDINE-5'-MONOPHOSPHATE 'C10 H15 N2 O7 P'
D3T DNA OH 3 prime terminus 2',3'-DIDEOXY-THYMIDINE-5'-TRIPHOSPHATE 'C10 H17 N2 O13 P3'
DA DNA linking 2'-DEOXYADENOSINE-5'-MONOPHOSPHATE 'C10 H14 N5 O6 P'
DC DNA linking 2'-DEOXYCYTIDINE-5'-MONOPHOSPHATE 'C9 H14 N3 O7 P'
DG DNA linking 2'-DEOXYGUANOSINE-5'-MONOPHOSPHATE 'C10 H14 N5 O7 P'
DT DNA linking THYMIDINE-5'-MONOPHOSPHATE 'C10 H15 N2 O8 P'
MG non-polymer 'MAGNESIUM ION' 'Mg 2'
#
# COMPACT_ATOMS: atom_id res chain seq x y z
N GLY A 57 53.38 34.17 17.32
CA GLY A 57 52.67 32.93 17.61
C GLY A 57 52.31 32.15 16.37
N GLN A 58 51.42 31.16 16.52
CA GLN A 58 51.00 30.35 15.39
C GLN A 58 50.21 31.13 14.36
N LEU A 59 49.63 32.27 14.75
CA LEU A 59 48.86 33.08 13.82
C LEU A 59 49.77 33.75 12.80
N ARG A 60 49.30 33.82 11.56
CA ARG A 60 50.02 34.50 10.50
C ARG A 60 49.02 35.13 9.54
N HIS A 61 49.47 36.16 8.82
CA HIS A 61 48.62 36.88 7.89
C HIS A 61 49.39 37.17 6.61
N ASN A 62 48.65 37.31 5.52
CA ASN A 62 49.20 37.69 4.23
C ASN A 62 49.26 39.20 4.11
N PRO A 63 49.94 39.73 3.09
CA PRO A 63 49.97 41.19 2.91
C PRO A 63 48.61 41.82 2.63
N LEU A 64 47.56 41.00 2.57
CA LEU A 64 46.20 41.49 2.34
C LEU A 64 45.27 41.15 3.51
N ASP A 65 45.82 41.14 4.72
CA ASP A 65 45.09 40.88 5.97
C ASP A 65 44.09 39.72 5.84
N ILE A 66 44.58 38.60 5.33
CA ILE A 66 43.84 37.36 5.27
C ILE A 66 44.60 36.32 6.08
N GLN A 67 43.93 35.70 7.03
CA GLN A 67 44.59 34.73 7.91
C GLN A 67 45.01 33.50 7.13
N MET A 68 46.26 33.08 7.31
CA MET A 68 46.81 31.91 6.65
C MET A 68 46.85 30.74 7.64
N LEU A 69 47.48 29.65 7.22
CA LEU A 69 47.55 28.45 8.04
C LEU A 69 48.39 28.70 9.29
N SER A 70 48.39 27.70 10.18
CA SER A 70 49.22 27.77 11.37
C SER A 70 50.69 27.59 11.01
N ARG A 71 51.56 28.00 11.94
CA ARG A 71 53.00 27.91 11.69
C ARG A 71 53.44 26.47 11.51
N GLY A 72 52.96 25.57 12.37
CA GLY A 72 53.37 24.17 12.27
C GLY A 72 52.87 23.50 11.01
N LEU A 73 51.59 23.72 10.67
CA LEU A 73 51.02 23.11 9.47
C LEU A 73 51.72 23.61 8.21
N HIS A 74 51.94 24.92 8.13
CA HIS A 74 52.63 25.48 6.97
C HIS A 74 54.07 24.98 6.89
N GLU A 75 54.75 24.89 8.03
CA GLU A 75 56.13 24.39 8.04
C GLU A 75 56.19 22.95 7.57
N GLN A 76 55.23 22.12 8.00
CA GLN A 76 55.25 20.72 7.61
C GLN A 76 54.81 20.51 6.16
N ILE A 77 53.95 21.37 5.63
CA ILE A 77 53.41 21.16 4.30
C ILE A 77 54.25 21.88 3.24
N PHE A 78 54.32 23.21 3.32
CA PHE A 78 55.01 24.01 2.32
C PHE A 78 56.50 24.15 2.59
N GLY A 79 57.00 23.58 3.68
CA GLY A 79 58.41 23.72 4.00
C GLY A 79 58.74 25.10 4.55
N GLN A 80 60.04 25.41 4.52
CA GLN A 80 60.54 26.68 5.01
C GLN A 80 61.23 27.42 3.87
N GLY A 81 60.91 28.70 3.72
CA GLY A 81 61.52 29.53 2.70
C GLY A 81 60.75 29.50 1.38
N GLY A 82 61.01 30.50 0.57
CA GLY A 82 60.36 30.60 -0.73
C GLY A 82 60.53 31.99 -1.31
N GLU A 83 60.03 32.14 -2.53
CA GLU A 83 60.09 33.41 -3.24
C GLU A 83 58.98 34.32 -2.71
N MET A 84 59.37 35.39 -2.04
CA MET A 84 58.40 36.33 -1.51
C MET A 84 57.71 37.09 -2.64
N PRO A 85 56.44 37.43 -2.47
CA PRO A 85 55.75 38.21 -3.51
C PRO A 85 56.38 39.58 -3.69
N GLY A 86 56.38 40.04 -4.94
CA GLY A 86 56.94 41.35 -5.24
C GLY A 86 56.10 42.47 -4.66
N GLU A 87 56.77 43.59 -4.34
CA GLU A 87 56.08 44.74 -3.80
C GLU A 87 55.10 45.33 -4.83
N ALA A 88 55.46 45.28 -6.11
CA ALA A 88 54.56 45.75 -7.15
C ALA A 88 53.28 44.92 -7.19
N ALA A 89 53.40 43.60 -7.01
CA ALA A 89 52.22 42.75 -6.98
C ALA A 89 51.33 43.09 -5.80
N VAL A 90 51.93 43.34 -4.63
CA VAL A 90 51.15 43.71 -3.46
C VAL A 90 50.44 45.04 -3.69
N ARG A 91 51.14 46.02 -4.29
CA ARG A 91 50.52 47.30 -4.58
C ARG A 91 49.37 47.15 -5.57
N ARG A 92 49.54 46.31 -6.60
CA ARG A 92 48.48 46.08 -7.56
C ARG A 92 47.27 45.42 -6.90
N SER A 93 47.51 44.44 -6.02
CA SER A 93 46.40 43.80 -5.31
C SER A 93 45.68 44.80 -4.41
N VAL A 94 46.42 45.65 -3.72
CA VAL A 94 45.80 46.66 -2.86
C VAL A 94 44.96 47.62 -3.68
N GLU A 95 45.48 48.06 -4.83
CA GLU A 95 44.73 48.97 -5.70
C GLU A 95 43.46 48.30 -6.23
N HIS A 96 43.57 47.02 -6.61
CA HIS A 96 42.40 46.30 -7.12
C HIS A 96 41.33 46.16 -6.04
N LEU A 97 41.75 45.85 -4.81
CA LEU A 97 40.79 45.72 -3.72
C LEU A 97 40.18 47.06 -3.35
N GLN A 98 40.96 48.14 -3.43
CA GLN A 98 40.45 49.46 -3.08
C GLN A 98 39.53 50.02 -4.16
N LYS A 99 39.71 49.59 -5.41
CA LYS A 99 38.86 50.08 -6.49
C LYS A 99 37.40 49.70 -6.27
N HIS A 100 37.17 48.49 -5.79
CA HIS A 100 35.81 48.02 -5.50
C HIS A 100 35.35 48.39 -4.10
N GLY A 101 36.18 49.05 -3.32
CA GLY A 101 35.82 49.41 -1.95
C GLY A 101 35.64 48.22 -1.04
N LEU A 102 36.54 47.24 -1.13
CA LEU A 102 36.48 46.02 -0.32
C LEU A 102 37.82 45.78 0.37
N TRP A 103 38.35 46.82 0.99
CA TRP A 103 39.64 46.75 1.67
C TRP A 103 39.51 47.33 3.08
N GLY A 104 40.28 46.77 4.00
CA GLY A 104 40.26 47.23 5.38
C GLY A 104 39.19 46.61 6.25
N GLN A 105 38.43 45.67 5.74
CA GLN A 105 37.38 45.03 6.53
C GLN A 105 38.00 44.09 7.56
N PRO A 106 37.74 44.28 8.84
CA PRO A 106 38.31 43.37 9.85
C PRO A 106 37.69 41.99 9.76
N ALA A 107 38.48 40.99 10.16
CA ALA A 107 38.02 39.60 10.19
C ALA A 107 38.42 38.99 11.52
N VAL A 108 37.48 38.29 12.15
CA VAL A 108 37.74 37.63 13.43
C VAL A 108 38.69 36.47 13.18
N PRO A 109 39.84 36.41 13.87
CA PRO A 109 40.80 35.34 13.63
C PRO A 109 40.24 33.98 14.04
N LEU A 110 40.18 33.07 13.08
CA LEU A 110 39.74 31.71 13.39
C LEU A 110 40.77 31.04 14.30
N PRO A 111 40.33 30.22 15.25
CA PRO A 111 41.28 29.59 16.17
C PRO A 111 42.30 28.73 15.43
N ASP A 112 43.53 28.78 15.89
CA ASP A 112 44.60 28.01 15.26
C ASP A 112 44.47 26.53 15.60
N VAL A 113 44.88 25.69 14.66
CA VAL A 113 44.85 24.24 14.81
C VAL A 113 46.29 23.74 14.74
N GLU A 114 46.72 23.04 15.78
CA GLU A 114 48.07 22.50 15.87
C GLU A 114 47.98 20.97 15.87
N LEU A 115 48.50 20.35 14.82
CA LEU A 115 48.53 18.90 14.73
C LEU A 115 49.79 18.48 13.99
N ARG A 116 50.26 17.27 14.29
CA ARG A 116 51.46 16.72 13.68
C ARG A 116 51.04 15.83 12.51
N LEU A 117 51.23 16.33 11.29
CA LEU A 117 50.87 15.58 10.11
C LEU A 117 51.78 14.35 9.96
N PRO A 118 51.29 13.30 9.33
CA PRO A 118 52.12 12.11 9.08
C PRO A 118 53.27 12.45 8.15
N PRO A 119 54.33 11.64 8.12
CA PRO A 119 55.47 11.94 7.25
C PRO A 119 55.05 12.03 5.79
N LEU A 120 55.62 13.01 5.10
CA LEU A 120 55.30 13.27 3.70
C LEU A 120 56.43 12.77 2.81
N TYR A 121 56.09 11.92 1.84
CA TYR A 121 57.08 11.36 0.95
C TYR A 121 57.62 12.43 0.01
N GLY A 122 58.81 12.18 -0.53
CA GLY A 122 59.41 13.14 -1.43
C GLY A 122 59.86 14.40 -0.71
N ASP A 123 60.01 15.46 -1.49
CA ASP A 123 60.41 16.76 -0.97
C ASP A 123 59.38 17.85 -1.25
N ASN A 124 58.20 17.49 -1.74
CA ASN A 124 57.17 18.46 -2.08
C ASN A 124 55.83 17.75 -2.14
N LEU A 125 54.76 18.55 -2.13
CA LEU A 125 53.41 17.98 -2.25
C LEU A 125 53.23 17.24 -3.56
N ASP A 126 53.74 17.80 -4.67
CA ASP A 126 53.67 17.11 -5.94
C ASP A 126 54.40 15.78 -5.90
N GLN A 127 55.62 15.77 -5.34
CA GLN A 127 56.36 14.53 -5.21
C GLN A 127 55.65 13.54 -4.31
N HIS A 128 55.08 14.02 -3.20
CA HIS A 128 54.36 13.14 -2.28
C HIS A 128 53.18 12.46 -2.98
N PHE A 129 52.34 13.25 -3.64
CA PHE A 129 51.18 12.69 -4.32
C PHE A 129 51.60 11.77 -5.46
N ARG A 130 52.64 12.14 -6.21
CA ARG A 130 53.09 11.29 -7.30
C ARG A 130 53.60 9.96 -6.79
N LEU A 131 54.37 9.97 -5.69
CA LEU A 131 54.87 8.73 -5.11
C LEU A 131 53.71 7.87 -4.60
N LEU A 132 52.73 8.48 -3.94
CA LEU A 132 51.58 7.71 -3.45
C LEU A 132 50.82 7.09 -4.61
N ALA A 133 50.59 7.85 -5.67
CA ALA A 133 49.85 7.33 -6.83
C ALA A 133 50.62 6.21 -7.51
N GLN A 134 51.94 6.36 -7.66
CA GLN A 134 52.74 5.30 -8.26
C GLN A 134 52.70 4.04 -7.41
N LYS A 135 52.82 4.19 -6.09
CA LYS A 135 52.74 3.02 -5.21
C LYS A 135 51.39 2.33 -5.32
N GLN A 136 50.32 3.11 -5.43
CA GLN A 136 48.99 2.53 -5.54
C GLN A 136 48.80 1.80 -6.88
N SER A 137 49.25 2.41 -7.98
CA SER A 137 48.87 1.95 -9.30
C SER A 137 49.97 1.17 -10.02
N LEU A 138 51.08 0.86 -9.36
CA LEU A 138 52.11 0.06 -10.02
C LEU A 138 51.65 -1.34 -10.39
N PRO A 139 51.10 -2.16 -9.49
CA PRO A 139 50.73 -3.54 -9.90
C PRO A 139 49.66 -3.58 -10.98
N TYR A 140 48.70 -2.65 -10.94
CA TYR A 140 47.64 -2.66 -11.94
C TYR A 140 48.16 -2.20 -13.29
N LEU A 141 49.09 -1.24 -13.30
CA LEU A 141 49.76 -0.88 -14.55
C LEU A 141 50.56 -2.05 -15.10
N GLU A 142 51.23 -2.81 -14.21
CA GLU A 142 51.96 -3.99 -14.67
C GLU A 142 51.02 -5.03 -15.28
N ALA A 143 49.87 -5.26 -14.65
CA ALA A 143 48.89 -6.19 -15.20
C ALA A 143 48.35 -5.70 -16.53
N ALA A 144 48.10 -4.40 -16.65
CA ALA A 144 47.63 -3.84 -17.92
C ALA A 144 48.67 -4.02 -19.02
N ASN A 145 49.94 -3.81 -18.69
CA ASN A 145 51.01 -4.03 -19.68
C ASN A 145 51.11 -5.49 -20.07
N LEU A 146 50.96 -6.39 -19.09
CA LEU A 146 50.98 -7.82 -19.40
C LEU A 146 49.84 -8.19 -20.34
N LEU A 147 48.65 -7.64 -20.11
CA LEU A 147 47.51 -7.94 -20.98
C LEU A 147 47.69 -7.32 -22.36
N LEU A 148 48.26 -6.11 -22.42
CA LEU A 148 48.43 -5.43 -23.70
C LEU A 148 49.46 -6.11 -24.57
N GLN A 149 50.64 -6.42 -24.00
CA GLN A 149 51.72 -7.05 -24.75
C GLN A 149 51.71 -8.55 -24.45
N ALA A 150 50.86 -9.27 -25.19
CA ALA A 150 50.73 -10.71 -25.00
C ALA A 150 50.15 -11.32 -26.27
N GLN A 151 50.39 -12.62 -26.41
CA GLN A 151 49.82 -13.38 -27.51
C GLN A 151 48.36 -13.73 -27.23
N LEU A 152 47.65 -14.14 -28.28
CA LEU A 152 46.24 -14.48 -28.14
C LEU A 152 45.89 -15.70 -28.97
N PRO A 153 45.63 -16.85 -28.34
CA PRO A 153 45.27 -18.03 -29.10
C PRO A 153 43.92 -17.84 -29.77
N PRO A 154 43.67 -18.55 -30.87
CA PRO A 154 42.37 -18.41 -31.55
C PRO A 154 41.23 -18.96 -30.69
N LYS A 155 40.02 -18.63 -31.12
CA LYS A 155 38.84 -19.09 -30.40
C LYS A 155 38.73 -20.61 -30.49
N PRO A 156 38.27 -21.28 -29.43
CA PRO A 156 38.16 -22.74 -29.50
C PRO A 156 37.14 -23.16 -30.53
N PRO A 157 37.31 -24.33 -31.15
CA PRO A 157 36.35 -24.76 -32.18
C PRO A 157 34.93 -24.94 -31.67
N ALA A 158 34.77 -25.38 -30.43
CA ALA A 158 33.45 -25.58 -29.84
C ALA A 158 33.48 -25.22 -28.36
N TRP A 159 32.45 -24.52 -27.91
CA TRP A 159 32.37 -24.11 -26.51
C TRP A 159 31.85 -25.26 -25.65
N ALA A 160 32.44 -25.41 -24.46
CA ALA A 160 32.04 -26.48 -23.56
C ALA A 160 30.66 -26.21 -22.97
N TRP A 161 29.97 -27.29 -22.64
CA TRP A 161 28.63 -27.24 -22.04
C TRP A 161 28.72 -27.93 -20.68
N ALA A 162 29.08 -27.17 -19.66
CA ALA A 162 29.19 -27.71 -18.30
C ALA A 162 29.08 -26.56 -17.31
N GLU A 163 28.78 -26.90 -16.07
CA GLU A 163 28.63 -25.90 -15.01
C GLU A 163 29.99 -25.50 -14.46
N GLY A 164 30.22 -24.21 -14.32
CA GLY A 164 31.45 -23.69 -13.75
C GLY A 164 32.45 -23.26 -14.82
N TRP A 165 33.60 -22.80 -14.33
CA TRP A 165 34.66 -22.34 -15.22
C TRP A 165 35.33 -23.52 -15.93
N THR A 166 35.80 -23.25 -17.14
CA THR A 166 36.51 -24.24 -17.94
C THR A 166 37.62 -23.54 -18.72
N ARG A 167 38.75 -24.22 -18.85
CA ARG A 167 39.92 -23.68 -19.52
C ARG A 167 40.08 -24.32 -20.89
N TYR A 168 40.23 -23.50 -21.92
CA TYR A 168 40.40 -23.97 -23.29
C TYR A 168 41.89 -24.02 -23.61
N GLY A 169 42.42 -25.23 -23.81
CA GLY A 169 43.82 -25.41 -24.09
C GLY A 169 44.19 -24.97 -25.49
N PRO A 170 45.49 -24.98 -25.79
CA PRO A 170 45.93 -24.56 -27.14
C PRO A 170 45.36 -25.43 -28.25
N GLU A 171 45.11 -26.70 -27.99
CA GLU A 171 44.54 -27.61 -28.98
C GLU A 171 43.02 -27.61 -28.98
N GLY A 172 42.39 -26.72 -28.20
CA GLY A 172 40.95 -26.66 -28.12
C GLY A 172 40.33 -27.51 -27.04
N GLU A 173 41.13 -28.29 -26.31
CA GLU A 173 40.60 -29.13 -25.24
C GLU A 173 40.07 -28.26 -24.10
N ALA A 174 39.00 -28.75 -23.47
CA ALA A 174 38.37 -28.06 -22.35
C ALA A 174 38.61 -28.86 -21.07
N VAL A 175 39.22 -28.21 -20.08
CA VAL A 175 39.55 -28.85 -18.81
C VAL A 175 38.85 -28.06 -17.71
N PRO A 176 38.08 -28.71 -16.84
CA PRO A 176 37.41 -27.97 -15.76
C PRO A 176 38.41 -27.32 -14.81
N VAL A 177 38.09 -26.11 -14.37
CA VAL A 177 38.88 -25.39 -13.38
C VAL A 177 37.94 -24.79 -12.35
N ALA A 178 38.46 -24.56 -11.15
CA ALA A 178 37.66 -23.93 -10.11
C ALA A 178 37.57 -22.43 -10.33
N ILE A 179 38.72 -21.74 -10.35
CA ILE A 179 38.77 -20.31 -10.61
C ILE A 179 39.92 -20.01 -11.55
N PRO A 180 39.78 -18.96 -12.36
CA PRO A 180 40.92 -18.51 -13.16
C PRO A 180 42.09 -18.09 -12.28
N GLU A 181 43.30 -18.36 -12.77
CA GLU A 181 44.53 -18.04 -12.06
C GLU A 181 45.35 -17.03 -12.85
N GLU A 182 44.68 -16.01 -13.37
CA GLU A 182 45.31 -15.02 -14.24
C GLU A 182 45.18 -13.63 -13.63
N ARG A 183 46.27 -12.86 -13.69
CA ARG A 183 46.27 -11.51 -13.14
C ARG A 183 45.33 -10.59 -13.90
N ALA A 184 45.37 -10.64 -15.24
CA ALA A 184 44.64 -9.71 -16.08
C ALA A 184 43.65 -10.47 -16.96
N LEU A 185 42.44 -9.93 -17.06
CA LEU A 185 41.39 -10.52 -17.89
C LEU A 185 40.54 -9.40 -18.50
N VAL A 186 39.95 -9.70 -19.64
CA VAL A 186 38.90 -8.88 -20.24
C VAL A 186 37.60 -9.64 -20.10
N PHE A 187 36.60 -9.01 -19.48
CA PHE A 187 35.42 -9.72 -19.02
C PHE A 187 34.16 -9.18 -19.67
N ALA A 188 33.20 -10.08 -19.88
CA ALA A 188 31.89 -9.72 -20.39
C ALA A 188 30.91 -10.80 -19.96
N VAL A 189 29.77 -10.39 -19.41
CA VAL A 189 28.79 -11.32 -18.87
C VAL A 189 27.50 -11.21 -19.68
N ALA A 190 26.69 -12.26 -19.61
CA ALA A 190 25.41 -12.34 -20.28
C ALA A 190 24.31 -12.47 -19.24
N VAL A 191 23.25 -11.69 -19.39
CA VAL A 191 22.13 -11.67 -18.45
C VAL A 191 20.84 -11.88 -19.23
N CYS A 192 20.03 -12.85 -18.79
CA CYS A 192 18.71 -13.08 -19.37
C CYS A 192 17.70 -12.24 -18.60
N LEU A 193 17.18 -11.19 -19.26
CA LEU A 193 16.30 -10.25 -18.57
C LEU A 193 14.93 -10.85 -18.24
N ALA A 194 14.50 -11.88 -18.97
CA ALA A 194 13.21 -12.50 -18.72
C ALA A 194 13.22 -13.43 -17.52
N GLU A 195 14.40 -13.81 -17.02
CA GLU A 195 14.51 -14.68 -15.86
C GLU A 195 14.84 -13.93 -14.58
N GLY A 196 15.59 -12.84 -14.68
CA GLY A 196 15.98 -12.06 -13.53
C GLY A 196 17.30 -11.36 -13.77
N THR A 197 17.95 -10.99 -12.68
CA THR A 197 19.25 -10.32 -12.73
C THR A 197 20.41 -11.29 -12.59
N CYS A 198 20.15 -12.59 -12.49
CA CYS A 198 21.22 -13.57 -12.38
C CYS A 198 22.00 -13.65 -13.69
N PRO A 199 23.33 -13.74 -13.63
CA PRO A 199 24.12 -13.90 -14.85
C PRO A 199 23.84 -15.23 -15.52
N THR A 200 24.03 -15.24 -16.85
CA THR A 200 23.78 -16.43 -17.66
C THR A 200 25.04 -17.01 -18.28
N LEU A 201 25.81 -16.19 -19.01
CA LEU A 201 27.03 -16.65 -19.65
C LEU A 201 28.13 -15.63 -19.44
N ALA A 202 29.38 -16.11 -19.47
CA ALA A 202 30.54 -15.25 -19.31
C ALA A 202 31.75 -15.92 -19.96
N VAL A 203 32.48 -15.16 -20.77
CA VAL A 203 33.70 -15.64 -21.40
C VAL A 203 34.82 -14.65 -21.08
N ALA A 204 35.98 -15.17 -20.71
CA ALA A 204 37.11 -14.36 -20.29
C ALA A 204 38.29 -14.56 -21.22
N ILE A 205 39.09 -13.51 -21.37
CA ILE A 205 40.30 -13.56 -22.17
C ILE A 205 41.50 -13.49 -21.24
N SER A 206 42.62 -14.02 -21.72
CA SER A 206 43.86 -14.05 -20.94
C SER A 206 45.02 -14.31 -21.88
N PRO A 207 46.23 -13.86 -21.53
CA PRO A 207 47.39 -14.20 -22.36
C PRO A 207 47.62 -15.70 -22.49
N SER A 208 47.27 -16.48 -21.47
CA SER A 208 47.49 -17.92 -21.51
C SER A 208 46.43 -18.62 -22.36
N ALA A 209 45.16 -18.46 -22.00
CA ALA A 209 44.08 -19.18 -22.68
C ALA A 209 42.76 -18.48 -22.41
N TRP A 210 41.75 -18.87 -23.19
CA TRP A 210 40.39 -18.39 -22.97
C TRP A 210 39.77 -19.09 -21.76
N TYR A 211 38.65 -18.53 -21.29
CA TYR A 211 37.90 -19.12 -20.19
C TYR A 211 36.42 -18.90 -20.43
N SER A 212 35.61 -19.88 -20.04
CA SER A 212 34.16 -19.80 -20.18
C SER A 212 33.50 -20.23 -18.88
N TRP A 213 32.36 -19.60 -18.58
CA TRP A 213 31.59 -19.91 -17.38
C TRP A 213 30.12 -19.99 -17.74
N CYS A 214 29.46 -21.06 -17.32
CA CYS A 214 28.05 -21.28 -17.59
C CYS A 214 27.27 -21.29 -16.28
N SER A 215 26.19 -20.51 -16.24
CA SER A 215 25.35 -20.45 -15.05
C SER A 215 24.65 -21.78 -14.80
N GLN A 216 24.46 -22.11 -13.52
CA GLN A 216 23.75 -23.33 -13.17
C GLN A 216 22.29 -23.28 -13.61
N ARG A 217 21.69 -22.09 -13.63
CA ARG A 217 20.30 -21.96 -14.07
C ARG A 217 20.14 -22.20 -15.56
N LEU A 218 21.23 -22.19 -16.32
CA LEU A 218 21.15 -22.44 -17.76
C LEU A 218 21.35 -23.91 -18.10
N VAL A 219 22.20 -24.62 -17.37
CA VAL A 219 22.44 -26.03 -17.65
C VAL A 219 21.33 -26.89 -17.06
N GLU A 220 21.16 -26.84 -15.75
CA GLU A 220 20.12 -27.62 -15.08
C GLU A 220 18.79 -26.87 -15.14
N GLU A 221 17.71 -27.62 -15.34
CA GLU A 221 16.37 -27.06 -15.45
C GLU A 221 15.58 -27.42 -14.20
N ARG A 222 14.97 -26.42 -13.58
CA ARG A 222 14.14 -26.59 -12.40
C ARG A 222 12.85 -25.79 -12.56
N TYR A 223 11.81 -26.23 -11.84
CA TYR A 223 10.54 -25.53 -11.91
C TYR A 223 10.64 -24.11 -11.36
N SER A 224 11.31 -23.95 -10.22
CA SER A 224 11.42 -22.65 -9.57
C SER A 224 12.82 -22.44 -9.06
N TRP A 225 13.34 -21.23 -9.26
CA TRP A 225 14.65 -20.83 -8.76
C TRP A 225 14.49 -19.77 -7.68
N THR A 226 15.58 -19.51 -6.98
CA THR A 226 15.56 -18.55 -5.87
C THR A 226 15.45 -17.13 -6.40
N SER A 227 14.43 -16.41 -5.95
CA SER A 227 14.22 -15.02 -6.38
C SER A 227 15.10 -14.04 -5.61
N GLN A 228 15.69 -14.44 -4.50
CA GLN A 228 16.59 -13.59 -3.73
C GLN A 228 18.02 -13.98 -4.03
N LEU A 229 18.80 -13.04 -4.57
CA LEU A 229 20.15 -13.33 -5.00
C LEU A 229 21.04 -13.67 -3.81
N SER A 230 21.99 -14.57 -4.05
CA SER A 230 22.95 -15.06 -3.07
C SER A 230 24.34 -15.05 -3.68
N PRO A 231 25.38 -14.98 -2.85
CA PRO A 231 26.75 -15.05 -3.41
C PRO A 231 27.01 -16.33 -4.18
N ALA A 232 26.35 -17.44 -3.83
CA ALA A 232 26.52 -18.69 -4.57
C ALA A 232 25.92 -18.63 -5.97
N ASP A 233 25.14 -17.61 -6.29
CA ASP A 233 24.52 -17.47 -7.59
C ASP A 233 25.32 -16.62 -8.57
N LEU A 234 26.53 -16.20 -8.19
CA LEU A 234 27.34 -15.30 -9.00
C LEU A 234 28.62 -16.00 -9.44
N ILE A 235 29.48 -15.23 -10.10
CA ILE A 235 30.69 -15.75 -10.75
C ILE A 235 31.88 -15.67 -9.81
N PRO A 236 32.58 -16.79 -9.56
CA PRO A 236 33.79 -16.79 -8.70
C PRO A 236 35.04 -16.32 -9.45
N LEU A 237 35.23 -15.01 -9.48
CA LEU A 237 36.31 -14.39 -10.23
C LEU A 237 37.38 -13.78 -9.31
N GLU A 238 37.69 -14.46 -8.21
CA GLU A 238 38.75 -14.00 -7.31
C GLU A 238 39.50 -15.21 -6.77
N VAL A 239 40.74 -14.97 -6.39
CA VAL A 239 41.65 -16.00 -5.87
C VAL A 239 41.78 -15.80 -4.36
N PRO A 240 41.42 -16.78 -3.54
CA PRO A 240 41.57 -16.61 -2.08
C PRO A 240 43.04 -16.54 -1.69
N THR A 241 43.29 -15.83 -0.59
CA THR A 241 44.63 -15.68 -0.07
C THR A 241 45.13 -16.98 0.58
N ASP A 250 52.42 -16.05 -5.58
CA ASP A 250 53.46 -15.07 -5.86
C ASP A 250 52.85 -13.68 -6.04
N TRP A 251 52.14 -13.50 -7.14
CA TRP A 251 51.53 -12.20 -7.44
C TRP A 251 50.32 -11.96 -6.55
N GLN A 252 50.00 -10.68 -6.36
CA GLN A 252 48.83 -10.26 -5.61
C GLN A 252 48.08 -9.20 -6.41
N GLU A 253 46.78 -9.07 -6.10
CA GLU A 253 45.88 -8.12 -6.74
C GLU A 253 45.63 -8.48 -8.20
N GLN A 254 44.45 -8.15 -8.72
CA GLN A 254 44.06 -8.50 -10.06
C GLN A 254 43.47 -7.29 -10.78
N LEU A 255 43.58 -7.29 -12.11
CA LEU A 255 42.99 -6.26 -12.95
C LEU A 255 42.01 -6.92 -13.91
N VAL A 256 40.80 -6.36 -13.99
CA VAL A 256 39.76 -6.85 -14.88
C VAL A 256 39.33 -5.70 -15.77
N VAL A 257 39.42 -5.90 -17.09
CA VAL A 257 39.08 -4.89 -18.08
C VAL A 257 37.77 -5.28 -18.75
N GLY A 258 37.06 -4.28 -19.26
CA GLY A 258 35.83 -4.55 -19.97
C GLY A 258 35.17 -3.25 -20.40
N HIS A 259 34.21 -3.39 -21.31
CA HIS A 259 33.41 -2.26 -21.78
C HIS A 259 32.19 -2.15 -20.87
N ASN A 260 32.03 -0.99 -20.23
CA ASN A 260 31.05 -0.81 -19.16
C ASN A 260 31.26 -1.87 -18.08
N VAL A 261 32.47 -1.85 -17.52
CA VAL A 261 32.94 -2.93 -16.65
C VAL A 261 32.16 -3.03 -15.35
N SER A 262 31.43 -1.98 -14.97
CA SER A 262 30.64 -2.05 -13.75
C SER A 262 29.55 -3.10 -13.84
N PHE A 263 28.97 -3.28 -15.03
CA PHE A 263 27.94 -4.31 -15.22
C PHE A 263 28.52 -5.70 -14.94
N ASP A 264 29.74 -5.96 -15.44
CA ASP A 264 30.38 -7.24 -15.17
C ASP A 264 30.79 -7.35 -13.70
N ARG A 265 31.21 -6.24 -13.10
CA ARG A 265 31.60 -6.26 -11.69
C ARG A 265 30.43 -6.61 -10.79
N ALA A 266 29.23 -6.12 -11.14
CA ALA A 266 28.05 -6.36 -10.31
C ALA A 266 27.66 -7.84 -10.24
N HIS A 267 28.21 -8.69 -11.11
CA HIS A 267 27.90 -10.11 -11.13
C HIS A 267 29.07 -10.97 -10.65
N ILE A 268 29.88 -10.44 -9.73
CA ILE A 268 31.03 -11.15 -9.19
C ILE A 268 30.74 -11.53 -7.75
N ARG A 269 31.08 -12.76 -7.38
CA ARG A 269 30.70 -13.30 -6.08
C ARG A 269 31.39 -12.56 -4.94
N GLU A 270 32.70 -12.31 -5.08
CA GLU A 270 33.49 -11.78 -3.97
C GLU A 270 33.41 -10.27 -3.83
N GLN A 271 32.72 -9.58 -4.75
CA GLN A 271 32.64 -8.13 -4.69
C GLN A 271 31.55 -7.62 -3.74
N TYR A 272 30.73 -8.51 -3.18
CA TYR A 272 29.66 -8.13 -2.28
C TYR A 272 30.01 -8.32 -0.81
N LEU A 273 31.24 -8.74 -0.50
CA LEU A 273 31.67 -8.87 0.88
C LEU A 273 32.05 -7.50 1.44
N ILE A 274 32.04 -7.40 2.78
CA ILE A 274 32.38 -6.15 3.44
C ILE A 274 33.87 -6.04 3.77
N GLN A 275 34.62 -7.13 3.66
CA GLN A 275 36.03 -7.11 4.05
C GLN A 275 36.84 -6.16 3.17
N GLY A 276 36.93 -6.45 1.88
CA GLY A 276 37.73 -5.63 0.99
C GLY A 276 37.58 -6.11 -0.43
N SER A 277 38.16 -5.34 -1.35
CA SER A 277 38.07 -5.64 -2.77
C SER A 277 39.27 -6.43 -3.28
N ARG A 278 40.48 -5.87 -3.14
CA ARG A 278 41.71 -6.46 -3.67
C ARG A 278 41.57 -6.75 -5.17
N MET A 279 40.87 -5.87 -5.87
CA MET A 279 40.65 -6.03 -7.30
C MET A 279 40.16 -4.69 -7.86
N ARG A 280 40.77 -4.25 -8.95
CA ARG A 280 40.42 -2.99 -9.58
C ARG A 280 39.98 -3.24 -11.03
N PHE A 281 39.03 -2.44 -11.48
CA PHE A 281 38.40 -2.61 -12.78
C PHE A 281 38.70 -1.41 -13.66
N LEU A 282 39.10 -1.66 -14.90
CA LEU A 282 39.39 -0.62 -15.87
C LEU A 282 38.36 -0.68 -16.99
N ASP A 283 37.75 0.45 -17.29
CA ASP A 283 36.65 0.52 -18.25
C ASP A 283 37.13 1.21 -19.52
N THR A 284 36.79 0.61 -20.67
CA THR A 284 37.15 1.22 -21.94
C THR A 284 36.27 2.43 -22.25
N MET A 285 35.04 2.46 -21.72
CA MET A 285 34.18 3.62 -21.91
C MET A 285 34.79 4.86 -21.27
N SER A 286 35.37 4.71 -20.07
CA SER A 286 35.97 5.86 -19.40
C SER A 286 37.15 6.40 -20.19
N MET A 287 38.02 5.52 -20.68
CA MET A 287 39.15 5.97 -21.48
C MET A 287 38.69 6.60 -22.79
N HIS A 288 37.65 6.03 -23.41
CA HIS A 288 37.13 6.62 -24.64
C HIS A 288 36.58 8.02 -24.39
N MET A 289 35.86 8.21 -23.29
CA MET A 289 35.34 9.54 -22.96
C MET A 289 36.48 10.51 -22.65
N ALA A 290 37.54 10.01 -22.00
CA ALA A 290 38.68 10.87 -21.70
C ALA A 290 39.41 11.30 -22.98
N ILE A 291 39.53 10.40 -23.94
CA ILE A 291 40.35 10.65 -25.13
C ILE A 291 39.54 11.36 -26.21
N SER A 292 38.48 10.70 -26.70
CA SER A 292 37.70 11.18 -27.84
C SER A 292 36.22 11.23 -27.49
N GLY A 293 35.91 11.84 -26.35
CA GLY A 293 34.52 11.94 -25.93
C GLY A 293 33.75 13.03 -26.65
N LEU A 294 32.44 13.01 -26.45
CA LEU A 294 31.54 13.99 -27.05
C LEU A 294 30.49 14.41 -26.03
N SER A 295 29.98 15.63 -26.20
CA SER A 295 28.92 16.12 -25.36
C SER A 295 27.57 15.65 -25.90
N SER A 296 26.50 15.96 -25.16
CA SER A 296 25.16 15.52 -25.57
C SER A 296 24.77 16.15 -26.90
N PHE A 297 24.97 17.45 -27.04
CA PHE A 297 24.68 18.11 -28.32
C PHE A 297 25.60 17.58 -29.42
N GLN A 298 26.88 17.39 -29.10
CA GLN A 298 27.81 16.83 -30.07
C GLN A 298 27.41 15.42 -30.48
N ARG A 299 26.99 14.60 -29.51
CA ARG A 299 26.56 13.24 -29.85
C ARG A 299 25.30 13.25 -30.71
N SER A 300 24.35 14.14 -30.39
CA SER A 300 23.15 14.24 -31.21
C SER A 300 23.49 14.66 -32.64
N LEU A 301 24.37 15.65 -32.79
CA LEU A 301 24.77 16.07 -34.13
C LEU A 301 25.51 14.96 -34.87
N TRP A 302 26.36 14.21 -34.15
CA TRP A 302 27.08 13.11 -34.76
C TRP A 302 26.13 12.03 -35.27
N ILE A 303 25.13 11.67 -34.45
CA ILE A 303 24.17 10.66 -34.88
C ILE A 303 23.36 11.15 -36.06
N ALA A 304 22.94 12.43 -36.02
CA ALA A 304 22.18 12.98 -37.13
C ALA A 304 23.00 13.00 -38.42
N ALA A 305 24.28 13.37 -38.32
CA ALA A 305 25.13 13.42 -39.50
C ALA A 305 25.38 12.03 -40.07
N LYS A 306 25.60 11.04 -39.20
CA LYS A 306 25.82 9.68 -39.68
C LYS A 306 24.60 9.15 -40.42
N GLN A 307 23.41 9.38 -39.87
CA GLN A 307 22.19 8.94 -40.55
C GLN A 307 21.97 9.70 -41.85
N GLY A 308 22.23 11.01 -41.85
CA GLY A 308 22.06 11.83 -43.03
C GLY A 308 21.73 13.28 -42.72
N ILE A 332 27.38 27.71 -38.21
CA ILE A 332 27.65 26.31 -37.88
C ILE A 332 28.58 25.69 -38.91
N SER A 333 29.84 25.49 -38.53
CA SER A 333 30.85 24.96 -39.43
C SER A 333 31.86 24.17 -38.59
N SER A 334 33.01 23.85 -39.20
CA SER A 334 34.09 23.12 -38.53
C SER A 334 33.63 21.73 -38.10
N TRP A 335 33.35 20.88 -39.10
CA TRP A 335 32.95 19.50 -38.86
C TRP A 335 34.14 18.54 -38.85
N ASP A 336 35.35 19.04 -38.55
CA ASP A 336 36.54 18.21 -38.56
C ASP A 336 36.62 17.26 -37.37
N TRP A 337 35.75 17.42 -36.37
CA TRP A 337 35.78 16.57 -35.19
C TRP A 337 35.01 15.26 -35.39
N LEU A 338 34.38 15.06 -36.54
CA LEU A 338 33.61 13.84 -36.77
C LEU A 338 34.51 12.62 -36.92
N ASP A 339 35.71 12.80 -37.49
CA ASP A 339 36.58 11.66 -37.78
C ASP A 339 37.43 11.24 -36.59
N ILE A 340 37.37 11.95 -35.47
CA ILE A 340 38.19 11.62 -34.31
C ILE A 340 37.30 11.44 -33.08
N SER A 341 36.05 11.05 -33.29
CA SER A 341 35.12 10.86 -32.19
C SER A 341 34.08 9.82 -32.57
N SER A 342 33.46 9.22 -31.55
CA SER A 342 32.40 8.24 -31.74
C SER A 342 31.63 8.12 -30.44
N VAL A 343 30.44 7.52 -30.54
CA VAL A 343 29.58 7.31 -29.37
C VAL A 343 30.15 6.16 -28.54
N ASN A 344 29.62 5.98 -27.34
CA ASN A 344 30.17 5.03 -26.39
C ASN A 344 29.91 3.57 -26.75
N SER A 345 29.14 3.30 -27.80
CA SER A 345 28.86 1.93 -28.20
C SER A 345 30.15 1.22 -28.59
N LEU A 346 30.22 -0.08 -28.25
CA LEU A 346 31.45 -0.83 -28.48
C LEU A 346 31.78 -0.93 -29.96
N ALA A 347 30.76 -1.14 -30.81
CA ALA A 347 31.02 -1.22 -32.24
C ALA A 347 31.58 0.07 -32.79
N GLU A 348 31.01 1.21 -32.40
CA GLU A 348 31.50 2.50 -32.86
C GLU A 348 32.90 2.78 -32.35
N VAL A 349 33.19 2.42 -31.09
CA VAL A 349 34.53 2.62 -30.55
C VAL A 349 35.54 1.75 -31.30
N HIS A 350 35.17 0.50 -31.60
CA HIS A 350 36.07 -0.37 -32.35
C HIS A 350 36.31 0.16 -33.75
N ARG A 351 35.26 0.69 -34.39
CA ARG A 351 35.43 1.27 -35.72
C ARG A 351 36.33 2.50 -35.69
N LEU A 352 36.17 3.35 -34.67
CA LEU A 352 36.95 4.58 -34.60
C LEU A 352 38.42 4.29 -34.29
N TYR A 353 38.68 3.46 -33.28
CA TYR A 353 40.04 3.25 -32.82
C TYR A 353 40.76 2.15 -33.58
N VAL A 354 40.11 1.01 -33.79
CA VAL A 354 40.72 -0.13 -34.46
C VAL A 354 40.28 -0.24 -35.92
N GLY A 355 39.00 -0.03 -36.18
CA GLY A 355 38.49 -0.13 -37.54
C GLY A 355 38.31 -1.58 -37.96
N GLY A 356 38.13 -1.75 -39.27
CA GLY A 356 37.93 -3.07 -39.84
C GLY A 356 36.47 -3.38 -40.07
N PRO A 357 36.14 -4.67 -40.18
CA PRO A 357 34.75 -5.07 -40.38
C PRO A 357 33.87 -4.66 -39.21
N PRO A 358 32.64 -4.23 -39.49
CA PRO A 358 31.74 -3.87 -38.39
C PRO A 358 31.34 -5.09 -37.57
N LEU A 359 31.10 -4.86 -36.28
CA LEU A 359 30.71 -5.94 -35.39
C LEU A 359 29.27 -6.37 -35.66
N GLU A 360 29.02 -7.66 -35.46
CA GLU A 360 27.68 -8.21 -35.64
C GLU A 360 26.76 -7.78 -34.50
N LYS A 361 25.46 -7.94 -34.72
CA LYS A 361 24.46 -7.48 -33.76
C LYS A 361 23.48 -8.56 -33.31
N GLU A 362 23.33 -9.66 -34.05
CA GLU A 362 22.34 -10.70 -33.74
C GLU A 362 20.96 -10.09 -33.58
N PRO A 363 20.30 -9.72 -34.68
CA PRO A 363 19.01 -9.02 -34.57
C PRO A 363 17.94 -9.77 -33.79
N ARG A 364 18.17 -11.03 -33.42
CA ARG A 364 17.23 -11.74 -32.56
C ARG A 364 17.14 -11.07 -31.19
N GLU A 365 18.28 -10.66 -30.63
CA GLU A 365 18.36 -10.06 -29.30
C GLU A 365 17.72 -10.99 -28.26
N LEU A 366 18.28 -12.19 -28.17
CA LEU A 366 17.70 -13.23 -27.33
C LEU A 366 17.75 -12.86 -25.85
N PHE A 367 18.89 -12.31 -25.39
CA PHE A 367 19.02 -11.99 -23.97
C PHE A 367 18.05 -10.90 -23.55
N VAL A 368 17.88 -9.87 -24.38
CA VAL A 368 16.94 -8.80 -24.05
C VAL A 368 15.50 -9.29 -24.15
N LYS A 369 15.19 -10.02 -25.24
CA LYS A 369 13.85 -10.53 -25.49
C LYS A 369 13.97 -12.00 -25.86
N GLY A 370 13.76 -12.88 -24.89
CA GLY A 370 13.84 -14.31 -25.15
C GLY A 370 13.59 -15.08 -23.87
N THR A 371 13.63 -16.40 -24.01
CA THR A 371 13.42 -17.31 -22.89
C THR A 371 14.67 -18.15 -22.65
N MET A 372 14.62 -18.93 -21.57
CA MET A 372 15.76 -19.79 -21.23
C MET A 372 15.98 -20.86 -22.28
N LYS A 373 14.89 -21.41 -22.84
CA LYS A 373 15.02 -22.44 -23.87
C LYS A 373 15.63 -21.88 -25.15
N ASP A 374 15.36 -20.61 -25.47
CA ASP A 374 15.99 -19.99 -26.63
C ASP A 374 17.50 -19.92 -26.48
N ILE A 375 17.97 -19.56 -25.28
CA ILE A 375 19.40 -19.58 -25.00
C ILE A 375 19.92 -21.02 -25.03
N ARG A 376 19.10 -21.96 -24.57
CA ARG A 376 19.51 -23.37 -24.57
C ARG A 376 19.77 -23.86 -25.99
N GLU A 377 18.89 -23.51 -26.93
CA GLU A 377 19.04 -23.96 -28.31
C GLU A 377 20.12 -23.19 -29.07
N ASN A 378 20.26 -21.90 -28.79
CA ASN A 378 21.19 -21.02 -29.52
C ASN A 378 22.43 -20.73 -28.70
N PHE A 379 22.93 -21.73 -27.98
CA PHE A 379 24.06 -21.52 -27.08
C PHE A 379 25.32 -21.11 -27.83
N GLN A 380 25.61 -21.78 -28.96
CA GLN A 380 26.86 -21.53 -29.67
C GLN A 380 26.93 -20.11 -30.21
N ASP A 381 25.83 -19.62 -30.79
CA ASP A 381 25.85 -18.26 -31.34
C ASP A 381 26.04 -17.22 -30.24
N LEU A 382 25.38 -17.39 -29.10
CA LEU A 382 25.53 -16.44 -28.01
C LEU A 382 26.95 -16.46 -27.45
N MET A 383 27.53 -17.66 -27.30
CA MET A 383 28.91 -17.74 -26.86
C MET A 383 29.87 -17.08 -27.85
N GLN A 384 29.63 -17.28 -29.14
CA GLN A 384 30.48 -16.64 -30.15
C GLN A 384 30.36 -15.13 -30.11
N TYR A 385 29.14 -14.62 -29.92
CA TYR A 385 28.96 -13.17 -29.82
C TYR A 385 29.65 -12.60 -28.59
N CYS A 386 29.56 -13.31 -27.46
CA CYS A 386 30.26 -12.86 -26.25
C CYS A 386 31.77 -12.85 -26.48
N ALA A 387 32.30 -13.89 -27.13
CA ALA A 387 33.73 -13.93 -27.43
C ALA A 387 34.13 -12.79 -28.36
N GLN A 388 33.28 -12.48 -29.34
CA GLN A 388 33.56 -11.36 -30.24
C GLN A 388 33.60 -10.04 -29.50
N ASP A 389 32.65 -9.84 -28.57
CA ASP A 389 32.66 -8.63 -27.75
C ASP A 389 33.92 -8.54 -26.91
N VAL A 390 34.34 -9.67 -26.33
CA VAL A 390 35.56 -9.68 -25.52
C VAL A 390 36.78 -9.34 -26.38
N TRP A 391 36.85 -9.90 -27.58
CA TRP A 391 37.97 -9.62 -28.47
C TRP A 391 38.01 -8.15 -28.87
N ALA A 392 36.83 -7.59 -29.18
CA ALA A 392 36.77 -6.17 -29.53
C ALA A 392 37.20 -5.29 -28.36
N THR A 393 36.76 -5.64 -27.15
CA THR A 393 37.17 -4.87 -25.97
C THR A 393 38.67 -4.96 -25.75
N HIS A 394 39.25 -6.15 -25.94
CA HIS A 394 40.69 -6.31 -25.77
C HIS A 394 41.47 -5.48 -26.78
N GLU A 395 41.04 -5.50 -28.05
CA GLU A 395 41.73 -4.69 -29.06
C GLU A 395 41.59 -3.21 -28.76
N VAL A 396 40.41 -2.77 -28.35
CA VAL A 396 40.21 -1.36 -28.02
C VAL A 396 41.08 -0.96 -26.84
N PHE A 397 41.18 -1.81 -25.82
CA PHE A 397 42.00 -1.49 -24.66
C PHE A 397 43.48 -1.38 -25.05
N GLN A 398 43.98 -2.35 -25.83
CA GLN A 398 45.39 -2.31 -26.21
C GLN A 398 45.68 -1.19 -27.20
N GLN A 399 44.67 -0.66 -27.87
CA GLN A 399 44.87 0.50 -28.72
C GLN A 399 44.71 1.82 -27.97
N GLN A 400 43.99 1.83 -26.86
CA GLN A 400 43.69 3.07 -26.13
C GLN A 400 44.63 3.34 -24.97
N LEU A 401 45.21 2.30 -24.34
CA LEU A 401 46.00 2.54 -23.14
C LEU A 401 47.16 3.51 -23.35
N PRO A 402 48.00 3.37 -24.39
CA PRO A 402 49.07 4.38 -24.58
C PRO A 402 48.54 5.78 -24.78
N LEU A 403 47.42 5.95 -25.50
CA LEU A 403 46.86 7.27 -25.71
C LEU A 403 46.39 7.89 -24.39
N PHE A 404 45.72 7.11 -23.55
CA PHE A 404 45.28 7.63 -22.27
C PHE A 404 46.46 7.98 -21.38
N LEU A 405 47.51 7.14 -21.39
CA LEU A 405 48.69 7.44 -20.58
C LEU A 405 49.39 8.70 -21.07
N GLU A 406 49.43 8.91 -22.39
CA GLU A 406 50.06 10.11 -22.92
C GLU A 406 49.26 11.36 -22.59
N ARG A 407 47.94 11.31 -22.80
CA ARG A 407 47.11 12.48 -22.57
C ARG A 407 46.89 12.77 -21.09
N CYS A 408 47.02 11.76 -20.23
CA CYS A 408 46.88 11.91 -18.78
C CYS A 408 48.09 11.28 -18.12
N PRO A 409 49.23 11.98 -18.10
CA PRO A 409 50.46 11.39 -17.56
C PRO A 409 50.50 11.32 -16.05
N HIS A 410 49.62 12.02 -15.35
CA HIS A 410 49.67 12.04 -13.89
C HIS A 410 49.18 10.71 -13.33
N PRO A 411 49.97 10.00 -12.52
CA PRO A 411 49.49 8.74 -11.93
C PRO A 411 48.31 8.92 -11.00
N VAL A 412 48.11 10.13 -10.46
CA VAL A 412 46.99 10.37 -9.55
C VAL A 412 45.67 10.15 -10.27
N THR A 413 45.59 10.53 -11.54
CA THR A 413 44.36 10.34 -12.29
C THR A 413 44.01 8.86 -12.40
N LEU A 414 44.98 8.03 -12.77
CA LEU A 414 44.74 6.60 -12.89
C LEU A 414 44.41 5.97 -11.54
N ALA A 415 45.12 6.39 -10.48
CA ALA A 415 44.83 5.85 -9.16
C ALA A 415 43.42 6.20 -8.71
N GLY A 416 42.99 7.44 -8.93
CA GLY A 416 41.64 7.84 -8.58
C GLY A 416 40.59 7.12 -9.39
N MET A 417 40.86 6.93 -10.69
CA MET A 417 39.91 6.19 -11.52
C MET A 417 39.78 4.75 -11.06
N LEU A 418 40.90 4.12 -10.67
CA LEU A 418 40.84 2.77 -10.13
C LEU A 418 40.06 2.73 -8.82
N GLU A 419 40.28 3.72 -7.95
CA GLU A 419 39.61 3.72 -6.65
C GLU A 419 38.15 4.14 -6.72
N MET A 420 37.73 4.78 -7.82
CA MET A 420 36.35 5.21 -7.96
C MET A 420 35.43 4.10 -8.46
N GLY A 421 35.97 2.92 -8.78
CA GLY A 421 35.16 1.85 -9.30
C GLY A 421 34.90 0.73 -8.32
N VAL A 422 35.06 1.01 -7.02
CA VAL A 422 34.85 0.00 -5.98
C VAL A 422 33.76 0.46 -5.03
N SER A 423 32.78 1.17 -5.55
CA SER A 423 31.68 1.68 -4.72
C SER A 423 30.93 0.52 -4.07
N TYR A 424 30.47 0.75 -2.84
CA TYR A 424 29.82 -0.28 -2.04
C TYR A 424 28.73 0.37 -1.20
N LEU A 425 27.49 -0.06 -1.42
CA LEU A 425 26.33 0.47 -0.69
C LEU A 425 25.68 -0.63 0.14
N PRO A 426 25.89 -0.65 1.45
CA PRO A 426 25.26 -1.68 2.28
C PRO A 426 23.78 -1.38 2.50
N VAL A 427 22.96 -2.43 2.44
CA VAL A 427 21.52 -2.34 2.65
C VAL A 427 21.10 -3.46 3.59
N ASN A 428 19.92 -3.28 4.20
CA ASN A 428 19.37 -4.29 5.09
C ASN A 428 17.96 -4.67 4.68
N GLN A 429 17.26 -5.41 5.53
CA GLN A 429 15.90 -5.88 5.21
C GLN A 429 14.93 -4.73 5.04
N ASN A 430 15.25 -3.53 5.53
CA ASN A 430 14.38 -2.39 5.36
C ASN A 430 14.28 -1.95 3.90
N TRP A 431 15.22 -2.38 3.06
CA TRP A 431 15.15 -2.04 1.63
C TRP A 431 13.93 -2.68 0.98
N GLU A 432 13.63 -3.93 1.33
CA GLU A 432 12.45 -4.59 0.78
C GLU A 432 11.17 -3.90 1.22
N ARG A 433 11.10 -3.49 2.48
CA ARG A 433 9.91 -2.78 2.97
C ARG A 433 9.76 -1.42 2.33
N TYR A 434 10.87 -0.73 2.05
CA TYR A 434 10.80 0.58 1.42
C TYR A 434 10.18 0.50 0.03
N LEU A 435 10.56 -0.52 -0.75
CA LEU A 435 10.00 -0.67 -2.10
C LEU A 435 8.50 -0.91 -2.05
N ALA A 436 8.05 -1.75 -1.12
CA ALA A 436 6.62 -2.03 -1.03
C ALA A 436 5.84 -0.81 -0.57
N GLU A 437 6.35 -0.10 0.45
CA GLU A 437 5.65 1.08 0.95
C GLU A 437 5.61 2.18 -0.11
N ALA A 438 6.73 2.41 -0.80
CA ALA A 438 6.76 3.43 -1.84
C ALA A 438 5.83 3.07 -2.99
N GLN A 439 5.83 1.80 -3.41
CA GLN A 439 4.92 1.38 -4.46
C GLN A 439 3.47 1.40 -3.98
N GLY A 440 3.23 0.99 -2.74
CA GLY A 440 1.88 1.02 -2.20
C GLY A 440 1.33 2.43 -2.09
N THR A 441 2.14 3.36 -1.61
CA THR A 441 1.72 4.76 -1.54
C THR A 441 1.48 5.33 -2.93
N TYR A 442 2.33 4.97 -3.89
CA TYR A 442 2.16 5.44 -5.26
C TYR A 442 0.85 4.93 -5.85
N GLU A 443 0.52 3.66 -5.63
CA GLU A 443 -0.72 3.11 -6.15
C GLU A 443 -1.94 3.77 -5.53
N GLU A 444 -1.91 3.99 -4.21
CA GLU A 444 -3.05 4.60 -3.54
C GLU A 444 -3.28 6.03 -4.02
N LEU A 445 -2.20 6.81 -4.18
CA LEU A 445 -2.35 8.17 -4.66
C LEU A 445 -2.73 8.21 -6.13
N GLN A 446 -2.15 7.32 -6.94
CA GLN A 446 -2.48 7.28 -8.37
C GLN A 446 -3.95 6.93 -8.57
N ARG A 447 -4.46 5.97 -7.80
CA ARG A 447 -5.87 5.58 -7.93
C ARG A 447 -6.80 6.72 -7.53
N GLU A 448 -6.42 7.48 -6.49
CA GLU A 448 -7.26 8.59 -6.05
C GLU A 448 -7.40 9.65 -7.13
N MET A 449 -6.29 9.99 -7.81
CA MET A 449 -6.35 10.98 -8.87
C MET A 449 -7.14 10.47 -10.08
N LYS A 450 -7.01 9.18 -10.39
CA LYS A 450 -7.72 8.62 -11.54
C LYS A 450 -9.23 8.65 -11.32
N LYS A 451 -9.69 8.37 -10.11
CA LYS A 451 -11.13 8.34 -9.84
C LYS A 451 -11.76 9.70 -10.09
N SER A 452 -11.06 10.78 -9.74
CA SER A 452 -11.59 12.12 -9.98
C SER A 452 -11.77 12.37 -11.48
N LEU A 453 -10.82 11.94 -12.29
CA LEU A 453 -10.92 12.14 -13.73
C LEU A 453 -11.91 11.19 -14.39
N MET A 454 -12.05 9.96 -13.87
CA MET A 454 -13.02 9.03 -14.43
C MET A 454 -14.44 9.55 -14.28
N ASP A 455 -14.77 10.12 -13.12
CA ASP A 455 -16.11 10.62 -12.89
C ASP A 455 -16.44 11.77 -13.86
N LEU A 456 -15.48 12.66 -14.10
CA LEU A 456 -15.68 13.71 -15.09
C LEU A 456 -15.85 13.12 -16.48
N ALA A 457 -15.05 12.11 -16.82
CA ALA A 457 -15.18 11.46 -18.13
C ALA A 457 -16.52 10.74 -18.26
N ASN A 458 -16.96 10.05 -17.21
CA ASN A 458 -18.23 9.34 -17.26
C ASN A 458 -19.40 10.31 -17.39
N ASP A 459 -19.35 11.44 -16.68
CA ASP A 459 -20.44 12.40 -16.75
C ASP A 459 -20.45 13.15 -18.08
N ALA A 460 -19.29 13.29 -18.72
CA ALA A 460 -19.21 14.01 -19.98
C ALA A 460 -19.90 13.29 -21.13
N CYS A 461 -20.11 11.98 -21.02
CA CYS A 461 -20.77 11.22 -22.07
C CYS A 461 -22.24 11.57 -22.20
N GLN A 462 -22.85 12.19 -21.19
CA GLN A 462 -24.25 12.54 -21.25
C GLN A 462 -24.51 13.71 -22.20
N LEU A 463 -23.47 14.46 -22.57
CA LEU A 463 -23.63 15.57 -23.50
C LEU A 463 -23.86 15.12 -24.93
N LEU A 464 -23.69 13.83 -25.22
CA LEU A 464 -23.90 13.33 -26.58
C LEU A 464 -25.35 13.49 -27.01
N SER A 465 -26.29 13.23 -26.11
CA SER A 465 -27.70 13.33 -26.45
C SER A 465 -28.08 14.78 -26.73
N GLY A 466 -28.81 15.01 -27.82
CA GLY A 466 -29.27 16.32 -28.18
C GLY A 466 -28.22 17.23 -28.77
N GLU A 467 -27.06 16.70 -29.15
CA GLU A 467 -25.96 17.49 -29.71
C GLU A 467 -25.58 18.64 -28.76
N ARG A 468 -25.51 18.33 -27.46
CA ARG A 468 -25.19 19.33 -26.47
C ARG A 468 -23.69 19.59 -26.32
N TYR A 469 -22.84 18.76 -26.95
CA TYR A 469 -21.40 18.98 -26.84
C TYR A 469 -20.93 20.17 -27.67
N LYS A 470 -21.74 20.63 -28.63
CA LYS A 470 -21.35 21.79 -29.43
C LYS A 470 -21.25 23.05 -28.57
N GLU A 471 -22.18 23.23 -27.64
CA GLU A 471 -22.21 24.43 -26.81
C GLU A 471 -21.21 24.39 -25.67
N ASP A 472 -20.61 23.25 -25.37
CA ASP A 472 -19.65 23.16 -24.28
C ASP A 472 -18.36 23.83 -24.70
N PRO A 473 -17.84 24.81 -23.94
CA PRO A 473 -16.60 25.50 -24.34
C PRO A 473 -15.35 24.64 -24.22
N TRP A 474 -15.43 23.45 -23.63
CA TRP A 474 -14.26 22.61 -23.41
C TRP A 474 -14.29 21.28 -24.16
N LEU A 475 -15.46 20.81 -24.60
CA LEU A 475 -15.58 19.50 -25.23
C LEU A 475 -16.27 19.58 -26.58
N TRP A 476 -16.10 20.69 -27.29
CA TRP A 476 -16.73 20.86 -28.60
C TRP A 476 -15.82 20.45 -29.76
N ASP A 477 -14.58 20.05 -29.47
CA ASP A 477 -13.60 19.71 -30.50
C ASP A 477 -13.01 18.34 -30.24
N LEU A 478 -13.86 17.37 -29.95
CA LEU A 478 -13.46 15.99 -29.71
C LEU A 478 -14.21 15.06 -30.66
N GLU A 479 -13.88 13.77 -30.59
CA GLU A 479 -14.50 12.76 -31.44
C GLU A 479 -15.77 12.26 -30.77
N TRP A 480 -16.92 12.76 -31.23
CA TRP A 480 -18.22 12.33 -30.73
C TRP A 480 -18.90 11.34 -31.67
N ASP A 481 -18.21 10.90 -32.71
CA ASP A 481 -18.80 9.95 -33.65
C ASP A 481 -18.99 8.59 -32.99
N LEU A 482 -20.04 7.89 -33.41
CA LEU A 482 -20.36 6.56 -32.90
C LEU A 482 -20.21 5.54 -34.03
N GLN A 483 -19.69 4.37 -33.68
CA GLN A 483 -19.48 3.29 -34.65
C GLN A 483 -20.59 2.26 -34.51
N GLU A 484 -21.25 1.98 -35.63
CA GLU A 484 -22.33 1.01 -35.63
C GLU A 484 -21.80 -0.40 -35.37
N PHE A 485 -22.62 -1.22 -34.72
CA PHE A 485 -22.23 -2.58 -34.37
C PHE A 485 -22.28 -3.44 -35.62
N LYS A 486 -21.10 -3.72 -36.19
CA LYS A 486 -21.03 -4.53 -37.40
C LYS A 486 -21.43 -5.97 -37.12
N GLN A 487 -22.24 -6.52 -38.02
CA GLN A 487 -22.71 -7.90 -37.91
C GLN A 487 -22.49 -8.61 -39.25
N LYS A 488 -21.86 -9.78 -39.20
CA LYS A 488 -21.60 -10.55 -40.40
C LYS A 488 -22.85 -11.28 -40.87
N GLU A 518 -54.88 -14.57 -13.07
CA GLU A 518 -53.59 -15.25 -13.14
C GLU A 518 -53.50 -16.36 -12.10
N ASP A 519 -54.05 -16.11 -10.92
CA ASP A 519 -54.06 -17.06 -9.80
C ASP A 519 -52.61 -17.39 -9.45
N LEU A 520 -52.38 -18.59 -8.92
CA LEU A 520 -51.05 -19.03 -8.49
C LEU A 520 -51.13 -20.52 -8.20
N GLY A 521 -50.00 -21.06 -7.72
CA GLY A 521 -49.94 -22.44 -7.30
C GLY A 521 -48.51 -22.94 -7.22
N PRO A 522 -48.19 -23.67 -6.14
CA PRO A 522 -46.85 -24.26 -6.01
C PRO A 522 -46.59 -25.26 -7.12
N CYS A 523 -45.33 -25.33 -7.52
CA CYS A 523 -44.91 -26.19 -8.62
C CYS A 523 -44.54 -27.58 -8.10
N SER A 524 -44.81 -28.60 -8.92
CA SER A 524 -44.47 -29.96 -8.56
C SER A 524 -42.97 -30.17 -8.62
N GLU A 525 -42.51 -31.25 -7.98
CA GLU A 525 -41.08 -31.56 -7.97
C GLU A 525 -40.56 -31.83 -9.37
N GLU A 526 -41.31 -32.59 -10.16
CA GLU A 526 -40.87 -32.88 -11.53
C GLU A 526 -41.08 -31.67 -12.44
N GLU A 527 -42.19 -30.95 -12.26
CA GLU A 527 -42.48 -29.81 -13.11
C GLU A 527 -41.45 -28.70 -12.92
N GLU A 528 -41.00 -28.48 -11.67
CA GLU A 528 -39.98 -27.47 -11.43
C GLU A 528 -38.67 -27.83 -12.11
N PHE A 529 -38.31 -29.12 -12.11
CA PHE A 529 -37.11 -29.56 -12.79
C PHE A 529 -37.21 -29.33 -14.29
N GLN A 530 -38.37 -29.60 -14.88
CA GLN A 530 -38.54 -29.45 -16.32
C GLN A 530 -38.41 -27.99 -16.75
N GLN A 531 -38.96 -27.07 -15.95
CA GLN A 531 -38.91 -25.65 -16.31
C GLN A 531 -37.48 -25.14 -16.37
N ASP A 532 -36.65 -25.54 -15.40
CA ASP A 532 -35.26 -25.11 -15.40
C ASP A 532 -34.50 -25.68 -16.60
N VAL A 533 -34.73 -26.95 -16.92
CA VAL A 533 -34.05 -27.58 -18.05
C VAL A 533 -34.47 -26.92 -19.36
N MET A 534 -35.77 -26.68 -19.54
CA MET A 534 -36.23 -26.03 -20.76
C MET A 534 -35.68 -24.61 -20.88
N ALA A 535 -35.65 -23.87 -19.77
CA ALA A 535 -35.06 -22.53 -19.79
C ALA A 535 -33.57 -22.60 -20.08
N ARG A 536 -32.86 -23.57 -19.48
CA ARG A 536 -31.44 -23.72 -19.73
C ARG A 536 -31.17 -24.10 -21.18
N ALA A 537 -31.97 -25.01 -21.75
CA ALA A 537 -31.77 -25.44 -23.12
C ALA A 537 -32.02 -24.29 -24.09
N CYS A 538 -33.05 -23.47 -23.82
CA CYS A 538 -33.35 -22.34 -24.71
C CYS A 538 -32.22 -21.34 -24.74
N LEU A 539 -31.61 -21.06 -23.57
CA LEU A 539 -30.50 -20.12 -23.52
C LEU A 539 -29.29 -20.65 -24.27
N GLN A 540 -29.03 -21.96 -24.17
CA GLN A 540 -27.90 -22.54 -24.87
C GLN A 540 -28.08 -22.48 -26.38
N LYS A 541 -29.33 -22.47 -26.86
CA LYS A 541 -29.58 -22.35 -28.28
C LYS A 541 -29.06 -21.03 -28.83
N LEU A 542 -29.30 -19.93 -28.11
CA LEU A 542 -28.78 -18.64 -28.54
C LEU A 542 -27.26 -18.58 -28.45
N LYS A 543 -26.66 -19.31 -27.51
CA LYS A 543 -25.21 -19.36 -27.42
C LYS A 543 -24.58 -20.02 -28.64
N GLY A 544 -25.32 -20.90 -29.31
CA GLY A 544 -24.82 -21.53 -30.51
C GLY A 544 -24.81 -20.64 -31.73
N THR A 545 -25.45 -19.48 -31.67
CA THR A 545 -25.45 -18.51 -32.75
C THR A 545 -24.23 -17.61 -32.75
N THR A 546 -23.16 -18.02 -32.07
CA THR A 546 -21.93 -17.24 -32.02
C THR A 546 -21.19 -17.23 -33.35
N GLU A 547 -21.59 -18.04 -34.32
CA GLU A 547 -20.93 -18.09 -35.61
C GLU A 547 -21.37 -16.90 -36.48
N LEU A 548 -21.25 -15.70 -35.93
CA LEU A 548 -21.55 -14.46 -36.64
C LEU A 548 -20.64 -13.37 -36.07
N LEU A 549 -20.87 -12.14 -36.51
CA LEU A 549 -20.14 -10.96 -36.05
C LEU A 549 -18.67 -11.02 -36.46
N PRO A 550 -17.94 -9.91 -36.43
CA PRO A 550 -16.50 -9.98 -36.69
C PRO A 550 -15.80 -10.86 -35.66
N LYS A 551 -14.80 -11.62 -36.12
CA LYS A 551 -14.09 -12.51 -35.23
C LYS A 551 -13.36 -11.75 -34.13
N ARG A 552 -12.73 -10.63 -34.48
CA ARG A 552 -12.10 -9.76 -33.50
C ARG A 552 -13.13 -8.76 -32.99
N PRO A 553 -13.49 -8.79 -31.71
CA PRO A 553 -14.58 -7.93 -31.23
C PRO A 553 -14.21 -6.46 -31.29
N GLN A 554 -15.23 -5.62 -31.51
CA GLN A 554 -15.04 -4.19 -31.52
C GLN A 554 -14.84 -3.68 -30.10
N HIS A 555 -14.21 -2.51 -29.99
CA HIS A 555 -13.90 -1.90 -28.70
C HIS A 555 -14.90 -0.78 -28.44
N LEU A 556 -15.93 -1.09 -27.66
CA LEU A 556 -16.95 -0.13 -27.24
C LEU A 556 -17.58 0.65 -28.39
N PRO A 557 -18.28 -0.02 -29.30
CA PRO A 557 -19.06 0.71 -30.30
C PRO A 557 -20.23 1.44 -29.65
N GLY A 558 -20.59 2.58 -30.25
CA GLY A 558 -21.66 3.40 -29.75
C GLY A 558 -21.25 4.44 -28.73
N HIS A 559 -20.07 4.32 -28.14
CA HIS A 559 -19.52 5.32 -27.25
C HIS A 559 -18.82 6.42 -28.03
N PRO A 560 -18.70 7.62 -27.46
CA PRO A 560 -17.98 8.68 -28.16
C PRO A 560 -16.52 8.30 -28.39
N GLY A 561 -15.96 8.84 -29.49
CA GLY A 561 -14.63 8.45 -29.89
C GLY A 561 -13.56 8.78 -28.86
N TRP A 562 -13.69 9.94 -28.23
CA TRP A 562 -12.71 10.34 -27.22
C TRP A 562 -12.76 9.41 -26.01
N TYR A 563 -13.96 8.94 -25.65
CA TYR A 563 -14.08 8.01 -24.52
C TYR A 563 -13.54 6.63 -24.88
N ARG A 564 -13.57 6.27 -26.17
CA ARG A 564 -13.10 4.96 -26.58
C ARG A 564 -11.61 4.78 -26.32
N LYS A 565 -10.82 5.82 -26.59
CA LYS A 565 -9.38 5.73 -26.42
C LYS A 565 -8.96 5.58 -24.96
N LEU A 566 -9.80 6.02 -24.03
CA LEU A 566 -9.44 6.02 -22.61
C LEU A 566 -9.65 4.68 -21.93
N CYS A 567 -10.27 3.72 -22.62
CA CYS A 567 -10.58 2.42 -22.01
C CYS A 567 -9.63 1.35 -22.54
N PRO A 568 -9.06 0.54 -21.67
CA PRO A 568 -8.21 -0.55 -22.15
C PRO A 568 -9.02 -1.63 -22.86
N ARG A 569 -8.32 -2.38 -23.71
CA ARG A 569 -8.96 -3.43 -24.48
C ARG A 569 -9.49 -4.54 -23.56
N LEU A 570 -10.55 -5.21 -24.00
CA LEU A 570 -11.16 -6.26 -23.20
C LEU A 570 -10.21 -7.43 -23.00
N ASP A 571 -9.47 -7.79 -24.04
CA ASP A 571 -8.53 -8.91 -23.96
C ASP A 571 -7.23 -8.54 -23.26
N ASP A 572 -7.02 -7.28 -22.93
CA ASP A 572 -5.83 -6.85 -22.22
C ASP A 572 -5.84 -7.42 -20.81
N PRO A 573 -4.80 -8.16 -20.39
CA PRO A 573 -4.78 -8.68 -19.01
C PRO A 573 -4.77 -7.59 -17.94
N ALA A 574 -4.36 -6.36 -18.29
CA ALA A 574 -4.39 -5.25 -17.37
C ALA A 574 -5.68 -4.42 -17.49
N TRP A 575 -6.78 -5.04 -17.90
CA TRP A 575 -8.03 -4.31 -18.09
C TRP A 575 -8.60 -3.86 -16.76
N THR A 576 -9.12 -2.62 -16.75
CA THR A 576 -9.74 -2.03 -15.57
C THR A 576 -11.00 -1.33 -16.05
N PRO A 577 -12.15 -1.54 -15.39
CA PRO A 577 -13.40 -0.95 -15.87
C PRO A 577 -13.35 0.56 -15.89
N GLY A 578 -14.03 1.14 -16.88
CA GLY A 578 -14.07 2.58 -17.04
C GLY A 578 -12.83 3.11 -17.72
N PRO A 579 -12.76 4.43 -17.89
CA PRO A 579 -11.59 5.05 -18.51
C PRO A 579 -10.38 5.04 -17.58
N SER A 580 -9.70 3.90 -17.49
CA SER A 580 -8.59 3.74 -16.57
C SER A 580 -7.25 4.15 -17.15
N LEU A 581 -7.22 4.62 -18.39
CA LEU A 581 -5.97 5.09 -19.01
C LEU A 581 -5.78 6.60 -18.85
N LEU A 582 -6.66 7.27 -18.12
CA LEU A 582 -6.57 8.71 -17.94
C LEU A 582 -5.35 9.09 -17.10
N SER A 583 -4.80 10.26 -17.40
CA SER A 583 -3.68 10.81 -16.65
C SER A 583 -3.69 12.32 -16.80
N LEU A 584 -2.98 12.99 -15.90
CA LEU A 584 -2.92 14.45 -15.94
C LEU A 584 -2.16 14.95 -17.16
N GLN A 585 -1.17 14.18 -17.64
CA GLN A 585 -0.40 14.60 -18.79
C GLN A 585 -1.17 14.49 -20.09
N MET A 586 -2.28 13.76 -20.11
CA MET A 586 -3.05 13.59 -21.32
C MET A 586 -3.72 14.90 -21.72
N ARG A 587 -3.85 15.10 -23.04
CA ARG A 587 -4.37 16.35 -23.57
C ARG A 587 -5.87 16.51 -23.35
N VAL A 588 -6.57 15.46 -22.93
CA VAL A 588 -8.00 15.56 -22.66
C VAL A 588 -8.30 15.89 -21.20
N THR A 589 -7.34 15.69 -20.30
CA THR A 589 -7.58 15.97 -18.88
C THR A 589 -7.90 17.43 -18.61
N PRO A 590 -7.16 18.42 -19.13
CA PRO A 590 -7.56 19.82 -18.87
C PRO A 590 -8.94 20.17 -19.39
N LYS A 591 -9.36 19.57 -20.51
CA LYS A 591 -10.69 19.86 -21.04
C LYS A 591 -11.79 19.28 -20.16
N LEU A 592 -11.56 18.08 -19.61
CA LEU A 592 -12.55 17.47 -18.73
C LEU A 592 -12.76 18.30 -17.47
N MET A 593 -11.68 18.82 -16.89
CA MET A 593 -11.77 19.61 -15.67
C MET A 593 -12.21 21.04 -15.90
N ALA A 594 -12.34 21.46 -17.16
CA ALA A 594 -12.77 22.81 -17.51
C ALA A 594 -11.85 23.87 -16.88
N LEU A 595 -10.55 23.63 -16.99
CA LEU A 595 -9.57 24.56 -16.44
C LEU A 595 -9.69 25.92 -17.12
N THR A 596 -9.65 26.98 -16.31
CA THR A 596 -9.74 28.35 -16.80
C THR A 596 -8.56 29.14 -16.29
N TRP A 597 -7.88 29.85 -17.20
CA TRP A 597 -6.80 30.76 -16.85
C TRP A 597 -7.36 32.18 -16.87
N ASP A 598 -7.46 32.79 -15.68
CA ASP A 598 -8.03 34.12 -15.51
C ASP A 598 -9.44 34.21 -16.12
N GLY A 599 -10.23 33.16 -15.91
CA GLY A 599 -11.59 33.14 -16.39
C GLY A 599 -11.75 32.88 -17.87
N PHE A 600 -10.80 32.21 -18.50
CA PHE A 600 -10.89 31.90 -19.93
C PHE A 600 -10.58 30.41 -20.13
N PRO A 601 -11.37 29.72 -20.93
CA PRO A 601 -11.14 28.27 -21.11
C PRO A 601 -9.81 27.98 -21.79
N LEU A 602 -9.22 26.84 -21.43
CA LEU A 602 -7.94 26.45 -21.99
C LEU A 602 -8.12 25.78 -23.35
N HIS A 603 -7.18 26.04 -24.25
CA HIS A 603 -7.20 25.49 -25.59
C HIS A 603 -5.79 25.05 -25.97
N TYR A 604 -5.70 23.90 -26.63
CA TYR A 604 -4.41 23.34 -27.04
C TYR A 604 -4.19 23.58 -28.53
N SER A 605 -2.99 24.02 -28.87
CA SER A 605 -2.59 24.23 -30.25
C SER A 605 -1.34 23.40 -30.55
N GLU A 606 -1.32 22.80 -31.74
CA GLU A 606 -0.17 21.99 -32.13
C GLU A 606 1.09 22.82 -32.25
N ARG A 607 0.97 24.03 -32.80
CA ARG A 607 2.12 24.90 -33.03
C ARG A 607 2.46 25.79 -31.84
N HIS A 608 1.61 25.82 -30.80
CA HIS A 608 1.83 26.74 -29.70
C HIS A 608 1.59 26.11 -28.33
N GLY A 609 1.32 24.82 -28.25
CA GLY A 609 1.10 24.21 -26.95
C GLY A 609 -0.21 24.68 -26.31
N TRP A 610 -0.21 24.69 -24.98
CA TRP A 610 -1.39 25.06 -24.22
C TRP A 610 -1.53 26.59 -24.12
N GLY A 611 -2.75 27.07 -24.26
CA GLY A 611 -3.06 28.48 -24.14
C GLY A 611 -4.48 28.64 -23.64
N TYR A 612 -5.08 29.78 -23.96
CA TYR A 612 -6.46 30.06 -23.59
C TYR A 612 -7.09 30.99 -24.61
N LEU A 613 -8.42 30.97 -24.65
CA LEU A 613 -9.19 31.72 -25.63
C LEU A 613 -9.90 32.88 -24.93
N VAL A 614 -9.74 34.09 -25.48
CA VAL A 614 -10.39 35.28 -24.95
C VAL A 614 -11.60 35.58 -25.84
N PRO A 615 -12.83 35.48 -25.32
CA PRO A 615 -14.00 35.78 -26.16
C PRO A 615 -14.08 37.25 -26.52
N GLY A 616 -14.68 37.51 -27.67
CA GLY A 616 -14.88 38.88 -28.13
C GLY A 616 -14.44 39.12 -29.56
N ARG A 617 -13.73 38.16 -30.14
CA ARG A 617 -13.25 38.31 -31.52
C ARG A 617 -14.38 38.07 -32.51
N HIS A 723 -7.05 42.23 -23.40
CA HIS A 723 -6.20 41.39 -22.56
C HIS A 723 -4.76 41.42 -23.04
N HIS A 724 -3.83 41.54 -22.10
CA HIS A 724 -2.40 41.58 -22.38
C HIS A 724 -1.76 40.29 -21.90
N GLY A 725 -0.99 39.65 -22.77
CA GLY A 725 -0.36 38.41 -22.41
C GLY A 725 0.57 37.93 -23.51
N ASN A 726 0.96 36.65 -23.41
CA ASN A 726 1.86 36.04 -24.38
C ASN A 726 1.08 35.76 -25.66
N GLY A 727 0.93 36.81 -26.46
CA GLY A 727 0.19 36.71 -27.70
C GLY A 727 -0.33 38.06 -28.15
N PRO A 728 -1.42 38.06 -28.92
CA PRO A 728 -2.17 36.90 -29.41
C PRO A 728 -1.54 36.26 -30.65
N TYR A 729 -1.75 34.97 -30.85
CA TYR A 729 -1.27 34.27 -32.04
C TYR A 729 -2.45 34.05 -32.98
N ASN A 730 -2.32 34.52 -34.22
CA ASN A 730 -3.38 34.43 -35.21
C ASN A 730 -3.32 33.17 -36.06
N ASP A 731 -2.31 32.31 -35.85
CA ASP A 731 -2.21 31.09 -36.64
C ASP A 731 -3.32 30.08 -36.28
N VAL A 732 -3.95 30.23 -35.12
CA VAL A 732 -5.04 29.36 -34.70
C VAL A 732 -6.35 30.06 -35.05
N ASP A 733 -7.15 29.43 -35.91
CA ASP A 733 -8.38 30.04 -36.42
C ASP A 733 -9.57 29.46 -35.65
N ILE A 734 -9.85 30.05 -34.49
CA ILE A 734 -11.03 29.74 -33.70
C ILE A 734 -11.98 30.92 -33.83
N PRO A 735 -13.14 30.74 -34.47
CA PRO A 735 -14.03 31.89 -34.71
C PRO A 735 -14.52 32.50 -33.41
N GLY A 736 -14.47 33.84 -33.34
CA GLY A 736 -15.00 34.57 -32.21
C GLY A 736 -14.11 34.64 -31.00
N CYS A 737 -12.92 34.06 -31.04
CA CYS A 737 -12.03 34.04 -29.89
C CYS A 737 -10.58 34.17 -30.35
N TRP A 738 -9.82 35.02 -29.66
CA TRP A 738 -8.39 35.09 -29.86
C TRP A 738 -7.70 33.92 -29.15
N PHE A 739 -6.44 33.70 -29.49
CA PHE A 739 -5.64 32.65 -28.86
C PHE A 739 -4.40 33.28 -28.25
N PHE A 740 -4.21 33.07 -26.96
CA PHE A 740 -3.00 33.46 -26.25
C PHE A 740 -2.23 32.22 -25.82
N LYS A 741 -1.14 32.43 -25.11
CA LYS A 741 -0.25 31.34 -24.72
C LYS A 741 0.05 31.42 -23.23
N LEU A 742 0.05 30.26 -22.58
CA LEU A 742 0.37 30.22 -21.16
C LEU A 742 1.84 30.53 -20.95
N PRO A 743 2.17 31.35 -19.94
CA PRO A 743 3.59 31.64 -19.67
C PRO A 743 4.34 30.38 -19.26
N HIS A 744 5.61 30.34 -19.63
CA HIS A 744 6.48 29.21 -19.36
C HIS A 744 7.73 29.67 -18.62
N LYS A 745 8.26 28.79 -17.76
CA LYS A 745 9.43 29.15 -16.95
C LYS A 745 10.68 29.36 -17.80
N ASP A 746 10.73 28.83 -19.01
CA ASP A 746 11.89 28.96 -19.88
C ASP A 746 11.78 30.13 -20.85
N GLY A 747 10.72 30.92 -20.77
CA GLY A 747 10.55 32.09 -21.62
C GLY A 747 9.39 31.92 -22.58
N ASN A 748 9.22 32.97 -23.41
CA ASN A 748 8.15 33.00 -24.39
C ASN A 748 8.50 32.23 -25.67
N SER A 749 9.71 31.70 -25.77
CA SER A 749 10.11 30.92 -26.93
C SER A 749 9.83 29.43 -26.77
N CYS A 750 9.26 29.02 -25.65
CA CYS A 750 8.93 27.62 -25.39
C CYS A 750 7.43 27.47 -25.21
N ASN A 751 6.96 26.23 -25.40
CA ASN A 751 5.54 25.91 -25.32
C ASN A 751 5.27 25.08 -24.06
N VAL A 752 4.12 25.32 -23.45
CA VAL A 752 3.73 24.61 -22.24
C VAL A 752 3.10 23.28 -22.64
N GLY A 753 3.77 22.18 -22.31
CA GLY A 753 3.25 20.87 -22.65
C GLY A 753 2.12 20.39 -21.77
N SER A 754 2.02 20.91 -20.55
CA SER A 754 0.96 20.50 -19.63
C SER A 754 0.75 21.56 -18.55
N PRO A 755 -0.47 22.05 -18.37
CA PRO A 755 -0.73 22.98 -17.25
C PRO A 755 -0.55 22.31 -15.89
N PHE A 756 -0.58 20.99 -15.82
CA PHE A 756 -0.36 20.26 -14.57
C PHE A 756 1.15 20.13 -14.33
N ALA A 757 1.76 21.26 -14.01
CA ALA A 757 3.19 21.34 -13.79
C ALA A 757 3.47 22.06 -12.48
N LYS A 758 4.68 21.84 -11.95
CA LYS A 758 5.07 22.47 -10.69
C LYS A 758 5.14 23.98 -10.81
N ASP A 759 5.30 24.52 -12.02
CA ASP A 759 5.37 25.96 -12.20
C ASP A 759 4.03 26.64 -11.92
N PHE A 760 2.93 25.95 -12.20
CA PHE A 760 1.60 26.55 -12.10
C PHE A 760 0.96 26.36 -10.72
N LEU A 761 1.64 25.69 -9.78
CA LEU A 761 1.09 25.56 -8.44
C LEU A 761 0.90 26.91 -7.75
N PRO A 762 1.86 27.85 -7.79
CA PRO A 762 1.55 29.20 -7.28
C PRO A 762 0.42 29.88 -8.03
N LYS A 763 0.26 29.60 -9.32
CA LYS A 763 -0.81 30.21 -10.10
C LYS A 763 -2.19 29.71 -9.70
N MET A 764 -2.27 28.64 -8.92
CA MET A 764 -3.56 28.17 -8.41
C MET A 764 -3.91 28.75 -7.04
N GLU A 765 -2.90 29.14 -6.25
CA GLU A 765 -3.17 29.69 -4.93
C GLU A 765 -3.81 31.06 -5.03
N ASP A 766 -3.43 31.86 -6.02
CA ASP A 766 -3.95 33.21 -6.18
C ASP A 766 -5.19 33.27 -7.05
N GLY A 767 -5.71 32.13 -7.51
CA GLY A 767 -6.92 32.10 -8.28
C GLY A 767 -6.76 32.33 -9.77
N THR A 768 -5.52 32.50 -10.26
CA THR A 768 -5.32 32.67 -11.70
C THR A 768 -5.73 31.42 -12.46
N LEU A 769 -5.37 30.24 -11.94
CA LEU A 769 -5.73 28.97 -12.55
C LEU A 769 -6.80 28.31 -11.69
N GLN A 770 -7.96 28.03 -12.29
CA GLN A 770 -9.10 27.49 -11.58
C GLN A 770 -9.63 26.25 -12.29
N ALA A 771 -10.11 25.29 -11.52
CA ALA A 771 -10.69 24.07 -12.04
C ALA A 771 -12.21 24.14 -11.95
N GLY A 772 -12.87 23.04 -12.29
CA GLY A 772 -14.33 22.98 -12.25
C GLY A 772 -14.85 21.89 -11.33
N SER A 777 -11.22 19.87 -7.15
CA SER A 777 -9.93 19.29 -6.82
C SER A 777 -8.83 19.86 -7.71
N GLY A 778 -8.80 21.19 -7.82
CA GLY A 778 -7.82 21.86 -8.62
C GLY A 778 -6.42 21.77 -8.04
N PRO A 779 -6.20 22.42 -6.89
CA PRO A 779 -4.88 22.32 -6.23
C PRO A 779 -4.51 20.90 -5.86
N ARG A 780 -5.49 20.05 -5.55
CA ARG A 780 -5.20 18.66 -5.19
C ARG A 780 -4.57 17.91 -6.36
N ALA A 781 -5.06 18.15 -7.58
CA ALA A 781 -4.53 17.47 -8.75
C ALA A 781 -3.05 17.81 -8.97
N LEU A 782 -2.70 19.09 -8.85
CA LEU A 782 -1.30 19.49 -9.01
C LEU A 782 -0.47 19.01 -7.83
N GLU A 783 -1.00 19.08 -6.62
CA GLU A 783 -0.23 18.68 -5.44
C GLU A 783 0.08 17.18 -5.47
N ILE A 784 -0.90 16.36 -5.84
CA ILE A 784 -0.66 14.92 -5.88
C ILE A 784 0.26 14.55 -7.02
N ASN A 785 0.27 15.33 -8.10
CA ASN A 785 1.21 15.09 -9.20
C ASN A 785 2.64 15.29 -8.75
N LYS A 786 2.91 16.32 -7.94
CA LYS A 786 4.25 16.57 -7.45
C LYS A 786 4.73 15.46 -6.53
N MET A 787 3.82 14.86 -5.75
CA MET A 787 4.21 13.83 -4.80
C MET A 787 4.78 12.61 -5.50
N ILE A 788 4.20 12.23 -6.64
CA ILE A 788 4.57 11.01 -7.35
C ILE A 788 5.33 11.30 -8.64
N SER A 789 5.77 12.55 -8.84
CA SER A 789 6.53 12.88 -10.05
C SER A 789 7.87 12.16 -10.06
N PHE A 790 8.58 12.13 -8.94
CA PHE A 790 9.88 11.48 -8.89
C PHE A 790 9.75 9.97 -9.01
N TRP A 791 8.80 9.37 -8.30
CA TRP A 791 8.67 7.92 -8.31
C TRP A 791 8.16 7.40 -9.66
N ARG A 792 7.42 8.23 -10.40
CA ARG A 792 6.94 7.80 -11.71
C ARG A 792 8.10 7.55 -12.67
N ASN A 793 9.10 8.43 -12.66
CA ASN A 793 10.22 8.35 -13.58
C ASN A 793 11.35 7.46 -13.09
N ALA A 794 11.32 7.01 -11.84
CA ALA A 794 12.45 6.29 -11.26
C ALA A 794 12.10 4.95 -10.63
N HIS A 795 10.82 4.56 -10.58
CA HIS A 795 10.47 3.32 -9.90
C HIS A 795 10.98 2.11 -10.64
N LYS A 796 11.13 2.19 -11.97
CA LYS A 796 11.58 1.03 -12.73
C LYS A 796 13.01 0.66 -12.40
N ARG A 797 13.90 1.64 -12.28
CA ARG A 797 15.30 1.37 -12.01
C ARG A 797 15.65 1.35 -10.53
N ILE A 798 14.82 1.97 -9.68
CA ILE A 798 15.01 1.83 -8.24
C ILE A 798 14.64 0.43 -7.79
N SER A 799 13.52 -0.09 -8.28
CA SER A 799 13.05 -1.41 -7.87
C SER A 799 13.82 -2.56 -8.52
N SER A 800 14.59 -2.29 -9.57
CA SER A 800 15.33 -3.33 -10.29
C SER A 800 16.81 -3.37 -9.90
N GLN A 801 17.18 -2.72 -8.80
CA GLN A 801 18.56 -2.74 -8.35
C GLN A 801 18.96 -4.15 -7.94
N MET A 802 20.20 -4.53 -8.28
CA MET A 802 20.72 -5.84 -7.90
C MET A 802 21.11 -5.83 -6.43
N VAL A 803 20.47 -6.68 -5.64
CA VAL A 803 20.74 -6.81 -4.22
C VAL A 803 21.13 -8.26 -3.96
N VAL A 804 22.30 -8.47 -3.35
CA VAL A 804 22.78 -9.79 -2.99
C VAL A 804 22.84 -9.85 -1.47
N TRP A 805 22.14 -10.82 -0.89
CA TRP A 805 22.05 -10.95 0.56
C TRP A 805 23.13 -11.90 1.05
N LEU A 806 24.04 -11.40 1.87
CA LEU A 806 25.11 -12.23 2.40
C LEU A 806 24.56 -13.23 3.41
N PRO A 807 25.01 -14.49 3.36
CA PRO A 807 24.60 -15.45 4.38
C PRO A 807 25.26 -15.19 5.72
N ARG A 808 24.90 -15.98 6.73
CA ARG A 808 25.47 -15.80 8.06
C ARG A 808 26.96 -16.05 8.06
N SER A 809 27.42 -17.07 7.32
CA SER A 809 28.83 -17.41 7.30
C SER A 809 29.68 -16.28 6.70
N ALA A 810 29.18 -15.64 5.65
CA ALA A 810 29.98 -14.62 4.95
C ALA A 810 30.11 -13.34 5.75
N LEU A 811 29.26 -13.12 6.74
CA LEU A 811 29.32 -11.89 7.52
C LEU A 811 30.56 -11.88 8.40
N PRO A 812 31.13 -10.70 8.67
CA PRO A 812 32.28 -10.61 9.58
C PRO A 812 31.92 -11.05 10.98
N ARG A 813 32.91 -11.60 11.68
CA ARG A 813 32.68 -12.06 13.05
C ARG A 813 32.34 -10.91 13.99
N ALA A 814 32.81 -9.69 13.68
CA ALA A 814 32.53 -8.55 14.53
C ALA A 814 31.04 -8.21 14.53
N VAL A 815 30.39 -8.29 13.37
CA VAL A 815 28.98 -7.92 13.27
C VAL A 815 28.11 -8.93 14.03
N ILE A 816 28.47 -10.21 13.97
CA ILE A 816 27.66 -11.25 14.59
C ILE A 816 27.58 -11.05 16.10
N ARG A 817 28.72 -10.74 16.73
CA ARG A 817 28.77 -10.55 18.17
C ARG A 817 28.18 -9.21 18.62
N HIS A 818 27.95 -8.29 17.71
CA HIS A 818 27.43 -6.98 18.09
C HIS A 818 26.00 -7.11 18.60
N PRO A 819 25.64 -6.39 19.67
CA PRO A 819 24.26 -6.48 20.19
C PRO A 819 23.20 -6.06 19.20
N ASP A 820 23.49 -5.09 18.32
CA ASP A 820 22.49 -4.62 17.37
C ASP A 820 22.24 -5.62 16.25
N TYR A 821 23.04 -6.68 16.14
CA TYR A 821 22.83 -7.69 15.11
C TYR A 821 21.48 -8.37 15.30
N ASP A 822 20.73 -8.49 14.21
CA ASP A 822 19.41 -9.12 14.22
C ASP A 822 19.52 -10.48 13.53
N GLU A 823 19.13 -11.54 14.26
CA GLU A 823 19.20 -12.88 13.70
C GLU A 823 18.22 -13.07 12.56
N GLU A 824 17.01 -12.52 12.69
CA GLU A 824 15.97 -12.67 11.68
C GLU A 824 16.06 -11.63 10.58
N GLY A 825 16.99 -10.69 10.66
CA GLY A 825 17.11 -9.67 9.63
C GLY A 825 17.88 -10.15 8.42
N LEU A 826 17.86 -9.33 7.38
CA LEU A 826 18.56 -9.60 6.13
C LEU A 826 19.58 -8.49 5.89
N TYR A 827 20.83 -8.88 5.69
CA TYR A 827 21.91 -7.93 5.41
C TYR A 827 22.45 -8.18 4.02
N GLY A 828 22.53 -7.12 3.23
CA GLY A 828 23.00 -7.23 1.86
C GLY A 828 23.76 -6.00 1.39
N ALA A 829 24.05 -5.93 0.09
CA ALA A 829 24.78 -4.81 -0.45
C ALA A 829 24.35 -4.57 -1.89
N ILE A 830 24.56 -3.35 -2.35
CA ILE A 830 24.28 -2.95 -3.72
C ILE A 830 25.55 -2.33 -4.31
N LEU A 831 25.99 -2.85 -5.45
CA LEU A 831 27.16 -2.30 -6.12
C LEU A 831 26.71 -1.42 -7.27
N PRO A 832 26.86 -0.10 -7.18
CA PRO A 832 26.39 0.77 -8.26
C PRO A 832 27.12 0.49 -9.57
N GLN A 833 26.39 0.62 -10.67
CA GLN A 833 26.96 0.48 -12.01
C GLN A 833 27.50 1.84 -12.42
N VAL A 834 28.74 2.10 -12.07
CA VAL A 834 29.37 3.41 -12.24
C VAL A 834 30.37 3.34 -13.39
N VAL A 835 30.28 4.29 -14.30
CA VAL A 835 31.31 4.53 -15.30
C VAL A 835 32.14 5.70 -14.81
N THR A 836 33.43 5.46 -14.57
CA THR A 836 34.26 6.44 -13.87
C THR A 836 34.36 7.74 -14.65
N ALA A 837 34.51 7.66 -15.97
CA ALA A 837 34.56 8.83 -16.84
C ALA A 837 33.47 8.68 -17.89
N GLY A 838 32.28 9.17 -17.57
CA GLY A 838 31.17 9.15 -18.50
C GLY A 838 30.80 10.54 -18.99
N THR A 839 31.69 11.49 -18.76
CA THR A 839 31.48 12.89 -19.11
C THR A 839 32.73 13.43 -19.80
N ILE A 840 32.53 14.43 -20.67
CA ILE A 840 33.66 15.12 -21.28
C ILE A 840 34.53 15.78 -20.22
N THR A 841 33.95 16.10 -19.06
CA THR A 841 34.70 16.61 -17.92
C THR A 841 35.20 15.49 -17.02
N ARG A 842 35.04 14.24 -17.45
CA ARG A 842 35.51 13.06 -16.71
C ARG A 842 34.78 12.90 -15.38
N ARG A 843 33.46 13.08 -15.41
CA ARG A 843 32.61 12.86 -14.24
C ARG A 843 32.01 11.47 -14.29
N ALA A 844 31.88 10.85 -13.12
CA ALA A 844 31.24 9.55 -13.03
C ALA A 844 29.75 9.68 -13.33
N VAL A 845 29.18 8.62 -13.91
CA VAL A 845 27.76 8.59 -14.26
C VAL A 845 27.14 7.31 -13.70
N GLU A 846 26.00 7.46 -13.03
CA GLU A 846 25.23 6.34 -12.53
C GLU A 846 23.77 6.71 -12.80
N PRO A 847 23.01 5.84 -13.49
CA PRO A 847 21.64 6.19 -13.86
C PRO A 847 20.73 6.47 -12.67
N THR A 848 20.93 5.81 -11.54
CA THR A 848 20.01 5.90 -10.41
C THR A 848 20.56 6.71 -9.24
N TRP A 849 21.74 6.34 -8.72
CA TRP A 849 22.18 6.90 -7.45
C TRP A 849 22.65 8.35 -7.60
N LEU A 850 23.34 8.67 -8.68
CA LEU A 850 23.84 10.03 -8.86
C LEU A 850 22.73 11.03 -9.17
N THR A 851 21.53 10.57 -9.46
CA THR A 851 20.37 11.43 -9.68
C THR A 851 19.23 11.02 -8.76
N ALA A 852 19.54 10.75 -7.50
CA ALA A 852 18.57 10.27 -6.52
C ALA A 852 18.31 11.34 -5.48
N SER A 853 17.04 11.60 -5.20
CA SER A 853 16.66 12.59 -4.20
C SER A 853 17.07 12.12 -2.80
N ASN A 854 17.43 13.08 -1.95
CA ASN A 854 17.88 12.75 -0.60
C ASN A 854 16.70 12.51 0.34
N ALA A 855 15.88 13.55 0.56
CA ALA A 855 14.68 13.45 1.38
C ALA A 855 13.88 14.74 1.21
N ARG A 856 12.58 14.61 1.04
CA ARG A 856 11.70 15.77 0.94
C ARG A 856 10.39 15.47 1.67
N PRO A 857 9.72 16.51 2.19
CA PRO A 857 8.47 16.28 2.93
C PRO A 857 7.25 16.05 2.05
N ASP A 858 7.36 16.21 0.72
CA ASP A 858 6.21 16.08 -0.15
C ASP A 858 6.52 15.28 -1.41
N ARG A 859 7.42 14.31 -1.31
CA ARG A 859 7.78 13.46 -2.45
C ARG A 859 7.78 12.01 -2.03
N VAL A 860 7.05 11.17 -2.76
CA VAL A 860 6.98 9.75 -2.45
C VAL A 860 8.25 9.07 -2.92
N GLY A 861 8.85 8.26 -2.04
CA GLY A 861 10.07 7.57 -2.37
C GLY A 861 11.32 8.43 -2.38
N SER A 862 11.23 9.66 -1.88
CA SER A 862 12.38 10.56 -1.86
C SER A 862 13.43 10.16 -0.84
N GLU A 863 13.15 9.17 0.01
CA GLU A 863 14.08 8.70 1.03
C GLU A 863 14.97 7.57 0.53
N LEU A 864 15.28 7.56 -0.77
CA LEU A 864 16.04 6.46 -1.36
C LEU A 864 17.42 6.32 -0.72
N LYS A 865 18.11 7.44 -0.53
CA LYS A 865 19.46 7.39 0.04
C LYS A 865 19.45 7.04 1.52
N ALA A 866 18.33 7.28 2.21
CA ALA A 866 18.24 6.97 3.64
C ALA A 866 18.22 5.47 3.92
N MET A 867 18.05 4.63 2.89
CA MET A 867 18.00 3.19 3.07
C MET A 867 19.36 2.52 2.96
N VAL A 868 20.41 3.29 2.67
CA VAL A 868 21.76 2.75 2.67
C VAL A 868 22.27 2.77 4.11
N GLN A 869 22.01 1.69 4.83
CA GLN A 869 22.27 1.62 6.27
C GLN A 869 23.45 0.70 6.54
N ALA A 870 24.39 1.20 7.34
CA ALA A 870 25.57 0.41 7.67
C ALA A 870 25.18 -0.80 8.53
N PRO A 871 25.88 -1.91 8.38
CA PRO A 871 25.64 -3.07 9.25
C PRO A 871 26.04 -2.76 10.68
N PRO A 872 25.50 -3.50 11.65
CA PRO A 872 25.85 -3.24 13.05
C PRO A 872 27.36 -3.35 13.27
N GLY A 873 27.89 -2.44 14.08
CA GLY A 873 29.32 -2.31 14.25
C GLY A 873 30.01 -1.46 13.21
N TYR A 874 29.26 -0.84 12.30
CA TYR A 874 29.82 0.00 11.26
C TYR A 874 29.03 1.30 11.17
N THR A 875 29.69 2.33 10.64
CA THR A 875 29.06 3.64 10.46
C THR A 875 29.65 4.29 9.21
N LEU A 876 28.92 5.27 8.69
CA LEU A 876 29.35 6.00 7.51
C LEU A 876 29.93 7.35 7.92
N VAL A 877 31.16 7.61 7.48
CA VAL A 877 31.85 8.86 7.75
C VAL A 877 32.16 9.53 6.42
N GLY A 878 31.76 10.79 6.28
CA GLY A 878 31.99 11.50 5.04
C GLY A 878 31.80 12.99 5.22
N ALA A 879 32.08 13.72 4.14
CA ALA A 879 31.98 15.17 4.15
C ALA A 879 31.79 15.66 2.72
N ASP A 880 31.40 16.92 2.59
CA ASP A 880 31.17 17.55 1.30
C ASP A 880 32.08 18.77 1.16
N VAL A 881 32.62 18.97 -0.04
CA VAL A 881 33.47 20.11 -0.30
C VAL A 881 32.64 21.39 -0.27
N ASP A 882 33.18 22.43 0.36
CA ASP A 882 32.47 23.69 0.54
C ASP A 882 32.89 24.65 -0.57
N SER A 883 31.94 25.01 -1.43
CA SER A 883 32.17 25.97 -2.52
C SER A 883 33.34 25.53 -3.39
N GLN A 884 33.18 24.38 -4.04
CA GLN A 884 34.25 23.81 -4.83
C GLN A 884 34.55 24.65 -6.07
N GLU A 885 33.53 24.86 -6.92
CA GLU A 885 33.73 25.65 -8.13
C GLU A 885 34.12 27.09 -7.79
N LEU A 886 33.47 27.67 -6.78
CA LEU A 886 33.77 29.04 -6.40
C LEU A 886 35.24 29.18 -6.01
N TRP A 887 35.73 28.28 -5.15
CA TRP A 887 37.12 28.35 -4.72
C TRP A 887 38.08 28.06 -5.87
N ILE A 888 37.73 27.12 -6.75
CA ILE A 888 38.61 26.82 -7.88
C ILE A 888 38.76 28.03 -8.78
N ALA A 889 37.64 28.66 -9.13
CA ALA A 889 37.69 29.85 -9.97
C ALA A 889 38.43 30.99 -9.27
N ALA A 890 38.18 31.17 -7.97
CA ALA A 890 38.83 32.23 -7.23
C ALA A 890 40.34 32.04 -7.18
N VAL A 891 40.79 30.82 -6.92
CA VAL A 891 42.23 30.57 -6.82
C VAL A 891 42.87 30.66 -8.20
N LEU A 892 42.16 30.24 -9.26
CA LEU A 892 42.69 30.42 -10.61
C LEU A 892 42.89 31.91 -10.91
N GLY A 893 41.88 32.73 -10.60
CA GLY A 893 42.00 34.16 -10.83
C GLY A 893 43.11 34.79 -10.00
N ASP A 894 43.24 34.38 -8.75
CA ASP A 894 44.28 34.92 -7.88
C ASP A 894 45.66 34.54 -8.38
N ALA A 895 45.84 33.29 -8.82
CA ALA A 895 47.13 32.86 -9.34
C ALA A 895 47.46 33.56 -10.66
N HIS A 896 46.45 33.85 -11.48
CA HIS A 896 46.72 34.55 -12.74
C HIS A 896 47.00 36.03 -12.53
N PHE A 897 46.38 36.64 -11.52
CA PHE A 897 46.49 38.09 -11.34
C PHE A 897 47.84 38.49 -10.78
N ALA A 898 48.09 38.18 -9.50
CA ALA A 898 49.33 38.62 -8.87
C ALA A 898 50.01 37.54 -8.05
N GLY A 899 49.56 36.29 -8.11
CA GLY A 899 50.25 35.22 -7.41
C GLY A 899 50.05 35.21 -5.91
N MET A 900 48.98 35.82 -5.40
CA MET A 900 48.69 35.81 -3.97
C MET A 900 47.21 35.52 -3.78
N HIS A 901 46.88 34.95 -2.62
CA HIS A 901 45.49 34.67 -2.30
C HIS A 901 44.74 35.98 -2.02
N GLY A 902 43.49 36.05 -2.48
CA GLY A 902 42.67 37.20 -2.24
C GLY A 902 42.97 38.42 -3.11
N CYS A 903 43.79 38.25 -4.14
CA CYS A 903 44.08 39.38 -5.03
C CYS A 903 42.82 39.86 -5.74
N THR A 904 42.09 38.94 -6.38
CA THR A 904 40.85 39.30 -7.04
C THR A 904 39.77 39.61 -6.02
N ALA A 905 38.84 40.49 -6.40
CA ALA A 905 37.71 40.78 -5.54
C ALA A 905 36.85 39.54 -5.31
N PHE A 906 36.64 38.75 -6.36
CA PHE A 906 35.90 37.50 -6.22
C PHE A 906 36.61 36.55 -5.27
N GLY A 907 37.94 36.42 -5.40
CA GLY A 907 38.67 35.58 -4.47
C GLY A 907 38.64 36.09 -3.05
N TRP A 908 38.73 37.41 -2.88
CA TRP A 908 38.66 38.00 -1.55
C TRP A 908 37.31 37.73 -0.90
N MET A 909 36.22 37.85 -1.67
CA MET A 909 34.90 37.56 -1.12
C MET A 909 34.74 36.08 -0.82
N THR A 910 35.26 35.21 -1.69
CA THR A 910 35.14 33.77 -1.47
C THR A 910 35.91 33.33 -0.24
N LEU A 911 37.10 33.88 -0.03
CA LEU A 911 37.93 33.46 1.11
C LEU A 911 37.27 33.82 2.44
N GLN A 912 36.62 34.97 2.52
CA GLN A 912 36.03 35.43 3.77
C GLN A 912 34.65 34.84 4.03
N GLY A 913 34.13 34.02 3.12
CA GLY A 913 32.84 33.39 3.37
C GLY A 913 32.95 32.33 4.44
N ARG A 914 31.97 32.31 5.34
CA ARG A 914 31.91 31.37 6.45
C ARG A 914 30.57 30.63 6.42
N LYS A 915 30.62 29.32 6.64
CA LYS A 915 29.42 28.50 6.62
C LYS A 915 28.80 28.34 8.00
N SER A 916 29.62 28.10 9.02
CA SER A 916 29.09 27.97 10.38
C SER A 916 28.45 29.29 10.84
N ARG A 917 29.11 30.41 10.56
CA ARG A 917 28.52 31.71 10.90
C ARG A 917 27.30 32.01 10.04
N GLY A 918 27.28 31.53 8.80
CA GLY A 918 26.17 31.76 7.90
C GLY A 918 26.38 32.87 6.90
N THR A 919 27.59 33.43 6.79
CA THR A 919 27.89 34.51 5.86
C THR A 919 28.91 33.99 4.85
N ASP A 920 28.43 33.38 3.79
CA ASP A 920 29.25 32.91 2.69
C ASP A 920 28.70 33.48 1.38
N LEU A 921 29.38 33.20 0.28
CA LEU A 921 28.97 33.75 -1.01
C LEU A 921 27.58 33.27 -1.39
N HIS A 922 27.33 31.97 -1.23
CA HIS A 922 25.99 31.44 -1.50
C HIS A 922 24.95 32.09 -0.59
N SER A 923 25.25 32.13 0.72
CA SER A 923 24.30 32.70 1.67
C SER A 923 24.11 34.20 1.43
N LYS A 924 25.19 34.92 1.13
CA LYS A 924 25.07 36.35 0.88
C LYS A 924 24.24 36.62 -0.37
N THR A 925 24.47 35.84 -1.44
CA THR A 925 23.66 36.01 -2.65
C THR A 925 22.20 35.67 -2.39
N ALA A 926 21.94 34.63 -1.61
CA ALA A 926 20.56 34.28 -1.28
C ALA A 926 19.88 35.38 -0.49
N THR A 927 20.60 35.97 0.48
CA THR A 927 20.03 37.05 1.28
C THR A 927 19.76 38.29 0.43
N THR A 928 20.71 38.64 -0.45
CA THR A 928 20.54 39.84 -1.27
C THR A 928 19.40 39.66 -2.27
N VAL A 929 19.38 38.53 -2.98
CA VAL A 929 18.32 38.30 -3.95
C VAL A 929 16.98 38.04 -3.26
N GLY A 930 17.00 37.22 -2.20
CA GLY A 930 15.78 36.89 -1.51
C GLY A 930 15.23 35.53 -1.88
N ILE A 931 16.11 34.55 -2.00
CA ILE A 931 15.76 33.19 -2.40
C ILE A 931 16.47 32.21 -1.48
N SER A 932 16.16 30.93 -1.66
CA SER A 932 16.80 29.89 -0.88
C SER A 932 18.26 29.70 -1.32
N ARG A 933 19.01 28.95 -0.51
CA ARG A 933 20.44 28.79 -0.78
C ARG A 933 20.68 27.97 -2.05
N GLU A 934 19.84 26.98 -2.32
CA GLU A 934 19.98 26.21 -3.56
C GLU A 934 19.72 27.09 -4.78
N HIS A 935 18.72 27.95 -4.69
CA HIS A 935 18.47 28.91 -5.77
C HIS A 935 19.65 29.85 -5.95
N ALA A 936 20.28 30.25 -4.84
CA ALA A 936 21.48 31.08 -4.92
C ALA A 936 22.62 30.33 -5.61
N LYS A 937 22.77 29.04 -5.31
CA LYS A 937 23.77 28.23 -5.98
C LYS A 937 23.52 28.20 -7.49
N ILE A 938 22.26 27.98 -7.87
CA ILE A 938 21.92 27.92 -9.29
C ILE A 938 22.21 29.25 -9.96
N PHE A 939 21.84 30.36 -9.30
CA PHE A 939 22.07 31.68 -9.86
C PHE A 939 23.57 31.96 -10.03
N ASN A 940 24.36 31.66 -9.01
CA ASN A 940 25.80 31.91 -9.08
C ASN A 940 26.46 31.06 -10.16
N TYR A 941 26.09 29.78 -10.23
CA TYR A 941 26.71 28.91 -11.22
C TYR A 941 26.28 29.26 -12.64
N GLY A 942 25.04 29.73 -12.82
CA GLY A 942 24.63 30.22 -14.11
C GLY A 942 25.38 31.49 -14.52
N ARG A 943 25.57 32.39 -13.57
CA ARG A 943 26.30 33.63 -13.87
C ARG A 943 27.76 33.34 -14.21
N ILE A 944 28.40 32.42 -13.47
CA ILE A 944 29.80 32.10 -13.73
C ILE A 944 29.97 31.47 -15.09
N TYR A 945 29.10 30.51 -15.45
CA TYR A 945 29.23 29.79 -16.70
C TYR A 945 28.61 30.53 -17.88
N GLY A 946 28.02 31.70 -17.64
CA GLY A 946 27.49 32.50 -18.73
C GLY A 946 25.98 32.40 -18.87
N ALA A 947 25.27 33.41 -18.36
CA ALA A 947 23.82 33.47 -18.46
C ALA A 947 23.39 34.91 -18.63
N GLY A 948 22.44 35.14 -19.53
CA GLY A 948 22.00 36.49 -19.81
C GLY A 948 21.11 37.05 -18.70
N GLN A 949 20.96 38.37 -18.74
CA GLN A 949 20.07 39.04 -17.79
C GLN A 949 18.63 38.56 -17.88
N PRO A 950 18.03 38.33 -19.06
CA PRO A 950 16.69 37.73 -19.08
C PRO A 950 16.63 36.37 -18.40
N PHE A 951 17.68 35.56 -18.53
CA PHE A 951 17.71 34.28 -17.81
C PHE A 951 17.72 34.51 -16.31
N ALA A 952 18.49 35.50 -15.84
CA ALA A 952 18.53 35.81 -14.42
C ALA A 952 17.17 36.27 -13.91
N GLU A 953 16.48 37.13 -14.69
CA GLU A 953 15.19 37.63 -14.24
C GLU A 953 14.14 36.52 -14.26
N ARG A 954 14.21 35.61 -15.24
CA ARG A 954 13.29 34.48 -15.25
C ARG A 954 13.54 33.57 -14.06
N LEU A 955 14.80 33.32 -13.73
CA LEU A 955 15.11 32.50 -12.56
C LEU A 955 14.63 33.16 -11.27
N LEU A 956 14.81 34.47 -11.15
CA LEU A 956 14.34 35.20 -9.97
C LEU A 956 12.82 35.13 -9.85
N MET A 957 12.10 35.33 -10.96
CA MET A 957 10.65 35.25 -10.92
C MET A 957 10.18 33.85 -10.59
N GLN A 958 10.85 32.82 -11.13
CA GLN A 958 10.48 31.45 -10.83
C GLN A 958 10.70 31.12 -9.36
N PHE A 959 11.82 31.55 -8.80
CA PHE A 959 12.16 31.25 -7.42
C PHE A 959 11.67 32.29 -6.42
N ASN A 960 11.04 33.37 -6.89
CA ASN A 960 10.48 34.38 -5.99
C ASN A 960 9.26 34.97 -6.68
N HIS A 961 8.08 34.73 -6.11
CA HIS A 961 6.82 35.18 -6.69
C HIS A 961 6.41 36.57 -6.22
N ARG A 962 7.16 37.18 -5.30
CA ARG A 962 6.83 38.48 -4.76
C ARG A 962 7.47 39.63 -5.54
N LEU A 963 8.24 39.34 -6.58
CA LEU A 963 8.90 40.36 -7.38
C LEU A 963 8.32 40.35 -8.79
N THR A 964 7.95 41.54 -9.29
CA THR A 964 7.43 41.67 -10.63
C THR A 964 8.57 41.61 -11.64
N GLN A 965 8.23 41.71 -12.93
CA GLN A 965 9.23 41.64 -13.97
C GLN A 965 10.20 42.81 -13.90
N GLN A 966 9.68 44.02 -13.65
CA GLN A 966 10.54 45.21 -13.61
C GLN A 966 11.52 45.14 -12.44
N GLU A 967 11.03 44.79 -11.25
CA GLU A 967 11.91 44.72 -10.09
C GLU A 967 12.94 43.60 -10.24
N ALA A 968 12.52 42.46 -10.78
CA ALA A 968 13.47 41.37 -11.01
C ALA A 968 14.53 41.77 -12.02
N ALA A 969 14.14 42.46 -13.08
CA ALA A 969 15.10 42.93 -14.07
C ALA A 969 16.07 43.92 -13.46
N GLU A 970 15.58 44.85 -12.64
CA GLU A 970 16.46 45.80 -11.99
C GLU A 970 17.45 45.10 -11.05
N LYS A 971 16.97 44.13 -10.28
CA LYS A 971 17.86 43.40 -9.38
C LYS A 971 18.90 42.61 -10.16
N ALA A 972 18.51 41.97 -11.26
CA ALA A 972 19.46 41.23 -12.07
C ALA A 972 20.50 42.15 -12.69
N GLN A 973 20.08 43.32 -13.18
CA GLN A 973 21.02 44.28 -13.73
C GLN A 973 22.00 44.78 -12.67
N GLN A 974 21.49 45.05 -11.46
CA GLN A 974 22.36 45.48 -10.38
C GLN A 974 23.37 44.41 -10.02
N MET A 975 22.93 43.14 -9.99
CA MET A 975 23.84 42.05 -9.69
C MET A 975 24.90 41.88 -10.77
N TYR A 976 24.51 41.97 -12.04
CA TYR A 976 25.42 41.71 -13.14
C TYR A 976 26.31 42.90 -13.49
N ALA A 977 25.99 44.11 -13.01
CA ALA A 977 26.83 45.25 -13.31
C ALA A 977 28.21 45.12 -12.69
N ALA A 978 28.28 44.63 -11.44
CA ALA A 978 29.57 44.56 -10.75
C ALA A 978 30.45 43.45 -11.31
N THR A 979 29.88 42.27 -11.55
CA THR A 979 30.67 41.13 -11.97
C THR A 979 31.05 41.24 -13.45
N LYS A 980 32.01 40.39 -13.85
CA LYS A 980 32.46 40.29 -15.23
C LYS A 980 33.10 41.58 -15.73
N GLY A 981 32.28 42.61 -15.92
CA GLY A 981 32.79 43.87 -16.42
C GLY A 981 33.10 43.83 -17.91
N LEU A 982 33.83 44.84 -18.35
CA LEU A 982 34.21 44.96 -19.75
C LEU A 982 35.55 44.27 -20.01
N TRP A 1039 39.05 40.27 -20.30
CA TRP A 1039 38.18 41.01 -19.40
C TRP A 1039 38.99 41.78 -18.36
N LYS A 1040 38.70 43.07 -18.23
CA LYS A 1040 39.37 43.93 -17.27
C LYS A 1040 38.35 44.85 -16.62
N GLY A 1041 38.64 45.26 -15.38
CA GLY A 1041 37.80 46.18 -14.65
C GLY A 1041 36.60 45.56 -13.96
N GLY A 1042 36.41 44.25 -14.07
CA GLY A 1042 35.30 43.58 -13.44
C GLY A 1042 35.69 42.86 -12.17
N THR A 1043 34.66 42.46 -11.41
CA THR A 1043 34.89 41.74 -10.16
C THR A 1043 35.53 40.38 -10.42
N GLU A 1044 35.07 39.67 -11.44
CA GLU A 1044 35.52 38.31 -11.74
C GLU A 1044 36.16 38.25 -13.12
N SER A 1045 36.93 39.28 -13.49
CA SER A 1045 37.55 39.31 -14.80
C SER A 1045 38.73 38.35 -14.90
N GLU A 1046 39.50 38.22 -13.83
CA GLU A 1046 40.72 37.41 -13.87
C GLU A 1046 40.40 35.93 -14.11
N MET A 1047 39.37 35.41 -13.43
CA MET A 1047 39.01 34.01 -13.62
C MET A 1047 38.51 33.76 -15.04
N PHE A 1048 37.70 34.68 -15.57
CA PHE A 1048 37.24 34.54 -16.95
C PHE A 1048 38.40 34.55 -17.93
N ASN A 1049 39.35 35.47 -17.74
CA ASN A 1049 40.50 35.53 -18.62
C ASN A 1049 41.34 34.26 -18.54
N LYS A 1050 41.55 33.74 -17.32
CA LYS A 1050 42.32 32.51 -17.17
C LYS A 1050 41.62 31.33 -17.84
N LEU A 1051 40.31 31.21 -17.65
CA LEU A 1051 39.58 30.11 -18.26
C LEU A 1051 39.60 30.21 -19.78
N GLU A 1052 39.46 31.43 -20.32
CA GLU A 1052 39.54 31.59 -21.77
C GLU A 1052 40.92 31.27 -22.30
N SER A 1053 41.96 31.67 -21.57
CA SER A 1053 43.33 31.38 -22.01
C SER A 1053 43.60 29.88 -22.01
N ILE A 1054 43.13 29.17 -20.98
CA ILE A 1054 43.34 27.73 -20.92
C ILE A 1054 42.52 27.02 -21.99
N ALA A 1055 41.27 27.43 -22.18
CA ALA A 1055 40.39 26.75 -23.13
C ALA A 1055 40.84 26.99 -24.58
N THR A 1056 41.29 28.21 -24.89
CA THR A 1056 41.66 28.55 -26.26
C THR A 1056 43.08 28.14 -26.62
N SER A 1057 43.83 27.55 -25.69
CA SER A 1057 45.15 27.05 -26.01
C SER A 1057 45.06 25.86 -26.95
N ASP A 1058 46.16 25.57 -27.63
CA ASP A 1058 46.18 24.50 -28.64
C ASP A 1058 45.82 23.16 -28.02
N ILE A 1059 46.40 22.85 -26.86
CA ILE A 1059 46.09 21.61 -26.16
C ILE A 1059 45.69 21.97 -24.73
N PRO A 1060 44.41 22.26 -24.48
CA PRO A 1060 43.99 22.62 -23.11
C PRO A 1060 44.28 21.49 -22.13
N ARG A 1061 44.79 21.86 -20.96
CA ARG A 1061 45.12 20.90 -19.92
C ARG A 1061 44.63 21.43 -18.58
N THR A 1062 44.40 20.50 -17.65
CA THR A 1062 43.97 20.90 -16.32
C THR A 1062 45.10 21.64 -15.61
N PRO A 1063 44.79 22.73 -14.91
CA PRO A 1063 45.86 23.50 -14.25
C PRO A 1063 46.59 22.74 -13.16
N VAL A 1064 46.00 21.66 -12.64
CA VAL A 1064 46.59 20.94 -11.52
C VAL A 1064 47.25 19.65 -11.98
N LEU A 1065 46.46 18.72 -12.52
CA LEU A 1065 46.98 17.42 -12.92
C LEU A 1065 47.42 17.36 -14.37
N GLY A 1066 47.19 18.41 -15.16
CA GLY A 1066 47.65 18.46 -16.52
C GLY A 1066 47.06 17.39 -17.42
N CYS A 1067 45.74 17.21 -17.36
CA CYS A 1067 45.04 16.25 -18.20
C CYS A 1067 44.44 16.96 -19.40
N CYS A 1068 44.72 16.44 -20.59
CA CYS A 1068 44.29 17.09 -21.82
C CYS A 1068 42.78 16.94 -22.02
N ILE A 1069 42.21 17.88 -22.75
CA ILE A 1069 40.79 17.84 -23.09
C ILE A 1069 40.59 16.81 -24.19
N SER A 1070 39.34 16.41 -24.43
CA SER A 1070 39.06 15.44 -25.48
C SER A 1070 39.44 16.02 -26.85
N ARG A 1071 39.88 15.14 -27.74
CA ARG A 1071 40.31 15.56 -29.06
C ARG A 1071 39.17 16.14 -29.88
N ALA A 1072 37.93 15.88 -29.50
CA ALA A 1072 36.78 16.41 -30.23
C ALA A 1072 36.45 17.84 -29.85
N LEU A 1073 37.12 18.41 -28.84
CA LEU A 1073 36.87 19.79 -28.42
C LEU A 1073 38.11 20.65 -28.51
N GLU A 1074 39.21 20.15 -29.08
CA GLU A 1074 40.38 20.98 -29.27
C GLU A 1074 40.09 22.10 -30.27
N PRO A 1075 40.74 23.25 -30.14
CA PRO A 1075 40.41 24.39 -31.02
C PRO A 1075 40.64 24.11 -32.50
N SER A 1076 41.57 23.21 -32.83
CA SER A 1076 41.81 22.90 -34.23
C SER A 1076 40.58 22.26 -34.88
N ALA A 1077 39.93 21.34 -34.16
CA ALA A 1077 38.81 20.59 -34.70
C ALA A 1077 37.45 21.24 -34.44
N VAL A 1078 37.40 22.31 -33.67
CA VAL A 1078 36.12 22.97 -33.36
C VAL A 1078 36.14 24.47 -33.58
N GLN A 1079 37.30 25.11 -33.71
CA GLN A 1079 37.41 26.55 -33.88
C GLN A 1079 36.65 27.30 -32.79
N GLU A 1080 36.03 28.42 -33.15
CA GLU A 1080 35.30 29.25 -32.18
C GLU A 1080 33.85 28.81 -32.06
N GLU A 1081 33.67 27.55 -31.67
CA GLU A 1081 32.36 26.98 -31.45
C GLU A 1081 32.36 26.17 -30.15
N PHE A 1082 31.18 26.03 -29.56
CA PHE A 1082 31.00 25.32 -28.30
C PHE A 1082 31.88 25.90 -27.20
N MET A 1083 31.99 27.23 -27.18
CA MET A 1083 32.89 27.89 -26.24
C MET A 1083 32.46 27.68 -24.79
N THR A 1084 31.15 27.72 -24.52
CA THR A 1084 30.68 27.62 -23.14
C THR A 1084 31.04 26.27 -22.53
N SER A 1085 30.87 25.20 -23.29
CA SER A 1085 31.22 23.87 -22.79
C SER A 1085 32.71 23.78 -22.48
N ARG A 1086 33.54 24.31 -23.38
CA ARG A 1086 34.99 24.28 -23.15
C ARG A 1086 35.39 25.09 -21.93
N VAL A 1087 34.73 26.24 -21.73
CA VAL A 1087 35.02 27.06 -20.55
C VAL A 1087 34.62 26.32 -19.27
N ASN A 1088 33.44 25.70 -19.27
CA ASN A 1088 33.00 24.93 -18.11
C ASN A 1088 33.90 23.71 -17.86
N TRP A 1089 34.50 23.18 -18.91
CA TRP A 1089 35.31 21.97 -18.78
C TRP A 1089 36.50 22.19 -17.87
N VAL A 1090 37.11 23.38 -17.90
CA VAL A 1090 38.29 23.64 -17.08
C VAL A 1090 37.94 23.46 -15.61
N VAL A 1091 36.87 24.13 -15.16
CA VAL A 1091 36.47 24.07 -13.76
C VAL A 1091 36.02 22.66 -13.38
N GLN A 1092 35.23 22.01 -14.25
CA GLN A 1092 34.71 20.71 -13.88
C GLN A 1092 35.80 19.65 -13.83
N SER A 1093 36.77 19.71 -14.77
CA SER A 1093 37.89 18.79 -14.72
C SER A 1093 38.81 19.10 -13.54
N SER A 1094 38.93 20.37 -13.15
CA SER A 1094 39.66 20.68 -11.93
C SER A 1094 38.99 20.05 -10.72
N ALA A 1095 37.66 20.10 -10.68
CA ALA A 1095 36.93 19.44 -9.58
C ALA A 1095 37.14 17.93 -9.61
N VAL A 1096 37.17 17.34 -10.80
CA VAL A 1096 37.42 15.91 -10.91
C VAL A 1096 38.82 15.56 -10.40
N ASP A 1097 39.81 16.39 -10.74
CA ASP A 1097 41.16 16.20 -10.22
C ASP A 1097 41.19 16.33 -8.70
N TYR A 1098 40.41 17.29 -8.17
CA TYR A 1098 40.26 17.43 -6.72
C TYR A 1098 39.74 16.14 -6.11
N LEU A 1099 38.73 15.54 -6.74
CA LEU A 1099 38.17 14.28 -6.24
C LEU A 1099 39.21 13.16 -6.30
N HIS A 1100 39.99 13.10 -7.39
CA HIS A 1100 41.04 12.09 -7.49
C HIS A 1100 42.07 12.24 -6.38
N LEU A 1101 42.48 13.48 -6.12
CA LEU A 1101 43.45 13.74 -5.05
C LEU A 1101 42.87 13.33 -3.69
N MET A 1102 41.60 13.66 -3.45
CA MET A 1102 40.96 13.26 -2.21
C MET A 1102 40.97 11.74 -2.04
N LEU A 1103 40.59 11.02 -3.10
CA LEU A 1103 40.51 9.57 -3.03
C LEU A 1103 41.88 8.96 -2.76
N VAL A 1104 42.91 9.42 -3.49
CA VAL A 1104 44.24 8.82 -3.32
C VAL A 1104 44.79 9.13 -1.94
N ALA A 1105 44.61 10.37 -1.45
CA ALA A 1105 45.11 10.73 -0.14
C ALA A 1105 44.40 9.94 0.96
N MET A 1106 43.07 9.77 0.84
CA MET A 1106 42.34 9.01 1.85
C MET A 1106 42.75 7.55 1.83
N LYS A 1107 42.96 6.98 0.64
CA LYS A 1107 43.42 5.59 0.57
C LYS A 1107 44.80 5.43 1.21
N TRP A 1108 45.70 6.38 0.94
CA TRP A 1108 47.02 6.30 1.56
C TRP A 1108 46.93 6.41 3.08
N LEU A 1109 46.09 7.33 3.58
CA LEU A 1109 45.95 7.47 5.02
C LEU A 1109 45.37 6.22 5.66
N PHE A 1110 44.37 5.60 5.01
CA PHE A 1110 43.80 4.38 5.55
C PHE A 1110 44.82 3.24 5.55
N GLU A 1111 45.61 3.12 4.48
CA GLU A 1111 46.57 2.03 4.41
C GLU A 1111 47.73 2.22 5.38
N GLU A 1112 48.13 3.47 5.63
CA GLU A 1112 49.32 3.73 6.44
C GLU A 1112 49.07 3.40 7.90
N PHE A 1113 47.94 3.84 8.46
CA PHE A 1113 47.67 3.73 9.88
C PHE A 1113 46.76 2.56 10.23
N ALA A 1114 46.47 1.68 9.28
CA ALA A 1114 45.67 0.48 9.51
C ALA A 1114 44.30 0.84 10.08
N ILE A 1115 43.53 1.57 9.29
CA ILE A 1115 42.16 1.96 9.62
C ILE A 1115 41.21 1.00 8.92
N ASP A 1116 40.37 0.31 9.70
CA ASP A 1116 39.42 -0.65 9.15
C ASP A 1116 38.26 0.11 8.52
N GLY A 1117 38.47 0.52 7.26
CA GLY A 1117 37.49 1.27 6.53
C GLY A 1117 37.41 0.81 5.08
N ARG A 1118 36.47 1.40 4.35
CA ARG A 1118 36.25 1.03 2.97
C ARG A 1118 35.53 2.18 2.26
N PHE A 1119 35.91 2.42 1.01
CA PHE A 1119 35.25 3.44 0.22
C PHE A 1119 33.81 3.03 -0.08
N CYS A 1120 32.86 3.90 0.28
CA CYS A 1120 31.44 3.59 0.11
C CYS A 1120 30.91 4.08 -1.23
N ILE A 1121 30.88 5.40 -1.43
CA ILE A 1121 30.40 5.98 -2.68
C ILE A 1121 30.88 7.42 -2.76
N SER A 1122 31.15 7.90 -3.97
CA SER A 1122 31.53 9.28 -4.22
C SER A 1122 30.50 9.93 -5.12
N ILE A 1123 29.93 11.04 -4.66
CA ILE A 1123 28.99 11.80 -5.46
C ILE A 1123 29.63 13.15 -5.80
N HIS A 1124 30.33 13.21 -6.93
CA HIS A 1124 31.02 14.41 -7.39
C HIS A 1124 31.93 14.97 -6.31
N ASP A 1125 31.45 15.97 -5.57
CA ASP A 1125 32.22 16.59 -4.50
C ASP A 1125 31.95 15.98 -3.13
N GLU A 1126 31.08 14.97 -3.05
CA GLU A 1126 30.75 14.32 -1.79
C GLU A 1126 31.42 12.95 -1.75
N VAL A 1127 32.13 12.68 -0.65
CA VAL A 1127 32.85 11.42 -0.48
C VAL A 1127 32.39 10.79 0.84
N ARG A 1128 32.07 9.50 0.78
CA ARG A 1128 31.60 8.77 1.95
C ARG A 1128 32.43 7.50 2.13
N TYR A 1129 32.68 7.14 3.39
CA TYR A 1129 33.46 5.97 3.73
C TYR A 1129 32.73 5.15 4.78
N LEU A 1130 32.91 3.83 4.71
CA LEU A 1130 32.31 2.89 5.65
C LEU A 1130 33.41 2.42 6.60
N VAL A 1131 33.33 2.87 7.86
CA VAL A 1131 34.35 2.58 8.85
C VAL A 1131 33.68 1.91 10.05
N ARG A 1132 34.47 1.16 10.82
CA ARG A 1132 33.96 0.48 11.99
C ARG A 1132 33.58 1.48 13.08
N GLU A 1133 32.86 0.98 14.09
CA GLU A 1133 32.40 1.82 15.18
C GLU A 1133 33.54 2.39 16.02
N GLU A 1134 34.70 1.75 16.01
CA GLU A 1134 35.81 2.18 16.84
C GLU A 1134 36.70 3.22 16.18
N ASP A 1135 36.82 3.20 14.86
CA ASP A 1135 37.75 4.06 14.14
C ASP A 1135 37.06 5.25 13.48
N ARG A 1136 35.86 5.62 13.95
CA ARG A 1136 35.10 6.69 13.32
C ARG A 1136 35.82 8.03 13.42
N TYR A 1137 36.29 8.38 14.62
CA TYR A 1137 36.96 9.66 14.81
C TYR A 1137 38.31 9.70 14.10
N ARG A 1138 39.01 8.57 14.08
CA ARG A 1138 40.26 8.49 13.32
C ARG A 1138 40.01 8.70 11.83
N ALA A 1139 38.94 8.11 11.30
CA ALA A 1139 38.59 8.32 9.90
C ALA A 1139 38.22 9.77 9.63
N ALA A 1140 37.51 10.41 10.57
CA ALA A 1140 37.18 11.82 10.40
C ALA A 1140 38.44 12.68 10.37
N LEU A 1141 39.40 12.40 11.26
CA LEU A 1141 40.65 13.15 11.25
C LEU A 1141 41.42 12.91 9.96
N ALA A 1142 41.42 11.67 9.47
CA ALA A 1142 42.08 11.37 8.20
C ALA A 1142 41.42 12.14 7.06
N LEU A 1143 40.09 12.24 7.06
CA LEU A 1143 39.40 12.99 6.02
C LEU A 1143 39.74 14.47 6.07
N GLN A 1144 39.83 15.04 7.28
CA GLN A 1144 40.23 16.44 7.40
C GLN A 1144 41.64 16.65 6.88
N ILE A 1145 42.56 15.75 7.23
CA ILE A 1145 43.94 15.86 6.74
C ILE A 1145 43.98 15.74 5.22
N THR A 1146 43.16 14.83 4.67
CA THR A 1146 43.08 14.67 3.22
C THR A 1146 42.61 15.96 2.54
N ASN A 1147 41.58 16.60 3.10
CA ASN A 1147 41.10 17.84 2.52
C ASN A 1147 42.18 18.93 2.59
N LEU A 1148 42.88 19.02 3.73
CA LEU A 1148 43.94 20.00 3.87
C LEU A 1148 45.03 19.77 2.83
N LEU A 1149 45.46 18.51 2.67
CA LEU A 1149 46.51 18.20 1.71
C LEU A 1149 46.08 18.49 0.28
N THR A 1150 44.82 18.19 -0.05
CA THR A 1150 44.33 18.47 -1.40
C THR A 1150 44.31 19.97 -1.68
N ARG A 1151 43.84 20.76 -0.72
CA ARG A 1151 43.83 22.22 -0.90
C ARG A 1151 45.25 22.75 -1.04
N CYS A 1152 46.18 22.25 -0.22
CA CYS A 1152 47.56 22.70 -0.30
C CYS A 1152 48.19 22.34 -1.65
N MET A 1153 47.90 21.13 -2.15
CA MET A 1153 48.43 20.73 -3.45
C MET A 1153 47.87 21.59 -4.57
N PHE A 1154 46.57 21.91 -4.50
CA PHE A 1154 45.99 22.84 -5.48
C PHE A 1154 46.71 24.18 -5.44
N ALA A 1155 46.92 24.72 -4.24
CA ALA A 1155 47.57 26.02 -4.11
C ALA A 1155 48.99 25.98 -4.67
N TYR A 1156 49.74 24.92 -4.37
CA TYR A 1156 51.10 24.82 -4.88
C TYR A 1156 51.12 24.68 -6.39
N LYS A 1157 50.19 23.88 -6.95
CA LYS A 1157 50.15 23.71 -8.39
C LYS A 1157 49.85 25.03 -9.10
N LEU A 1158 48.96 25.84 -8.53
CA LEU A 1158 48.69 27.13 -9.14
C LEU A 1158 49.82 28.13 -8.93
N GLY A 1159 50.82 27.80 -8.12
CA GLY A 1159 51.96 28.66 -7.91
C GLY A 1159 51.97 29.46 -6.63
N LEU A 1160 51.03 29.22 -5.72
CA LEU A 1160 50.96 29.92 -4.45
C LEU A 1160 51.45 29.00 -3.35
N ASN A 1161 52.43 29.47 -2.58
CA ASN A 1161 53.06 28.66 -1.54
C ASN A 1161 52.41 28.85 -0.16
N ASP A 1162 51.13 29.21 -0.12
CA ASP A 1162 50.43 29.35 1.14
C ASP A 1162 48.94 29.09 0.91
N LEU A 1163 48.25 28.76 1.99
CA LEU A 1163 46.83 28.43 1.93
C LEU A 1163 46.09 29.20 3.02
N PRO A 1164 44.98 29.86 2.69
CA PRO A 1164 44.19 30.55 3.71
C PRO A 1164 43.61 29.55 4.72
N GLN A 1165 43.48 30.01 5.96
CA GLN A 1165 42.92 29.17 7.01
C GLN A 1165 41.43 28.92 6.83
N SER A 1166 40.71 29.90 6.28
CA SER A 1166 39.26 29.80 6.17
C SER A 1166 38.82 28.71 5.18
N VAL A 1167 39.70 28.28 4.28
CA VAL A 1167 39.37 27.26 3.30
C VAL A 1167 40.27 26.05 3.49
N ALA A 1168 40.69 25.81 4.73
CA ALA A 1168 41.65 24.74 5.02
C ALA A 1168 40.96 23.42 5.36
N PHE A 1169 39.96 23.45 6.24
CA PHE A 1169 39.34 22.24 6.75
C PHE A 1169 37.87 22.19 6.36
N PHE A 1170 37.27 21.03 6.57
CA PHE A 1170 35.84 20.85 6.33
C PHE A 1170 35.02 21.66 7.31
N SER A 1171 33.87 22.15 6.84
CA SER A 1171 32.92 22.78 7.75
C SER A 1171 32.41 21.79 8.78
N ALA A 1172 32.11 20.57 8.36
CA ALA A 1172 31.69 19.52 9.27
C ALA A 1172 31.93 18.17 8.62
N VAL A 1173 32.12 17.15 9.45
CA VAL A 1173 32.26 15.77 9.02
C VAL A 1173 31.15 14.96 9.67
N ASP A 1174 30.39 14.24 8.85
CA ASP A 1174 29.18 13.59 9.31
C ASP A 1174 29.47 12.13 9.68
N ILE A 1175 29.05 11.74 10.89
CA ILE A 1175 29.09 10.36 11.33
C ILE A 1175 27.64 9.90 11.50
N ASP A 1176 27.21 8.95 10.69
CA ASP A 1176 25.82 8.53 10.67
C ASP A 1176 25.73 7.11 10.17
N ARG A 1177 24.60 6.47 10.42
CA ARG A 1177 24.32 5.12 9.95
C ARG A 1177 23.53 5.10 8.65
N CYS A 1178 23.29 6.26 8.04
CA CYS A 1178 22.53 6.35 6.80
C CYS A 1178 23.10 7.46 5.93
N LEU A 1179 22.77 7.40 4.64
CA LEU A 1179 23.19 8.42 3.69
C LEU A 1179 22.11 9.50 3.62
N ARG A 1180 22.39 10.66 4.20
CA ARG A 1180 21.48 11.79 4.14
C ARG A 1180 22.28 13.08 4.16
N LYS A 1181 21.70 14.14 3.60
CA LYS A 1181 22.42 15.40 3.48
C LYS A 1181 22.76 15.98 4.84
N GLU A 1182 21.82 15.91 5.79
CA GLU A 1182 22.06 16.34 7.16
C GLU A 1182 21.80 15.18 8.11
N VAL A 1183 22.58 15.13 9.20
CA VAL A 1183 22.45 14.07 10.19
C VAL A 1183 21.29 14.28 11.14
N THR A 1184 20.58 15.40 11.02
CA THR A 1184 19.50 15.73 11.94
C THR A 1184 18.11 15.47 11.36
N MET A 1185 17.95 15.55 10.05
CA MET A 1185 16.63 15.38 9.45
C MET A 1185 16.13 13.94 9.62
N ASP A 1186 14.84 13.82 9.92
CA ASP A 1186 14.22 12.52 10.15
C ASP A 1186 13.64 11.91 8.88
N CYS A 1187 13.73 12.61 7.75
CA CYS A 1187 13.30 12.09 6.44
C CYS A 1187 11.83 11.69 6.45
N LYS A 1188 10.98 12.68 6.68
CA LYS A 1188 9.53 12.47 6.66
C LYS A 1188 9.03 12.63 5.23
N THR A 1189 8.41 11.58 4.71
CA THR A 1189 7.92 11.51 3.33
C THR A 1189 6.50 10.98 3.36
N PRO A 1190 5.75 11.13 2.27
CA PRO A 1190 4.44 10.47 2.20
C PRO A 1190 4.52 8.96 2.41
N SER A 1191 5.60 8.33 1.91
CA SER A 1191 5.79 6.91 2.15
C SER A 1191 6.29 6.63 3.57
N ASN A 1192 7.00 7.58 4.18
CA ASN A 1192 7.55 7.41 5.53
C ASN A 1192 7.14 8.63 6.36
N PRO A 1193 5.89 8.67 6.83
CA PRO A 1193 5.42 9.84 7.57
C PRO A 1193 5.93 9.91 8.99
N THR A 1194 6.11 8.74 9.64
CA THR A 1194 6.51 8.73 11.04
C THR A 1194 7.96 9.19 11.20
N GLY A 1195 8.86 8.67 10.36
CA GLY A 1195 10.26 9.05 10.44
C GLY A 1195 11.20 7.86 10.50
N MET A 1196 12.49 8.10 10.23
CA MET A 1196 13.46 7.01 10.23
C MET A 1196 13.62 6.40 11.61
N GLU A 1197 13.69 7.24 12.65
CA GLU A 1197 13.89 6.73 14.00
C GLU A 1197 12.71 5.87 14.46
N ARG A 1198 11.48 6.30 14.14
CA ARG A 1198 10.31 5.51 14.53
C ARG A 1198 10.20 4.23 13.70
N ARG A 1199 10.46 4.33 12.39
CA ARG A 1199 10.27 3.18 11.52
C ARG A 1199 11.32 2.09 11.77
N TYR A 1200 12.59 2.48 11.81
CA TYR A 1200 13.68 1.50 11.81
C TYR A 1200 14.64 1.65 12.98
N GLY A 1201 14.34 2.52 13.94
CA GLY A 1201 15.22 2.71 15.07
C GLY A 1201 16.56 3.31 14.68
N ILE A 1202 16.54 4.34 13.84
CA ILE A 1202 17.74 4.98 13.32
C ILE A 1202 17.90 6.32 14.04
N PRO A 1203 18.86 6.46 14.94
CA PRO A 1203 19.05 7.73 15.65
C PRO A 1203 19.75 8.76 14.76
N GLN A 1204 19.69 10.00 15.22
CA GLN A 1204 20.35 11.09 14.51
C GLN A 1204 21.87 11.00 14.67
N GLY A 1205 22.58 11.51 13.68
CA GLY A 1205 24.04 11.47 13.66
C GLY A 1205 24.66 12.72 14.26
N GLU A 1206 25.96 12.85 14.02
CA GLU A 1206 26.73 13.98 14.52
C GLU A 1206 27.51 14.63 13.38
N ALA A 1207 27.72 15.93 13.50
CA ALA A 1207 28.46 16.72 12.52
C ALA A 1207 29.60 17.41 13.26
N LEU A 1208 30.74 16.74 13.35
CA LEU A 1208 31.88 17.25 14.10
C LEU A 1208 32.73 18.17 13.24
N ASP A 1209 33.41 19.10 13.90
CA ASP A 1209 34.32 20.02 13.23
C ASP A 1209 35.77 19.59 13.53
N ILE A 1210 36.72 20.33 12.95
CA ILE A 1210 38.13 19.97 13.10
C ILE A 1210 38.56 20.04 14.56
N TYR A 1211 38.12 21.08 15.28
CA TYR A 1211 38.51 21.22 16.68
C TYR A 1211 37.98 20.06 17.51
N GLN A 1212 36.74 19.66 17.28
CA GLN A 1212 36.16 18.54 18.04
C GLN A 1212 36.89 17.24 17.75
N ILE A 1213 37.25 17.01 16.49
CA ILE A 1213 37.99 15.79 16.12
C ILE A 1213 39.36 15.80 16.78
N ILE A 1214 40.04 16.95 16.78
CA ILE A 1214 41.34 17.05 17.44
C ILE A 1214 41.21 16.77 18.93
N GLU A 1215 40.17 17.32 19.56
CA GLU A 1215 39.95 17.06 20.98
C GLU A 1215 39.70 15.58 21.25
N LEU A 1216 38.92 14.93 20.38
CA LEU A 1216 38.54 13.54 20.62
C LEU A 1216 39.72 12.59 20.40
N THR A 1217 40.47 12.78 19.32
CA THR A 1217 41.54 11.86 18.94
C THR A 1217 42.92 12.34 19.34
N LYS A 1218 43.02 13.42 20.12
CA LYS A 1218 44.29 13.99 20.56
C LYS A 1218 45.15 14.43 19.38
N GLY A 1219 44.57 14.59 18.19
CA GLY A 1219 45.32 14.99 17.03
C GLY A 1219 46.23 13.93 16.46
N SER A 1220 45.97 12.66 16.74
CA SER A 1220 46.81 11.56 16.26
C SER A 1220 45.93 10.48 15.65
N LEU A 1221 46.47 9.79 14.65
CA LEU A 1221 45.77 8.72 13.96
C LEU A 1221 46.15 7.33 14.46
N GLU A 1222 46.99 7.24 15.48
CA GLU A 1222 47.44 5.95 15.98
C GLU A 1222 46.34 5.28 16.79
N LYS A 1223 46.37 3.94 16.79
CA LYS A 1223 45.38 3.19 17.55
C LYS A 1223 45.65 3.25 19.05
N ARG A 1224 46.92 3.17 19.44
CA ARG A 1224 47.26 3.23 20.87
C ARG A 1224 46.93 4.59 21.46
N SER A 1225 47.24 5.67 20.73
CA SER A 1225 46.96 7.02 21.21
C SER A 1225 45.50 7.40 20.96
N GLY B 52 -29.20 21.60 3.65
CA GLY B 52 -29.90 20.41 4.09
C GLY B 52 -30.79 19.81 3.02
N GLU B 53 -30.93 20.51 1.90
CA GLU B 53 -31.75 20.02 0.81
C GLU B 53 -31.21 18.72 0.24
N GLY B 54 -29.88 18.63 0.08
CA GLY B 54 -29.29 17.39 -0.39
C GLY B 54 -29.52 16.23 0.56
N SER B 55 -29.40 16.49 1.86
CA SER B 55 -29.66 15.44 2.86
C SER B 55 -31.11 14.99 2.81
N GLU B 56 -32.04 15.94 2.69
CA GLU B 56 -33.45 15.59 2.61
C GLU B 56 -33.74 14.76 1.36
N ALA B 57 -33.17 15.16 0.22
CA ALA B 57 -33.37 14.40 -1.01
C ALA B 57 -32.78 12.99 -0.90
N LEU B 58 -31.59 12.87 -0.32
CA LEU B 58 -30.97 11.56 -0.17
C LEU B 58 -31.79 10.66 0.75
N LEU B 59 -32.29 11.21 1.87
CA LEU B 59 -33.11 10.42 2.78
C LEU B 59 -34.41 10.00 2.11
N GLU B 60 -35.02 10.90 1.33
CA GLU B 60 -36.25 10.55 0.62
C GLU B 60 -36.01 9.44 -0.39
N ILE B 61 -34.89 9.51 -1.13
CA ILE B 61 -34.57 8.47 -2.09
C ILE B 61 -34.32 7.14 -1.39
N CYS B 62 -33.57 7.17 -0.27
CA CYS B 62 -33.27 5.94 0.45
C CYS B 62 -34.54 5.30 0.99
N GLN B 63 -35.44 6.10 1.57
CA GLN B 63 -36.69 5.55 2.08
C GLN B 63 -37.58 5.03 0.95
N ARG B 64 -37.64 5.77 -0.16
CA ARG B 64 -38.48 5.36 -1.28
C ARG B 64 -37.95 4.10 -1.96
N ARG B 65 -36.63 4.00 -2.11
CA ARG B 65 -36.01 2.86 -2.77
C ARG B 65 -35.66 1.74 -1.81
N HIS B 66 -36.30 1.69 -0.64
CA HIS B 66 -36.17 0.57 0.30
C HIS B 66 -34.74 0.40 0.78
N PHE B 67 -34.05 1.51 1.02
CA PHE B 67 -32.79 1.47 1.75
C PHE B 67 -33.02 1.59 3.25
N LEU B 68 -33.77 2.60 3.67
CA LEU B 68 -34.16 2.77 5.06
C LEU B 68 -35.60 2.29 5.23
N SER B 69 -36.16 2.54 6.41
CA SER B 69 -37.53 2.13 6.71
C SER B 69 -38.17 3.15 7.63
N GLY B 70 -39.49 3.11 7.72
CA GLY B 70 -40.24 4.00 8.59
C GLY B 70 -40.57 5.32 7.94
N SER B 71 -41.32 6.12 8.70
CA SER B 71 -41.73 7.43 8.23
C SER B 71 -40.64 8.47 8.46
N LYS B 72 -40.85 9.67 7.92
CA LYS B 72 -39.87 10.74 8.01
C LYS B 72 -39.66 11.21 9.45
N GLN B 73 -40.62 10.96 10.34
CA GLN B 73 -40.49 11.43 11.72
C GLN B 73 -39.30 10.79 12.42
N GLN B 74 -39.08 9.50 12.20
CA GLN B 74 -38.00 8.77 12.86
C GLN B 74 -36.79 8.60 11.96
N LEU B 75 -36.73 9.30 10.82
CA LEU B 75 -35.59 9.22 9.92
C LEU B 75 -34.72 10.47 9.99
N SER B 76 -34.65 11.11 11.16
CA SER B 76 -33.78 12.26 11.34
C SER B 76 -32.32 11.80 11.45
N ARG B 77 -31.40 12.76 11.34
CA ARG B 77 -29.98 12.45 11.43
C ARG B 77 -29.63 11.89 12.81
N ASP B 78 -30.21 12.46 13.87
CA ASP B 78 -29.90 12.01 15.22
C ASP B 78 -30.33 10.56 15.44
N SER B 79 -31.52 10.20 14.94
CA SER B 79 -31.98 8.82 15.09
C SER B 79 -31.10 7.85 14.34
N LEU B 80 -30.67 8.21 13.13
CA LEU B 80 -29.79 7.33 12.35
C LEU B 80 -28.43 7.18 13.03
N LEU B 81 -27.88 8.28 13.55
CA LEU B 81 -26.55 8.22 14.16
C LEU B 81 -26.57 7.51 15.51
N SER B 82 -27.66 7.64 16.27
CA SER B 82 -27.72 7.08 17.61
C SER B 82 -28.14 5.62 17.62
N GLY B 83 -28.49 5.04 16.48
CA GLY B 83 -28.92 3.66 16.43
C GLY B 83 -30.36 3.42 16.80
N CYS B 84 -31.18 4.47 16.87
CA CYS B 84 -32.59 4.36 17.22
C CYS B 84 -33.49 4.32 15.99
N HIS B 85 -32.92 4.15 14.80
CA HIS B 85 -33.73 4.08 13.59
C HIS B 85 -34.59 2.83 13.60
N PRO B 86 -35.76 2.88 12.96
CA PRO B 86 -36.65 1.71 12.96
C PRO B 86 -36.04 0.48 12.30
N GLY B 87 -35.18 0.66 11.31
CA GLY B 87 -34.55 -0.47 10.66
C GLY B 87 -34.03 -0.08 9.30
N PHE B 88 -33.62 -1.11 8.54
CA PHE B 88 -33.07 -0.95 7.21
C PHE B 88 -33.90 -1.74 6.21
N GLY B 89 -34.03 -1.19 5.00
CA GLY B 89 -34.70 -1.88 3.92
C GLY B 89 -33.83 -2.99 3.36
N PRO B 90 -34.40 -3.81 2.47
CA PRO B 90 -33.63 -4.92 1.89
C PRO B 90 -32.35 -4.46 1.19
N LEU B 91 -32.40 -3.34 0.48
CA LEU B 91 -31.19 -2.82 -0.16
C LEU B 91 -30.16 -2.41 0.87
N GLY B 92 -30.59 -1.79 1.97
CA GLY B 92 -29.66 -1.47 3.04
C GLY B 92 -29.05 -2.71 3.66
N VAL B 93 -29.84 -3.76 3.83
CA VAL B 93 -29.32 -5.02 4.37
C VAL B 93 -28.28 -5.61 3.43
N GLU B 94 -28.56 -5.60 2.13
CA GLU B 94 -27.59 -6.12 1.17
C GLU B 94 -26.32 -5.29 1.15
N LEU B 95 -26.44 -3.96 1.24
CA LEU B 95 -25.26 -3.11 1.28
C LEU B 95 -24.43 -3.38 2.54
N ARG B 96 -25.09 -3.55 3.68
CA ARG B 96 -24.37 -3.87 4.91
C ARG B 96 -23.68 -5.23 4.80
N LYS B 97 -24.35 -6.21 4.20
CA LYS B 97 -23.72 -7.52 4.01
C LYS B 97 -22.49 -7.43 3.11
N ASN B 98 -22.58 -6.64 2.03
CA ASN B 98 -21.44 -6.45 1.16
C ASN B 98 -20.29 -5.77 1.88
N LEU B 99 -20.59 -4.74 2.68
CA LEU B 99 -19.55 -4.05 3.43
C LEU B 99 -18.90 -4.98 4.44
N ALA B 100 -19.70 -5.79 5.14
CA ALA B 100 -19.16 -6.74 6.11
C ALA B 100 -18.29 -7.78 5.41
N ALA B 101 -18.71 -8.25 4.23
CA ALA B 101 -17.90 -9.21 3.49
C ALA B 101 -16.57 -8.60 3.07
N GLU B 102 -16.60 -7.34 2.60
CA GLU B 102 -15.35 -6.67 2.24
C GLU B 102 -14.43 -6.51 3.44
N TRP B 103 -14.98 -6.11 4.58
CA TRP B 103 -14.17 -5.97 5.79
C TRP B 103 -13.58 -7.31 6.21
N TRP B 104 -14.38 -8.39 6.15
CA TRP B 104 -13.89 -9.71 6.53
C TRP B 104 -12.78 -10.18 5.59
N THR B 105 -12.95 -9.95 4.29
CA THR B 105 -11.92 -10.34 3.34
C THR B 105 -10.64 -9.55 3.54
N SER B 106 -10.76 -8.25 3.81
CA SER B 106 -9.56 -7.41 3.94
C SER B 106 -8.92 -7.45 5.31
N VAL B 107 -9.58 -8.04 6.31
CA VAL B 107 -9.06 -8.08 7.67
C VAL B 107 -8.78 -9.51 8.14
N VAL B 108 -9.67 -10.44 7.85
CA VAL B 108 -9.58 -11.80 8.39
C VAL B 108 -9.03 -12.77 7.36
N VAL B 109 -9.54 -12.74 6.13
CA VAL B 109 -9.21 -13.76 5.15
C VAL B 109 -7.74 -13.68 4.75
N PHE B 110 -7.26 -12.48 4.45
CA PHE B 110 -5.91 -12.31 3.92
C PHE B 110 -4.83 -12.35 4.99
N ARG B 111 -5.19 -12.43 6.27
CA ARG B 111 -4.21 -12.47 7.35
C ARG B 111 -4.11 -13.90 7.87
N GLU B 112 -2.86 -14.38 8.00
CA GLU B 112 -2.61 -15.75 8.44
C GLU B 112 -2.68 -15.93 9.95
N GLN B 113 -2.81 -14.85 10.71
CA GLN B 113 -2.80 -14.93 12.18
C GLN B 113 -4.02 -14.23 12.79
N VAL B 114 -5.09 -14.05 12.03
CA VAL B 114 -6.31 -13.44 12.52
C VAL B 114 -7.43 -14.47 12.43
N PHE B 115 -8.14 -14.68 13.53
CA PHE B 115 -9.17 -15.70 13.60
C PHE B 115 -10.48 -15.10 14.10
N PRO B 116 -11.61 -15.64 13.68
CA PRO B 116 -12.89 -15.15 14.19
C PRO B 116 -13.11 -15.54 15.64
N VAL B 117 -13.93 -14.75 16.32
CA VAL B 117 -14.28 -14.99 17.72
C VAL B 117 -15.78 -14.76 17.89
N ASP B 118 -16.42 -15.61 18.70
CA ASP B 118 -17.85 -15.51 18.96
C ASP B 118 -18.05 -15.02 20.39
N ALA B 119 -18.73 -13.89 20.54
CA ALA B 119 -19.01 -13.30 21.83
C ALA B 119 -20.52 -13.17 22.02
N LEU B 120 -20.99 -13.54 23.21
CA LEU B 120 -22.41 -13.48 23.51
C LEU B 120 -22.87 -12.03 23.65
N HIS B 121 -24.14 -11.80 23.31
CA HIS B 121 -24.71 -10.46 23.44
C HIS B 121 -24.87 -10.05 24.89
N HIS B 122 -25.16 -11.00 25.77
CA HIS B 122 -25.35 -10.72 27.20
C HIS B 122 -24.20 -11.34 27.99
N LYS B 123 -23.77 -10.64 29.03
CA LYS B 123 -22.74 -11.14 29.93
C LYS B 123 -23.36 -11.49 31.27
N PRO B 124 -23.49 -12.77 31.61
CA PRO B 124 -24.02 -13.12 32.93
C PRO B 124 -23.14 -12.55 34.04
N GLY B 125 -23.78 -11.84 34.97
CA GLY B 125 -23.05 -11.10 35.97
C GLY B 125 -23.10 -11.72 37.35
N PRO B 126 -21.98 -12.30 37.78
CA PRO B 126 -21.80 -12.68 39.20
C PRO B 126 -21.17 -11.50 39.96
N LEU B 127 -22.02 -10.53 40.27
CA LEU B 127 -21.64 -9.23 40.82
C LEU B 127 -20.91 -8.40 39.77
N LEU B 128 -21.14 -7.08 39.76
CA LEU B 128 -20.56 -6.20 38.77
C LEU B 128 -20.32 -4.83 39.39
N PRO B 129 -19.24 -4.15 39.02
CA PRO B 129 -19.00 -2.81 39.56
C PRO B 129 -20.01 -1.80 39.04
N GLY B 130 -20.25 -0.77 39.84
CA GLY B 130 -21.19 0.27 39.48
C GLY B 130 -22.54 0.13 40.14
N PHE B 134 -27.61 -1.42 29.88
N PHE B 134 -28.16 -0.67 31.82
CA PHE B 134 -28.93 -1.84 30.36
CA PHE B 134 -29.43 -1.38 31.87
C PHE B 134 -28.84 -3.10 31.21
C PHE B 134 -29.26 -2.79 32.41
N ARG B 135 -29.68 -3.17 32.24
N ARG B 135 -30.25 -3.26 33.15
CA ARG B 135 -29.71 -4.30 33.16
CA ARG B 135 -30.23 -4.58 33.76
C ARG B 135 -31.02 -5.05 32.98
C ARG B 135 -31.31 -5.44 33.11
N LEU B 136 -30.94 -6.38 32.93
N LEU B 136 -30.95 -6.68 32.78
CA LEU B 136 -32.12 -7.22 32.78
CA LEU B 136 -31.88 -7.61 32.16
C LEU B 136 -32.67 -7.56 34.16
C LEU B 136 -32.61 -8.39 33.25
N VAL B 137 -33.89 -7.11 34.43
N VAL B 137 -33.92 -8.20 33.32
CA VAL B 137 -34.55 -7.33 35.71
CA VAL B 137 -34.77 -8.85 34.32
C VAL B 137 -35.85 -8.08 35.46
C VAL B 137 -35.81 -9.69 33.60
N SER B 138 -36.04 -9.18 36.19
N SER B 138 -35.92 -10.95 34.00
CA SER B 138 -37.25 -9.97 36.05
CA SER B 138 -36.89 -11.84 33.38
C SER B 138 -38.44 -9.22 36.62
C SER B 138 -38.30 -11.46 33.83
N ALA B 139 -39.54 -9.17 35.86
N ALA B 139 -39.22 -11.36 32.86
CA ALA B 139 -40.75 -8.51 36.33
CA ALA B 139 -40.60 -11.02 33.17
C ALA B 139 -41.43 -9.27 37.45
C ALA B 139 -41.33 -12.15 33.88
N GLU B 140 -41.22 -10.58 37.52
N GLU B 140 -40.87 -13.40 33.70
CA GLU B 140 -41.82 -11.38 38.59
CA GLU B 140 -41.50 -14.52 34.38
C GLU B 140 -41.31 -10.94 39.96
C GLU B 140 -41.36 -14.40 35.90
N THR B 141 -40.01 -10.69 40.08
N THR B 141 -40.18 -14.01 36.37
CA THR B 141 -39.46 -10.21 41.34
CA THR B 141 -39.99 -13.81 37.81
C THR B 141 -40.00 -8.84 41.69
C THR B 141 -40.86 -12.68 38.33
N LEU B 142 -40.15 -7.96 40.70
N LEU B 142 -40.99 -11.59 37.56
CA LEU B 142 -40.72 -6.64 40.96
CA LEU B 142 -41.85 -10.49 37.97
C LEU B 142 -42.16 -6.74 41.45
C LEU B 142 -43.29 -10.93 38.06
N ARG B 143 -42.96 -7.62 40.83
N ARG B 143 -43.77 -11.71 37.09
CA ARG B 143 -44.33 -7.81 41.28
CA ARG B 143 -45.14 -12.22 37.15
C ARG B 143 -44.38 -8.38 42.70
C ARG B 143 -45.34 -13.14 38.34
N GLU B 144 -43.49 -9.34 43.00
N GLU B 144 -44.36 -14.01 38.62
CA GLU B 144 -43.44 -9.92 44.34
CA GLU B 144 -44.45 -14.90 39.76
C GLU B 144 -43.07 -8.86 45.37
C GLU B 144 -44.51 -14.12 41.08
N ILE B 145 -42.12 -7.98 45.04
N ILE B 145 -43.72 -13.06 41.18
CA ILE B 145 -41.75 -6.90 45.94
CA ILE B 145 -43.75 -12.21 42.38
C ILE B 145 -42.92 -5.93 46.13
C ILE B 145 -45.10 -11.52 42.49
N LEU B 146 -43.64 -5.62 45.04
N LEU B 146 -45.63 -11.03 41.37
CA LEU B 146 -44.79 -4.73 45.15
CA LEU B 146 -46.94 -10.37 41.39
C LEU B 146 -45.96 -5.36 45.88
C LEU B 146 -48.08 -11.35 41.66
N GLN B 147 -45.97 -6.70 46.01
N GLN B 147 -47.85 -12.65 41.48
CA GLN B 147 -47.01 -7.34 46.80
CA GLN B 147 -48.88 -13.63 41.83
C GLN B 147 -46.96 -6.90 48.26
C GLN B 147 -49.19 -13.59 43.32
N ASP B 148 -45.76 -6.79 48.81
N ASP B 148 -48.16 -13.46 44.16
CA ASP B 148 -45.57 -6.28 50.17
CA ASP B 148 -48.35 -13.32 45.60
C ASP B 148 -45.63 -4.76 50.13
C ASP B 148 -48.70 -11.86 45.90
N LYS B 149 -46.64 -4.19 50.78
N LYS B 149 -49.92 -11.64 46.39
CA LYS B 149 -46.85 -2.74 50.74
CA LYS B 149 -50.40 -10.29 46.65
C LYS B 149 -46.04 -1.99 51.79
C LYS B 149 -49.96 -9.73 48.00
N GLU B 150 -45.27 -2.69 52.62
N GLU B 150 -49.26 -10.51 48.80
CA GLU B 150 -44.43 -2.01 53.60
CA GLU B 150 -48.77 -9.99 50.09
C GLU B 150 -43.38 -1.15 52.90
C GLU B 150 -47.79 -8.84 49.88
N LEU B 151 -42.47 -1.79 52.15
N LEU B 151 -46.66 -9.12 49.24
CA LEU B 151 -41.46 -1.11 51.35
CA LEU B 151 -45.67 -8.11 48.87
C LEU B 151 -40.66 -0.12 52.20
C LEU B 151 -45.25 -7.28 50.09
N SER B 152 -39.96 -0.66 53.19
N SER B 152 -44.67 -7.96 51.07
CA SER B 152 -39.15 0.18 54.06
CA SER B 152 -44.22 -7.28 52.28
C SER B 152 -37.89 0.64 53.33
C SER B 152 -42.96 -6.46 51.99
N LYS B 153 -37.21 1.63 53.93
N LYS B 153 -42.63 -5.59 52.94
CA LYS B 153 -36.02 2.20 53.32
CA LYS B 153 -41.47 -4.70 52.78
C LYS B 153 -34.92 1.16 53.16
C LYS B 153 -40.18 -5.50 52.66
N GLU B 154 -34.62 0.42 54.25
N GLU B 154 -39.96 -6.45 53.57
CA GLU B 154 -33.53 -0.55 54.21
CA GLU B 154 -38.71 -7.21 53.57
C GLU B 154 -33.83 -1.69 53.23
C GLU B 154 -38.58 -8.06 52.32
N GLN B 155 -35.06 -2.20 53.24
N GLN B 155 -39.66 -8.74 51.92
CA GLN B 155 -35.42 -3.30 52.34
CA GLN B 155 -39.61 -9.58 50.74
C GLN B 155 -35.31 -2.88 50.88
C GLN B 155 -39.32 -8.78 49.49
N LEU B 156 -35.80 -1.67 50.55
N LEU B 156 -39.96 -7.61 49.34
CA LEU B 156 -35.73 -1.20 49.17
CA LEU B 156 -39.73 -6.79 48.15
C LEU B 156 -34.30 -0.93 48.75
C LEU B 156 -38.32 -6.21 48.15
N VAL B 157 -33.48 -0.37 49.64
N VAL B 157 -37.81 -5.81 49.32
CA VAL B 157 -32.07 -0.16 49.31
CA VAL B 157 -36.44 -5.31 49.39
C VAL B 157 -31.37 -1.50 49.06
C VAL B 157 -35.46 -6.42 49.01
N ALA B 158 -31.65 -2.50 49.90
N ALA B 158 -35.68 -7.63 49.52
CA ALA B 158 -31.06 -3.81 49.71
CA ALA B 158 -34.82 -8.75 49.17
C ALA B 158 -31.53 -4.44 48.40
C ALA B 158 -34.89 -9.06 47.68
N PHE B 159 -32.81 -4.27 48.05
N PHE B 159 -36.08 -8.98 47.09
CA PHE B 159 -33.32 -4.79 46.80
CA PHE B 159 -36.23 -9.23 45.66
C PHE B 159 -32.64 -4.13 45.60
C PHE B 159 -35.48 -8.18 44.85
N LEU B 160 -32.46 -2.81 45.66
N LEU B 160 -35.58 -6.91 45.25
CA LEU B 160 -31.78 -2.11 44.57
CA LEU B 160 -34.85 -5.86 44.55
C LEU B 160 -30.33 -2.57 44.44
C LEU B 160 -33.34 -6.06 44.66
N GLU B 161 -29.65 -2.76 45.58
N GLU B 161 -32.87 -6.44 45.85
CA GLU B 161 -28.28 -3.26 45.53
CA GLU B 161 -31.44 -6.70 46.03
C GLU B 161 -28.22 -4.66 44.95
C GLU B 161 -30.99 -7.87 45.15
N ASN B 162 -29.15 -5.53 45.33
N ASN B 162 -31.79 -8.93 45.09
CA ASN B 162 -29.18 -6.87 44.77
CA ASN B 162 -31.45 -10.07 44.25
C ASN B 162 -29.45 -6.85 43.27
C ASN B 162 -31.43 -9.68 42.78
N VAL B 163 -30.35 -5.97 42.83
N VAL B 163 -32.38 -8.85 42.34
CA VAL B 163 -30.64 -5.84 41.40
CA VAL B 163 -32.39 -8.39 40.96
C VAL B 163 -29.40 -5.38 40.65
C VAL B 163 -31.15 -7.58 40.65
N LEU B 164 -28.68 -4.39 41.19
N LEU B 164 -30.77 -6.68 41.56
CA LEU B 164 -27.46 -3.92 40.54
CA LEU B 164 -29.56 -5.88 41.35
C LEU B 164 -26.40 -5.02 40.50
C LEU B 164 -28.32 -6.75 41.31
N LYS B 165 -26.27 -5.79 41.58
N LYS B 165 -28.25 -7.77 42.18
CA LYS B 165 -25.26 -6.84 41.62
CA LYS B 165 -27.08 -8.62 42.22
C LYS B 165 -25.57 -7.96 40.64
C LYS B 165 -26.96 -9.47 40.95
N THR B 166 -26.81 -8.45 40.63
N THR B 166 -28.05 -10.12 40.55
CA THR B 166 -27.23 -9.56 39.78
CA THR B 166 -28.07 -11.00 39.39
C THR B 166 -27.99 -8.98 38.58
C THR B 166 -28.68 -10.25 38.22
N SER B 167 -27.34 -8.95 37.42
N SER B 167 -27.81 -9.70 37.36
CA SER B 167 -28.03 -8.65 36.16
CA SER B 167 -28.24 -8.93 36.19
C SER B 167 -27.19 -9.14 34.98
C SER B 167 -27.30 -9.21 35.04
N GLY B 168 -27.86 -9.43 33.86
CA GLY B 168 -27.12 -9.71 32.66
C GLY B 168 -26.95 -8.48 31.79
N LYS B 169 -25.79 -7.85 31.85
CA LYS B 169 -25.56 -6.62 31.11
C LYS B 169 -25.54 -6.88 29.61
N LEU B 170 -26.19 -6.00 28.86
CA LEU B 170 -26.04 -6.02 27.40
C LEU B 170 -24.68 -5.46 27.01
N ARG B 171 -24.02 -6.13 26.08
CA ARG B 171 -22.67 -5.75 25.70
C ARG B 171 -22.67 -4.38 25.02
N GLU B 172 -21.68 -3.55 25.38
CA GLU B 172 -21.45 -2.28 24.73
C GLU B 172 -20.24 -2.31 23.79
N ASN B 173 -19.44 -3.37 23.85
CA ASN B 173 -18.30 -3.53 22.96
C ASN B 173 -17.95 -5.00 22.89
N LEU B 174 -17.21 -5.36 21.84
CA LEU B 174 -16.77 -6.73 21.64
C LEU B 174 -15.38 -7.00 22.23
N LEU B 175 -14.78 -5.99 22.87
CA LEU B 175 -13.45 -6.16 23.44
C LEU B 175 -13.45 -7.18 24.56
N HIS B 176 -14.46 -7.14 25.43
CA HIS B 176 -14.49 -8.03 26.59
C HIS B 176 -14.59 -9.49 26.16
N GLY B 177 -15.46 -9.79 25.20
CA GLY B 177 -15.59 -11.15 24.73
C GLY B 177 -14.34 -11.66 24.03
N ALA B 178 -13.69 -10.79 23.25
CA ALA B 178 -12.44 -11.18 22.60
C ALA B 178 -11.35 -11.45 23.62
N LEU B 179 -11.25 -10.61 24.65
CA LEU B 179 -10.27 -10.83 25.71
C LEU B 179 -10.60 -12.08 26.51
N GLU B 180 -11.87 -12.48 26.56
CA GLU B 180 -12.24 -13.70 27.26
C GLU B 180 -11.69 -14.95 26.58
N HIS B 181 -11.41 -14.88 25.28
CA HIS B 181 -10.89 -16.01 24.52
C HIS B 181 -9.39 -15.94 24.34
N TYR B 182 -8.67 -15.28 25.26
CA TYR B 182 -7.24 -15.09 25.09
C TYR B 182 -6.48 -16.41 25.14
N VAL B 183 -6.75 -17.22 26.16
CA VAL B 183 -5.95 -18.43 26.38
C VAL B 183 -6.16 -19.44 25.25
N ASN B 184 -7.43 -19.70 24.92
CA ASN B 184 -7.71 -20.72 23.91
C ASN B 184 -7.19 -20.31 22.53
N CYS B 185 -7.41 -19.06 22.14
CA CYS B 185 -6.94 -18.60 20.84
C CYS B 185 -5.42 -18.47 20.80
N LEU B 186 -4.79 -18.16 21.94
CA LEU B 186 -3.33 -18.19 22.00
C LEU B 186 -2.81 -19.61 21.81
N ASP B 187 -3.49 -20.59 22.42
CA ASP B 187 -3.12 -21.98 22.19
C ASP B 187 -3.36 -22.40 20.75
N LEU B 188 -4.34 -21.78 20.08
CA LEU B 188 -4.61 -22.09 18.68
C LEU B 188 -3.43 -21.73 17.79
N VAL B 189 -2.79 -20.59 18.06
CA VAL B 189 -1.70 -20.10 17.24
C VAL B 189 -0.38 -20.69 17.75
N ASN B 190 -0.49 -21.59 18.73
CA ASN B 190 0.67 -22.26 19.32
C ASN B 190 1.64 -21.25 19.94
N LYS B 191 1.08 -20.22 20.58
CA LYS B 191 1.85 -19.20 21.30
C LYS B 191 2.90 -18.56 20.39
N ARG B 192 2.43 -17.99 19.28
CA ARG B 192 3.28 -17.32 18.31
C ARG B 192 2.74 -15.91 18.10
N LEU B 193 3.19 -14.98 18.91
CA LEU B 193 2.78 -13.59 18.76
C LEU B 193 3.40 -12.99 17.50
N PRO B 194 2.74 -12.01 16.88
CA PRO B 194 1.42 -11.45 17.22
C PRO B 194 0.27 -12.23 16.59
N TYR B 195 -0.93 -12.14 17.19
CA TYR B 195 -2.13 -12.70 16.59
C TYR B 195 -3.32 -11.88 17.09
N GLY B 196 -4.42 -11.95 16.33
CA GLY B 196 -5.57 -11.13 16.62
C GLY B 196 -6.87 -11.91 16.49
N LEU B 197 -7.93 -11.31 17.04
CA LEU B 197 -9.28 -11.86 16.98
C LEU B 197 -10.21 -10.80 16.42
N ALA B 198 -11.04 -11.19 15.44
CA ALA B 198 -11.96 -10.28 14.79
C ALA B 198 -13.39 -10.79 14.94
N GLN B 199 -14.33 -9.85 14.99
CA GLN B 199 -15.74 -10.20 15.17
C GLN B 199 -16.60 -9.05 14.63
N ILE B 200 -17.70 -9.41 14.00
CA ILE B 200 -18.71 -8.46 13.54
C ILE B 200 -20.01 -8.79 14.27
N GLY B 201 -20.57 -7.80 14.96
CA GLY B 201 -21.76 -8.03 15.75
C GLY B 201 -22.44 -6.73 16.09
N VAL B 202 -23.49 -6.84 16.90
CA VAL B 202 -24.32 -5.71 17.29
C VAL B 202 -24.03 -5.36 18.74
N CYS B 203 -23.83 -4.07 19.01
CA CYS B 203 -23.57 -3.58 20.36
C CYS B 203 -24.67 -2.60 20.77
N PHE B 204 -25.01 -2.62 22.05
CA PHE B 204 -26.09 -1.83 22.59
C PHE B 204 -25.53 -0.60 23.31
N HIS B 205 -26.11 0.57 23.03
CA HIS B 205 -25.65 1.83 23.61
C HIS B 205 -26.86 2.57 24.17
N PRO B 206 -26.81 2.99 25.44
CA PRO B 206 -27.88 3.84 25.96
C PRO B 206 -27.93 5.17 25.23
N VAL B 207 -29.15 5.68 25.03
CA VAL B 207 -29.38 6.93 24.31
C VAL B 207 -30.17 7.87 25.20
N PHE B 208 -29.68 9.10 25.34
CA PHE B 208 -30.34 10.13 26.12
C PHE B 208 -31.17 11.04 25.20
N ASP B 209 -31.99 11.86 25.82
CA ASP B 209 -32.82 12.82 25.09
C ASP B 209 -33.22 13.98 25.99
N VAL B 217 -39.25 8.55 27.62
CA VAL B 217 -38.28 9.15 28.53
C VAL B 217 -36.87 8.80 28.10
N LYS B 218 -36.64 7.51 27.84
CA LYS B 218 -35.33 7.02 27.43
C LYS B 218 -35.49 6.00 26.32
N SER B 219 -34.46 5.87 25.47
CA SER B 219 -34.51 5.01 24.31
C SER B 219 -33.31 4.07 24.32
N ILE B 220 -33.33 3.10 23.41
CA ILE B 220 -32.29 2.10 23.28
C ILE B 220 -31.70 2.20 21.88
N GLY B 221 -30.37 2.30 21.80
CA GLY B 221 -29.70 2.37 20.52
C GLY B 221 -28.71 1.26 20.30
N GLU B 222 -28.92 0.46 19.26
CA GLU B 222 -28.03 -0.64 18.92
C GLU B 222 -27.31 -0.35 17.61
N LYS B 223 -26.03 -0.68 17.56
CA LYS B 223 -25.20 -0.44 16.39
C LYS B 223 -24.42 -1.70 16.04
N THR B 224 -24.17 -1.88 14.75
CA THR B 224 -23.38 -3.00 14.26
C THR B 224 -21.93 -2.55 14.14
N GLU B 225 -21.03 -3.24 14.86
CA GLU B 225 -19.63 -2.87 14.94
C GLU B 225 -18.75 -4.03 14.53
N ALA B 226 -17.67 -3.72 13.81
CA ALA B 226 -16.63 -4.69 13.46
C ALA B 226 -15.40 -4.37 14.29
N SER B 227 -14.97 -5.32 15.10
CA SER B 227 -13.89 -5.11 16.07
C SER B 227 -12.76 -6.09 15.81
N LEU B 228 -11.53 -5.59 15.89
CA LEU B 228 -10.32 -6.40 15.81
C LEU B 228 -9.48 -6.13 17.04
N VAL B 229 -9.18 -7.17 17.81
CA VAL B 229 -8.36 -7.07 19.01
C VAL B 229 -7.02 -7.73 18.68
N TRP B 230 -5.95 -6.94 18.73
CA TRP B 230 -4.63 -7.36 18.29
C TRP B 230 -3.72 -7.51 19.50
N PHE B 231 -3.11 -8.69 19.65
CA PHE B 231 -2.16 -8.97 20.72
C PHE B 231 -0.76 -8.85 20.14
N THR B 232 0.01 -7.89 20.63
CA THR B 232 1.33 -7.59 20.10
C THR B 232 2.35 -7.48 21.22
N PRO B 233 3.61 -7.79 20.93
CA PRO B 233 4.66 -7.55 21.91
C PRO B 233 4.77 -6.07 22.22
N PRO B 234 5.19 -5.72 23.44
CA PRO B 234 5.19 -4.30 23.83
C PRO B 234 6.06 -3.41 22.96
N ARG B 235 7.19 -3.93 22.44
CA ARG B 235 8.11 -3.08 21.71
C ARG B 235 7.56 -2.65 20.35
N THR B 236 6.79 -3.51 19.69
CA THR B 236 6.25 -3.22 18.37
C THR B 236 4.82 -2.72 18.41
N SER B 237 4.33 -2.31 19.59
CA SER B 237 2.93 -1.90 19.72
C SER B 237 2.63 -0.68 18.87
N ASN B 238 3.49 0.35 18.96
CA ASN B 238 3.27 1.57 18.17
C ASN B 238 3.38 1.30 16.68
N GLN B 239 4.33 0.46 16.28
CA GLN B 239 4.48 0.14 14.87
C GLN B 239 3.25 -0.58 14.33
N TRP B 240 2.73 -1.55 15.09
CA TRP B 240 1.52 -2.25 14.66
C TRP B 240 0.32 -1.32 14.66
N LEU B 241 0.26 -0.39 15.62
CA LEU B 241 -0.83 0.58 15.64
C LEU B 241 -0.81 1.45 14.39
N ASP B 242 0.38 1.94 14.01
CA ASP B 242 0.49 2.74 12.79
C ASP B 242 0.14 1.93 11.55
N PHE B 243 0.60 0.68 11.49
CA PHE B 243 0.29 -0.17 10.35
C PHE B 243 -1.20 -0.40 10.22
N TRP B 244 -1.88 -0.70 11.34
CA TRP B 244 -3.32 -0.92 11.30
C TRP B 244 -4.06 0.36 10.95
N LEU B 245 -3.60 1.50 11.46
CA LEU B 245 -4.22 2.77 11.09
C LEU B 245 -4.15 3.01 9.59
N ARG B 246 -2.96 2.81 9.01
CA ARG B 246 -2.81 2.99 7.57
C ARG B 246 -3.68 2.02 6.79
N HIS B 247 -3.71 0.75 7.22
CA HIS B 247 -4.49 -0.25 6.51
C HIS B 247 -5.98 0.07 6.55
N ARG B 248 -6.49 0.45 7.73
CA ARG B 248 -7.92 0.75 7.84
C ARG B 248 -8.28 2.01 7.06
N LEU B 249 -7.41 3.03 7.09
CA LEU B 249 -7.68 4.23 6.33
C LEU B 249 -7.70 3.93 4.83
N GLN B 250 -6.76 3.10 4.36
CA GLN B 250 -6.75 2.71 2.96
C GLN B 250 -8.02 1.92 2.60
N TRP B 251 -8.45 1.01 3.49
CA TRP B 251 -9.67 0.26 3.24
C TRP B 251 -10.88 1.17 3.13
N TRP B 252 -10.99 2.15 4.03
CA TRP B 252 -12.11 3.07 3.96
C TRP B 252 -12.07 3.94 2.72
N ARG B 253 -10.87 4.38 2.32
CA ARG B 253 -10.75 5.23 1.13
C ARG B 253 -10.91 4.45 -0.17
N LYS B 254 -10.75 3.12 -0.14
CA LYS B 254 -10.77 2.33 -1.38
C LYS B 254 -12.12 2.41 -2.07
N PHE B 255 -13.22 2.32 -1.33
CA PHE B 255 -14.55 2.27 -1.92
C PHE B 255 -15.19 3.63 -2.10
N ALA B 256 -14.52 4.71 -1.72
CA ALA B 256 -15.11 6.04 -1.78
C ALA B 256 -14.75 6.74 -3.07
N MET B 257 -15.74 7.43 -3.65
CA MET B 257 -15.48 8.23 -4.84
C MET B 257 -14.67 9.48 -4.50
N SER B 258 -14.76 9.95 -3.26
CA SER B 258 -14.01 11.11 -2.79
C SER B 258 -13.26 10.69 -1.53
N PRO B 259 -12.09 10.05 -1.68
CA PRO B 259 -11.36 9.57 -0.50
C PRO B 259 -10.91 10.67 0.44
N SER B 260 -10.84 11.92 -0.03
CA SER B 260 -10.39 13.01 0.83
C SER B 260 -11.33 13.25 2.02
N ASN B 261 -12.61 12.87 1.90
CA ASN B 261 -13.55 13.06 3.00
C ASN B 261 -13.23 12.16 4.19
N PHE B 262 -12.49 11.08 3.99
CA PHE B 262 -12.05 10.23 5.08
C PHE B 262 -10.73 10.75 5.63
N SER B 263 -10.70 11.00 6.94
CA SER B 263 -9.55 11.60 7.60
C SER B 263 -9.18 10.79 8.83
N SER B 264 -8.01 11.11 9.39
CA SER B 264 -7.50 10.47 10.58
C SER B 264 -6.96 11.52 11.53
N SER B 265 -6.93 11.18 12.82
CA SER B 265 -6.47 12.10 13.85
C SER B 265 -5.79 11.31 14.95
N ASP B 266 -5.00 12.03 15.76
CA ASP B 266 -4.27 11.45 16.88
C ASP B 266 -4.90 11.91 18.19
N CYS B 267 -4.97 11.01 19.15
CA CYS B 267 -5.58 11.31 20.43
C CYS B 267 -4.94 10.48 21.52
N GLN B 268 -5.11 10.93 22.76
CA GLN B 268 -4.60 10.23 23.94
C GLN B 268 -5.72 10.04 24.95
N ASP B 269 -5.68 8.92 25.65
CA ASP B 269 -6.71 8.60 26.63
C ASP B 269 -6.46 9.34 27.94
N GLU B 270 -7.29 9.05 28.94
CA GLU B 270 -7.12 9.68 30.25
C GLU B 270 -5.80 9.30 30.89
N GLU B 271 -5.39 8.04 30.74
CA GLU B 271 -4.13 7.57 31.30
C GLU B 271 -2.94 7.92 30.42
N GLY B 272 -3.16 8.50 29.24
CA GLY B 272 -2.09 8.85 28.34
C GLY B 272 -1.80 7.83 27.26
N ARG B 273 -2.61 6.79 27.14
CA ARG B 273 -2.39 5.78 26.11
C ARG B 273 -2.63 6.35 24.73
N LYS B 274 -1.74 6.03 23.79
CA LYS B 274 -1.85 6.54 22.43
C LYS B 274 -3.04 5.91 21.71
N GLY B 275 -3.62 6.66 20.80
CA GLY B 275 -4.75 6.19 20.03
C GLY B 275 -4.99 7.05 18.81
N ASN B 276 -5.80 6.51 17.89
CA ASN B 276 -6.12 7.19 16.65
C ASN B 276 -7.61 7.07 16.39
N LYS B 277 -8.15 8.03 15.64
CA LYS B 277 -9.56 8.07 15.30
C LYS B 277 -9.72 8.35 13.81
N LEU B 278 -10.70 7.71 13.19
CA LEU B 278 -11.02 7.90 11.78
C LEU B 278 -12.39 8.53 11.66
N TYR B 279 -12.47 9.64 10.94
CA TYR B 279 -13.72 10.37 10.76
C TYR B 279 -14.14 10.34 9.29
N TYR B 280 -15.42 10.66 9.07
CA TYR B 280 -15.95 10.89 7.73
C TYR B 280 -16.58 12.27 7.69
N ASN B 281 -16.36 12.99 6.59
CA ASN B 281 -16.84 14.37 6.46
C ASN B 281 -18.26 14.34 5.92
N PHE B 282 -19.23 14.28 6.83
CA PHE B 282 -20.62 14.43 6.46
C PHE B 282 -20.91 15.88 6.08
N PRO B 283 -22.01 16.14 5.37
CA PRO B 283 -22.35 17.54 5.04
C PRO B 283 -22.49 18.44 6.25
N TRP B 284 -22.94 17.90 7.38
CA TRP B 284 -23.12 18.71 8.58
C TRP B 284 -21.87 18.74 9.48
N GLY B 285 -20.86 17.95 9.18
CA GLY B 285 -19.67 17.93 10.00
C GLY B 285 -18.95 16.59 9.86
N LYS B 286 -18.22 16.23 10.91
CA LYS B 286 -17.43 15.00 10.93
C LYS B 286 -17.92 14.11 12.06
N GLU B 287 -18.24 12.86 11.73
CA GLU B 287 -18.69 11.87 12.70
C GLU B 287 -17.70 10.72 12.70
N LEU B 288 -17.30 10.28 13.90
CA LEU B 288 -16.32 9.21 14.02
C LEU B 288 -16.89 7.90 13.50
N ILE B 289 -16.06 7.15 12.78
CA ILE B 289 -16.47 5.85 12.25
C ILE B 289 -15.56 4.72 12.72
N GLU B 290 -14.35 5.00 13.18
CA GLU B 290 -13.45 3.94 13.62
C GLU B 290 -12.42 4.53 14.57
N THR B 291 -12.10 3.79 15.63
CA THR B 291 -11.14 4.23 16.64
C THR B 291 -10.15 3.11 16.92
N LEU B 292 -8.90 3.50 17.16
CA LEU B 292 -7.84 2.57 17.52
C LEU B 292 -7.22 3.00 18.84
N TRP B 293 -6.96 2.03 19.72
CA TRP B 293 -6.40 2.32 21.04
C TRP B 293 -5.27 1.36 21.35
N ASN B 294 -4.26 1.89 22.05
CA ASN B 294 -3.14 1.11 22.57
C ASN B 294 -3.39 0.96 24.07
N LEU B 295 -4.16 -0.07 24.43
CA LEU B 295 -4.64 -0.23 25.79
C LEU B 295 -3.62 -0.86 26.73
N GLY B 296 -2.48 -1.31 26.23
CA GLY B 296 -1.51 -1.94 27.09
C GLY B 296 -1.98 -3.31 27.56
N ASP B 297 -1.57 -3.68 28.77
CA ASP B 297 -1.93 -4.98 29.34
C ASP B 297 -2.72 -4.84 30.63
N HIS B 298 -3.28 -3.65 30.91
CA HIS B 298 -4.04 -3.47 32.14
C HIS B 298 -5.31 -4.31 32.15
N GLU B 299 -6.09 -4.25 31.06
CA GLU B 299 -7.34 -5.00 31.00
C GLU B 299 -7.08 -6.50 31.04
N LEU B 300 -6.06 -6.98 30.33
CA LEU B 300 -5.75 -8.40 30.31
C LEU B 300 -5.33 -8.89 31.68
N LEU B 301 -4.50 -8.12 32.39
CA LEU B 301 -4.10 -8.52 33.74
C LEU B 301 -5.28 -8.49 34.70
N HIS B 302 -6.15 -7.48 34.58
CA HIS B 302 -7.32 -7.41 35.45
C HIS B 302 -8.26 -8.58 35.21
N MET B 303 -8.45 -8.96 33.95
CA MET B 303 -9.37 -10.06 33.63
C MET B 303 -8.82 -11.41 34.06
N TYR B 304 -7.50 -11.54 34.22
CA TYR B 304 -6.87 -12.79 34.62
C TYR B 304 -5.95 -12.54 35.82
N PRO B 305 -6.54 -12.33 37.00
CA PRO B 305 -5.70 -12.11 38.19
C PRO B 305 -4.95 -13.36 38.58
N GLY B 306 -3.82 -13.17 39.25
CA GLY B 306 -3.02 -14.27 39.75
C GLY B 306 -1.77 -14.55 38.96
N ASN B 307 -1.53 -15.82 38.64
CA ASN B 307 -0.34 -16.20 37.91
C ASN B 307 -0.37 -15.63 36.49
N VAL B 308 0.78 -15.16 36.03
CA VAL B 308 0.90 -14.56 34.70
C VAL B 308 1.59 -15.49 33.71
N SER B 309 1.87 -16.74 34.12
CA SER B 309 2.51 -17.68 33.20
C SER B 309 1.61 -18.02 32.02
N LYS B 310 0.30 -18.19 32.28
CA LYS B 310 -0.64 -18.49 31.21
C LYS B 310 -0.81 -17.33 30.24
N LEU B 311 -0.52 -16.11 30.67
CA LEU B 311 -0.64 -14.93 29.82
C LEU B 311 0.62 -14.65 29.00
N HIS B 312 1.69 -15.42 29.21
CA HIS B 312 2.93 -15.18 28.49
C HIS B 312 2.80 -15.55 27.02
N GLY B 313 3.25 -14.65 26.16
CA GLY B 313 3.28 -14.89 24.72
C GLY B 313 4.72 -14.95 24.24
N ARG B 314 4.99 -15.83 23.29
CA ARG B 314 6.34 -16.09 22.79
C ARG B 314 6.54 -15.34 21.49
N ASP B 315 7.42 -14.34 21.52
CA ASP B 315 7.88 -13.65 20.32
C ASP B 315 9.39 -13.87 20.19
N GLY B 316 9.82 -14.34 19.03
CA GLY B 316 11.20 -14.71 18.84
C GLY B 316 11.60 -15.86 19.75
N ARG B 317 12.39 -15.56 20.78
CA ARG B 317 12.78 -16.56 21.77
C ARG B 317 12.54 -16.08 23.20
N LYS B 318 11.63 -15.12 23.39
CA LYS B 318 11.35 -14.54 24.69
C LYS B 318 9.86 -14.60 24.98
N ASN B 319 9.52 -14.70 26.25
CA ASN B 319 8.14 -14.73 26.72
C ASN B 319 7.80 -13.38 27.36
N VAL B 320 6.66 -12.82 26.98
CA VAL B 320 6.25 -11.51 27.48
C VAL B 320 4.72 -11.43 27.41
N VAL B 321 4.15 -10.65 28.32
CA VAL B 321 2.71 -10.40 28.34
C VAL B 321 2.38 -9.44 27.20
N PRO B 322 1.54 -9.81 26.26
CA PRO B 322 1.31 -8.97 25.08
C PRO B 322 0.51 -7.72 25.41
N CYS B 323 0.71 -6.69 24.59
CA CYS B 323 -0.12 -5.50 24.64
C CYS B 323 -1.44 -5.77 23.89
N VAL B 324 -2.45 -4.97 24.21
CA VAL B 324 -3.78 -5.10 23.64
C VAL B 324 -4.02 -3.91 22.72
N LEU B 325 -4.29 -4.20 21.45
CA LEU B 325 -4.64 -3.18 20.46
C LEU B 325 -6.09 -3.43 20.05
N SER B 326 -6.93 -2.41 20.20
CA SER B 326 -8.35 -2.51 19.90
C SER B 326 -8.68 -1.61 18.72
N VAL B 327 -9.28 -2.19 17.69
CA VAL B 327 -9.73 -1.47 16.51
C VAL B 327 -11.23 -1.70 16.40
N ASN B 328 -12.02 -0.65 16.56
CA ASN B 328 -13.47 -0.75 16.55
C ASN B 328 -14.03 0.20 15.51
N GLY B 329 -14.82 -0.33 14.58
CA GLY B 329 -15.45 0.48 13.56
C GLY B 329 -16.92 0.19 13.46
N ASP B 330 -17.69 1.21 13.11
CA ASP B 330 -19.14 1.13 13.03
C ASP B 330 -19.55 0.92 11.57
N LEU B 331 -20.17 -0.24 11.30
CA LEU B 331 -20.57 -0.56 9.94
C LEU B 331 -21.82 0.20 9.49
N ASP B 332 -22.72 0.51 10.42
CA ASP B 332 -23.93 1.26 10.04
C ASP B 332 -23.58 2.67 9.62
N ARG B 333 -22.76 3.37 10.41
CA ARG B 333 -22.33 4.71 10.03
C ARG B 333 -21.47 4.68 8.79
N GLY B 334 -20.69 3.61 8.59
CA GLY B 334 -19.94 3.47 7.35
C GLY B 334 -20.85 3.32 6.14
N MET B 335 -21.92 2.54 6.28
CA MET B 335 -22.90 2.41 5.21
C MET B 335 -23.55 3.76 4.91
N LEU B 336 -23.91 4.51 5.95
CA LEU B 336 -24.49 5.83 5.74
C LEU B 336 -23.50 6.76 5.05
N ALA B 337 -22.22 6.69 5.43
CA ALA B 337 -21.20 7.52 4.81
C ALA B 337 -21.03 7.16 3.34
N TYR B 338 -21.04 5.86 3.01
CA TYR B 338 -20.94 5.46 1.62
C TYR B 338 -22.17 5.88 0.81
N LEU B 339 -23.35 5.81 1.41
CA LEU B 339 -24.55 6.30 0.74
C LEU B 339 -24.44 7.80 0.45
N TYR B 340 -23.94 8.57 1.41
CA TYR B 340 -23.74 10.00 1.18
C TYR B 340 -22.68 10.25 0.11
N ASP B 341 -21.62 9.43 0.09
CA ASP B 341 -20.60 9.56 -0.94
C ASP B 341 -21.17 9.30 -2.34
N SER B 342 -22.04 8.30 -2.46
CA SER B 342 -22.60 7.96 -3.75
C SER B 342 -23.41 9.11 -4.34
N PHE B 343 -24.21 9.77 -3.50
CA PHE B 343 -25.06 10.88 -3.95
C PHE B 343 -24.26 12.17 -3.88
N GLN B 344 -23.93 12.72 -5.03
CA GLN B 344 -23.16 13.96 -5.09
C GLN B 344 -24.02 15.16 -4.71
N ASN B 355 -25.32 21.61 -16.86
CA ASN B 355 -26.69 21.22 -16.62
C ASN B 355 -26.90 19.74 -16.93
N LEU B 356 -26.47 18.88 -16.00
CA LEU B 356 -26.60 17.43 -16.13
C LEU B 356 -27.29 16.86 -14.89
N HIS B 357 -28.44 17.43 -14.54
CA HIS B 357 -29.17 16.98 -13.37
C HIS B 357 -29.60 15.52 -13.54
N ARG B 358 -29.25 14.70 -12.54
CA ARG B 358 -29.52 13.27 -12.58
C ARG B 358 -29.37 12.70 -11.19
N LYS B 359 -30.41 12.00 -10.70
CA LYS B 359 -30.38 11.40 -9.37
C LYS B 359 -29.91 9.96 -9.51
N VAL B 360 -28.60 9.76 -9.37
CA VAL B 360 -27.99 8.45 -9.46
C VAL B 360 -27.10 8.24 -8.24
N LEU B 361 -27.25 7.09 -7.59
CA LEU B 361 -26.41 6.70 -6.46
C LEU B 361 -25.29 5.82 -7.00
N LYS B 362 -24.12 6.43 -7.21
CA LYS B 362 -22.98 5.74 -7.81
C LYS B 362 -22.20 4.98 -6.73
N LEU B 363 -22.80 3.90 -6.27
CA LEU B 363 -22.13 3.01 -5.32
C LEU B 363 -21.02 2.22 -6.03
N HIS B 364 -20.04 1.80 -5.25
CA HIS B 364 -18.96 0.99 -5.79
C HIS B 364 -19.51 -0.37 -6.22
N PRO B 365 -18.97 -0.96 -7.29
CA PRO B 365 -19.48 -2.27 -7.74
C PRO B 365 -19.38 -3.35 -6.69
N CYS B 366 -18.37 -3.30 -5.82
CA CYS B 366 -18.23 -4.32 -4.78
C CYS B 366 -19.20 -4.13 -3.63
N LEU B 367 -19.92 -3.01 -3.58
CA LEU B 367 -20.86 -2.74 -2.50
C LEU B 367 -22.29 -2.55 -2.97
N ALA B 368 -22.53 -2.44 -4.27
CA ALA B 368 -23.89 -2.23 -4.76
C ALA B 368 -24.77 -3.41 -4.39
N PRO B 369 -25.98 -3.18 -3.86
CA PRO B 369 -26.84 -4.31 -3.46
C PRO B 369 -27.27 -5.17 -4.63
N ILE B 370 -27.83 -4.55 -5.66
CA ILE B 370 -28.29 -5.24 -6.87
C ILE B 370 -27.49 -4.70 -8.05
N LYS B 371 -26.95 -5.61 -8.86
CA LYS B 371 -26.03 -5.25 -9.93
C LYS B 371 -26.67 -5.22 -11.31
N VAL B 372 -27.53 -6.18 -11.62
CA VAL B 372 -28.09 -6.33 -12.96
C VAL B 372 -29.61 -6.24 -12.88
N ALA B 373 -30.20 -5.53 -13.84
CA ALA B 373 -31.64 -5.41 -13.98
C ALA B 373 -32.07 -6.00 -15.31
N LEU B 374 -33.02 -6.93 -15.27
CA LEU B 374 -33.53 -7.60 -16.47
C LEU B 374 -34.90 -7.06 -16.81
N ASP B 375 -35.10 -6.66 -18.07
CA ASP B 375 -36.36 -6.16 -18.56
C ASP B 375 -36.70 -6.84 -19.89
N VAL B 376 -37.90 -6.54 -20.40
CA VAL B 376 -38.39 -7.09 -21.65
C VAL B 376 -38.91 -5.96 -22.52
N GLY B 377 -38.93 -6.20 -23.83
CA GLY B 377 -39.43 -5.24 -24.77
C GLY B 377 -40.82 -5.58 -25.29
N ARG B 378 -40.95 -5.69 -26.61
CA ARG B 378 -42.21 -6.04 -27.24
C ARG B 378 -42.00 -7.25 -28.15
N GLY B 379 -42.95 -8.19 -28.12
CA GLY B 379 -42.87 -9.37 -28.93
C GLY B 379 -43.50 -10.57 -28.26
N PRO B 380 -43.05 -11.77 -28.61
CA PRO B 380 -43.58 -12.98 -27.97
C PRO B 380 -43.25 -13.01 -26.49
N THR B 381 -44.31 -12.95 -25.67
CA THR B 381 -44.13 -12.90 -24.22
C THR B 381 -43.49 -14.20 -23.70
N LEU B 382 -43.94 -15.34 -24.19
CA LEU B 382 -43.48 -16.62 -23.65
C LEU B 382 -41.98 -16.82 -23.89
N GLU B 383 -41.53 -16.61 -25.12
CA GLU B 383 -40.12 -16.83 -25.43
C GLU B 383 -39.24 -15.80 -24.72
N LEU B 384 -39.67 -14.55 -24.66
CA LEU B 384 -38.91 -13.54 -23.95
C LEU B 384 -38.79 -13.89 -22.47
N ARG B 385 -39.88 -14.34 -21.86
CA ARG B 385 -39.83 -14.74 -20.46
C ARG B 385 -38.92 -15.95 -20.25
N GLN B 386 -38.96 -16.91 -21.18
CA GLN B 386 -38.11 -18.08 -21.05
C GLN B 386 -36.63 -17.71 -21.15
N VAL B 387 -36.28 -16.84 -22.11
CA VAL B 387 -34.90 -16.40 -22.25
C VAL B 387 -34.45 -15.62 -21.02
N CYS B 388 -35.32 -14.74 -20.51
CA CYS B 388 -34.99 -13.99 -19.31
C CYS B 388 -34.80 -14.91 -18.11
N GLN B 389 -35.64 -15.93 -17.99
CA GLN B 389 -35.50 -16.89 -16.90
C GLN B 389 -34.19 -17.66 -17.00
N GLY B 390 -33.82 -18.08 -18.21
CA GLY B 390 -32.55 -18.77 -18.38
C GLY B 390 -31.36 -17.90 -18.02
N LEU B 391 -31.37 -16.64 -18.50
CA LEU B 391 -30.29 -15.72 -18.17
C LEU B 391 -30.25 -15.43 -16.68
N PHE B 392 -31.42 -15.29 -16.05
CA PHE B 392 -31.50 -15.06 -14.62
C PHE B 392 -30.90 -16.23 -13.84
N ASN B 393 -31.25 -17.45 -14.22
CA ASN B 393 -30.68 -18.61 -13.55
C ASN B 393 -29.18 -18.70 -13.74
N GLU B 394 -28.69 -18.41 -14.95
CA GLU B 394 -27.25 -18.45 -15.19
C GLU B 394 -26.52 -17.41 -14.33
N LEU B 395 -27.06 -16.18 -14.28
CA LEU B 395 -26.43 -15.14 -13.48
C LEU B 395 -26.46 -15.46 -12.01
N LEU B 396 -27.57 -16.04 -11.52
CA LEU B 396 -27.61 -16.47 -10.13
C LEU B 396 -26.59 -17.56 -9.83
N GLU B 397 -26.46 -18.53 -10.74
CA GLU B 397 -25.46 -19.58 -10.54
C GLU B 397 -24.04 -19.02 -10.58
N ASN B 398 -23.82 -17.93 -11.32
CA ASN B 398 -22.51 -17.29 -11.38
C ASN B 398 -22.33 -16.22 -10.31
N GLY B 399 -23.19 -16.20 -9.30
CA GLY B 399 -23.02 -15.30 -8.16
C GLY B 399 -23.16 -13.83 -8.47
N ILE B 400 -24.17 -13.45 -9.25
CA ILE B 400 -24.43 -12.06 -9.58
C ILE B 400 -25.87 -11.74 -9.20
N SER B 401 -26.05 -10.67 -8.43
CA SER B 401 -27.39 -10.26 -8.02
C SER B 401 -28.13 -9.62 -9.19
N VAL B 402 -29.36 -10.07 -9.41
CA VAL B 402 -30.17 -9.61 -10.53
C VAL B 402 -31.54 -9.21 -10.02
N TRP B 403 -32.06 -8.08 -10.50
CA TRP B 403 -33.39 -7.62 -10.14
C TRP B 403 -34.41 -8.20 -11.10
N PRO B 404 -35.34 -9.04 -10.64
CA PRO B 404 -36.31 -9.65 -11.56
C PRO B 404 -37.34 -8.65 -12.07
N GLY B 405 -36.93 -7.76 -12.96
CA GLY B 405 -37.83 -6.77 -13.51
C GLY B 405 -38.68 -7.22 -14.68
N TYR B 406 -38.49 -8.45 -15.16
CA TYR B 406 -39.27 -8.95 -16.29
C TYR B 406 -40.58 -9.59 -15.86
N LEU B 407 -40.83 -9.75 -14.56
CA LEU B 407 -42.09 -10.26 -14.06
C LEU B 407 -43.12 -9.16 -13.86
N GLU B 408 -42.76 -7.91 -14.10
CA GLU B 408 -43.67 -6.78 -13.90
C GLU B 408 -44.74 -6.80 -14.99
N THR B 409 -45.99 -7.06 -14.60
CA THR B 409 -47.08 -7.08 -15.56
C THR B 409 -47.29 -5.69 -16.18
N MET B 410 -47.24 -4.65 -15.35
CA MET B 410 -47.41 -3.30 -15.85
C MET B 410 -46.21 -2.88 -16.69
N GLN B 411 -46.47 -2.14 -17.75
CA GLN B 411 -45.43 -1.68 -18.67
C GLN B 411 -45.17 -0.20 -18.44
N SER B 412 -43.89 0.17 -18.35
CA SER B 412 -43.48 1.54 -18.13
C SER B 412 -42.44 1.92 -19.17
N SER B 413 -42.32 3.23 -19.41
CA SER B 413 -41.35 3.74 -20.37
C SER B 413 -39.93 3.47 -19.88
N LEU B 414 -39.02 3.30 -20.84
CA LEU B 414 -37.64 2.96 -20.51
C LEU B 414 -36.97 4.06 -19.69
N GLU B 415 -37.38 5.32 -19.87
CA GLU B 415 -36.80 6.40 -19.08
C GLU B 415 -37.12 6.24 -17.60
N GLN B 416 -38.37 5.89 -17.28
CA GLN B 416 -38.75 5.68 -15.89
C GLN B 416 -38.01 4.50 -15.27
N LEU B 417 -37.88 3.41 -16.02
CA LEU B 417 -37.13 2.26 -15.51
C LEU B 417 -35.67 2.61 -15.29
N TYR B 418 -35.07 3.37 -16.22
CA TYR B 418 -33.69 3.77 -16.05
C TYR B 418 -33.50 4.67 -14.83
N SER B 419 -34.42 5.60 -14.62
CA SER B 419 -34.34 6.45 -13.43
C SER B 419 -34.49 5.63 -12.15
N LYS B 420 -35.45 4.69 -12.14
CA LYS B 420 -35.64 3.84 -10.97
C LYS B 420 -34.40 3.01 -10.67
N TYR B 421 -33.78 2.44 -11.71
CA TYR B 421 -32.60 1.63 -11.50
C TYR B 421 -31.39 2.46 -11.11
N ASP B 422 -31.27 3.68 -11.63
CA ASP B 422 -30.21 4.57 -11.19
C ASP B 422 -30.37 4.94 -9.72
N GLU B 423 -31.61 5.19 -9.28
CA GLU B 423 -31.85 5.45 -7.87
C GLU B 423 -31.58 4.24 -6.99
N MET B 424 -31.58 3.04 -7.57
CA MET B 424 -31.32 1.80 -6.83
C MET B 424 -29.89 1.34 -6.95
N SER B 425 -29.01 2.14 -7.56
CA SER B 425 -27.60 1.79 -7.76
C SER B 425 -27.46 0.49 -8.54
N ILE B 426 -28.08 0.46 -9.72
CA ILE B 426 -28.02 -0.69 -10.61
C ILE B 426 -26.86 -0.48 -11.58
N LEU B 427 -25.93 -1.43 -11.60
CA LEU B 427 -24.75 -1.30 -12.46
C LEU B 427 -25.13 -1.35 -13.93
N PHE B 428 -25.89 -2.37 -14.33
CA PHE B 428 -26.25 -2.55 -15.73
C PHE B 428 -27.71 -2.95 -15.85
N THR B 429 -28.37 -2.45 -16.89
CA THR B 429 -29.75 -2.81 -17.21
C THR B 429 -29.78 -3.56 -18.53
N VAL B 430 -30.40 -4.73 -18.53
CA VAL B 430 -30.45 -5.61 -19.70
C VAL B 430 -31.91 -5.81 -20.08
N LEU B 431 -32.22 -5.60 -21.35
CA LEU B 431 -33.56 -5.82 -21.88
C LEU B 431 -33.48 -6.81 -23.05
N VAL B 432 -34.46 -7.71 -23.12
CA VAL B 432 -34.49 -8.77 -24.13
C VAL B 432 -35.69 -8.52 -25.03
N THR B 433 -35.44 -8.50 -26.34
CA THR B 433 -36.50 -8.29 -27.33
C THR B 433 -36.50 -9.40 -28.36
N GLU B 434 -37.30 -9.24 -29.42
CA GLU B 434 -37.34 -10.24 -30.48
C GLU B 434 -36.02 -10.33 -31.24
N THR B 435 -35.23 -9.26 -31.26
CA THR B 435 -33.92 -9.31 -31.88
C THR B 435 -33.01 -10.32 -31.19
N THR B 436 -33.15 -10.47 -29.87
CA THR B 436 -32.41 -11.49 -29.15
C THR B 436 -32.80 -12.89 -29.63
N LEU B 437 -34.09 -13.11 -29.86
CA LEU B 437 -34.53 -14.39 -30.42
C LEU B 437 -33.98 -14.59 -31.82
N GLU B 438 -33.91 -13.52 -32.61
CA GLU B 438 -33.42 -13.63 -33.98
C GLU B 438 -31.94 -13.97 -34.02
N ASN B 439 -31.10 -13.10 -33.46
CA ASN B 439 -29.64 -13.29 -33.52
C ASN B 439 -29.00 -13.53 -32.18
N GLY B 440 -29.45 -12.84 -31.12
CA GLY B 440 -28.86 -13.04 -29.81
C GLY B 440 -28.17 -11.81 -29.26
N LEU B 441 -28.63 -10.63 -29.67
CA LEU B 441 -28.06 -9.36 -29.22
C LEU B 441 -29.00 -8.72 -28.21
N ILE B 442 -28.45 -8.32 -27.07
CA ILE B 442 -29.23 -7.70 -26.01
C ILE B 442 -28.68 -6.29 -25.76
N HIS B 443 -29.58 -5.40 -25.37
CA HIS B 443 -29.21 -4.00 -25.12
C HIS B 443 -28.64 -3.88 -23.71
N LEU B 444 -27.41 -3.39 -23.61
CA LEU B 444 -26.72 -3.23 -22.35
C LEU B 444 -26.46 -1.75 -22.08
N ARG B 445 -26.89 -1.27 -20.93
CA ARG B 445 -26.72 0.12 -20.53
C ARG B 445 -25.90 0.19 -19.25
N SER B 446 -24.94 1.11 -19.22
CA SER B 446 -24.06 1.29 -18.08
C SER B 446 -24.54 2.46 -17.23
N ARG B 447 -24.52 2.26 -15.90
CA ARG B 447 -24.97 3.31 -14.99
C ARG B 447 -24.08 4.54 -15.07
N ASP B 448 -22.76 4.35 -15.12
CA ASP B 448 -21.84 5.48 -15.11
C ASP B 448 -21.87 6.24 -16.42
N THR B 449 -22.01 5.54 -17.54
CA THR B 449 -21.90 6.15 -18.87
C THR B 449 -23.25 6.51 -19.47
N THR B 450 -24.32 5.80 -19.10
CA THR B 450 -25.65 6.03 -19.66
C THR B 450 -25.65 5.91 -21.18
N MET B 451 -24.90 4.94 -21.69
CA MET B 451 -24.81 4.69 -23.12
C MET B 451 -25.18 3.24 -23.41
N LYS B 452 -26.09 3.02 -24.35
CA LYS B 452 -26.46 1.68 -24.73
C LYS B 452 -25.36 1.01 -25.55
N GLU B 453 -25.33 -0.32 -25.51
CA GLU B 453 -24.30 -1.07 -26.23
C GLU B 453 -24.86 -2.47 -26.49
N MET B 454 -25.03 -2.79 -27.77
CA MET B 454 -25.47 -4.13 -28.15
C MET B 454 -24.38 -5.15 -27.84
N MET B 455 -24.77 -6.29 -27.29
CA MET B 455 -23.82 -7.33 -26.94
C MET B 455 -24.49 -8.69 -27.05
N HIS B 456 -23.71 -9.69 -27.45
CA HIS B 456 -24.22 -11.05 -27.53
C HIS B 456 -24.49 -11.59 -26.14
N ILE B 457 -25.57 -12.38 -26.02
CA ILE B 457 -26.00 -12.88 -24.72
C ILE B 457 -25.10 -13.98 -24.17
N SER B 458 -24.19 -14.52 -24.99
CA SER B 458 -23.37 -15.64 -24.54
C SER B 458 -22.30 -15.18 -23.56
N LYS B 459 -21.66 -14.05 -23.82
CA LYS B 459 -20.53 -13.58 -23.03
C LYS B 459 -20.91 -12.51 -22.02
N LEU B 460 -22.21 -12.29 -21.80
CA LEU B 460 -22.63 -11.28 -20.82
C LEU B 460 -22.18 -11.66 -19.42
N LYS B 461 -22.30 -12.95 -19.06
CA LYS B 461 -21.87 -13.39 -17.74
C LYS B 461 -20.38 -13.17 -17.52
N ASP B 462 -19.57 -13.52 -18.53
CA ASP B 462 -18.13 -13.31 -18.42
C ASP B 462 -17.80 -11.82 -18.31
N PHE B 463 -18.48 -10.99 -19.09
CA PHE B 463 -18.26 -9.54 -19.01
C PHE B 463 -18.58 -9.01 -17.63
N LEU B 464 -19.72 -9.43 -17.06
CA LEU B 464 -20.12 -8.94 -15.75
C LEU B 464 -19.15 -9.39 -14.67
N ILE B 465 -18.76 -10.67 -14.69
CA ILE B 465 -17.88 -11.18 -13.63
C ILE B 465 -16.50 -10.56 -13.73
N LYS B 466 -16.00 -10.36 -14.96
CA LYS B 466 -14.69 -9.72 -15.09
C LYS B 466 -14.76 -8.24 -14.73
N TYR B 467 -15.89 -7.59 -15.01
CA TYR B 467 -16.09 -6.21 -14.59
C TYR B 467 -15.99 -6.09 -13.07
N ILE B 468 -16.72 -6.95 -12.36
CA ILE B 468 -16.71 -6.90 -10.89
C ILE B 468 -15.32 -7.24 -10.35
N SER B 469 -14.69 -8.29 -10.89
CA SER B 469 -13.39 -8.70 -10.40
C SER B 469 -12.34 -7.62 -10.64
N SER B 470 -12.33 -7.02 -11.82
CA SER B 470 -11.35 -5.98 -12.12
C SER B 470 -11.61 -4.72 -11.31
N ALA B 471 -12.88 -4.39 -11.05
CA ALA B 471 -13.18 -3.27 -10.16
C ALA B 471 -12.67 -3.55 -8.75
N LYS B 472 -12.80 -4.79 -8.28
CA LYS B 472 -12.27 -5.15 -6.97
C LYS B 472 -10.75 -5.06 -6.93
CA GLY C 52 -22.63 -41.79 25.75
C GLY C 52 -21.15 -41.58 25.47
N GLU C 53 -20.43 -42.70 25.25
CA GLU C 53 -19.00 -42.61 24.96
C GLU C 53 -18.75 -41.85 23.67
N GLY C 54 -19.55 -42.11 22.64
CA GLY C 54 -19.40 -41.39 21.40
C GLY C 54 -19.65 -39.90 21.56
N SER C 55 -20.67 -39.54 22.33
CA SER C 55 -20.95 -38.13 22.58
C SER C 55 -19.81 -37.46 23.34
N GLU C 56 -19.26 -38.15 24.35
CA GLU C 56 -18.13 -37.60 25.10
C GLU C 56 -16.92 -37.40 24.19
N ALA C 57 -16.63 -38.40 23.34
CA ALA C 57 -15.50 -38.27 22.43
C ALA C 57 -15.70 -37.12 21.45
N LEU C 58 -16.91 -36.99 20.90
CA LEU C 58 -17.19 -35.91 19.96
C LEU C 58 -17.06 -34.55 20.62
N LEU C 59 -17.57 -34.41 21.85
CA LEU C 59 -17.45 -33.13 22.56
C LEU C 59 -15.99 -32.82 22.87
N GLU C 60 -15.22 -33.84 23.26
CA GLU C 60 -13.80 -33.63 23.53
C GLU C 60 -13.06 -33.18 22.28
N ILE C 61 -13.36 -33.81 21.14
CA ILE C 61 -12.72 -33.42 19.89
C ILE C 61 -13.11 -32.00 19.50
N CYS C 62 -14.39 -31.66 19.64
CA CYS C 62 -14.85 -30.32 19.28
C CYS C 62 -14.20 -29.25 20.15
N GLN C 63 -14.11 -29.51 21.46
CA GLN C 63 -13.47 -28.54 22.35
C GLN C 63 -11.96 -28.44 22.07
N ARG C 64 -11.31 -29.58 21.82
CA ARG C 64 -9.88 -29.57 21.57
C ARG C 64 -9.54 -28.91 20.24
N ARG C 65 -10.35 -29.16 19.21
CA ARG C 65 -10.10 -28.61 17.88
C ARG C 65 -10.76 -27.26 17.66
N HIS C 66 -11.10 -26.55 18.74
CA HIS C 66 -11.61 -25.18 18.67
C HIS C 66 -12.92 -25.08 17.89
N PHE C 67 -13.79 -26.07 18.07
CA PHE C 67 -15.17 -25.95 17.61
C PHE C 67 -16.05 -25.31 18.67
N LEU C 68 -16.00 -25.84 19.89
CA LEU C 68 -16.71 -25.27 21.03
C LEU C 68 -15.72 -24.48 21.88
N SER C 69 -16.17 -24.03 23.05
CA SER C 69 -15.32 -23.27 23.96
C SER C 69 -15.71 -23.60 25.40
N GLY C 70 -14.83 -23.25 26.32
CA GLY C 70 -15.08 -23.46 27.74
C GLY C 70 -14.67 -24.84 28.21
N SER C 71 -14.82 -25.04 29.52
CA SER C 71 -14.47 -26.31 30.15
C SER C 71 -15.61 -27.31 30.00
N LYS C 72 -15.33 -28.55 30.40
CA LYS C 72 -16.31 -29.63 30.28
C LYS C 72 -17.53 -29.41 31.17
N GLN C 73 -17.40 -28.59 32.22
CA GLN C 73 -18.53 -28.38 33.13
C GLN C 73 -19.71 -27.74 32.42
N GLN C 74 -19.45 -26.77 31.56
CA GLN C 74 -20.51 -26.05 30.85
C GLN C 74 -20.74 -26.56 29.43
N LEU C 75 -20.14 -27.71 29.07
CA LEU C 75 -20.31 -28.30 27.76
C LEU C 75 -21.23 -29.51 27.77
N SER C 76 -22.20 -29.53 28.69
CA SER C 76 -23.18 -30.61 28.73
C SER C 76 -24.18 -30.45 27.58
N ARG C 77 -24.95 -31.52 27.34
CA ARG C 77 -25.94 -31.49 26.29
C ARG C 77 -27.02 -30.45 26.57
N ASP C 78 -27.45 -30.33 27.83
CA ASP C 78 -28.49 -29.38 28.18
C ASP C 78 -28.04 -27.94 27.92
N SER C 79 -26.79 -27.61 28.28
CA SER C 79 -26.28 -26.27 28.05
C SER C 79 -26.21 -25.95 26.56
N LEU C 80 -25.76 -26.91 25.75
CA LEU C 80 -25.67 -26.69 24.31
C LEU C 80 -27.06 -26.51 23.70
N LEU C 81 -28.03 -27.33 24.13
CA LEU C 81 -29.37 -27.26 23.54
C LEU C 81 -30.13 -26.02 24.00
N SER C 82 -29.90 -25.57 25.23
CA SER C 82 -30.66 -24.44 25.77
C SER C 82 -30.07 -23.09 25.39
N GLY C 83 -28.93 -23.06 24.71
CA GLY C 83 -28.32 -21.81 24.33
C GLY C 83 -27.50 -21.14 25.41
N CYS C 84 -27.19 -21.85 26.49
CA CYS C 84 -26.41 -21.30 27.60
C CYS C 84 -24.93 -21.66 27.50
N HIS C 85 -24.48 -22.18 26.35
CA HIS C 85 -23.09 -22.52 26.18
C HIS C 85 -22.22 -21.27 26.20
N PRO C 86 -20.97 -21.37 26.66
CA PRO C 86 -20.11 -20.18 26.71
C PRO C 86 -19.85 -19.55 25.36
N GLY C 87 -19.81 -20.34 24.30
CA GLY C 87 -19.59 -19.79 22.98
C GLY C 87 -19.11 -20.87 22.02
N PHE C 88 -18.68 -20.42 20.85
CA PHE C 88 -18.19 -21.27 19.77
C PHE C 88 -16.76 -20.90 19.41
N GLY C 89 -15.96 -21.90 19.07
CA GLY C 89 -14.62 -21.68 18.59
C GLY C 89 -14.62 -21.15 17.17
N PRO C 90 -13.45 -20.75 16.68
CA PRO C 90 -13.39 -20.21 15.31
C PRO C 90 -13.89 -21.17 14.25
N LEU C 91 -13.61 -22.47 14.40
CA LEU C 91 -14.12 -23.45 13.44
C LEU C 91 -15.64 -23.55 13.52
N GLY C 92 -16.21 -23.48 14.73
CA GLY C 92 -17.65 -23.45 14.85
C GLY C 92 -18.26 -22.22 14.21
N VAL C 93 -17.60 -21.06 14.36
CA VAL C 93 -18.08 -19.84 13.73
C VAL C 93 -18.06 -19.97 12.22
N GLU C 94 -16.97 -20.53 11.68
CA GLU C 94 -16.90 -20.71 10.23
C GLU C 94 -17.96 -21.70 9.73
N LEU C 95 -18.19 -22.77 10.48
CA LEU C 95 -19.23 -23.72 10.10
C LEU C 95 -20.62 -23.08 10.13
N ARG C 96 -20.89 -22.26 11.15
CA ARG C 96 -22.17 -21.55 11.20
C ARG C 96 -22.30 -20.58 10.04
N LYS C 97 -21.22 -19.88 9.70
CA LYS C 97 -21.27 -18.96 8.56
C LYS C 97 -21.55 -19.71 7.26
N ASN C 98 -20.91 -20.87 7.07
CA ASN C 98 -21.16 -21.66 5.88
C ASN C 98 -22.60 -22.14 5.83
N LEU C 99 -23.14 -22.60 6.97
CA LEU C 99 -24.52 -23.05 7.00
C LEU C 99 -25.49 -21.92 6.71
N ALA C 100 -25.23 -20.73 7.27
CA ALA C 100 -26.08 -19.58 7.00
C ALA C 100 -26.01 -19.16 5.54
N ALA C 101 -24.82 -19.22 4.94
CA ALA C 101 -24.68 -18.91 3.52
C ALA C 101 -25.45 -19.90 2.67
N GLU C 102 -25.38 -21.19 3.00
CA GLU C 102 -26.15 -22.19 2.25
C GLU C 102 -27.64 -21.95 2.38
N TRP C 103 -28.11 -21.65 3.60
CA TRP C 103 -29.53 -21.38 3.80
C TRP C 103 -29.96 -20.14 3.00
N TRP C 104 -29.14 -19.09 3.03
CA TRP C 104 -29.48 -17.87 2.30
C TRP C 104 -29.52 -18.12 0.79
N THR C 105 -28.57 -18.89 0.27
CA THR C 105 -28.57 -19.20 -1.15
C THR C 105 -29.77 -20.05 -1.55
N SER C 106 -30.14 -21.02 -0.71
CA SER C 106 -31.23 -21.93 -1.07
C SER C 106 -32.61 -21.37 -0.73
N VAL C 107 -32.70 -20.27 0.00
CA VAL C 107 -33.98 -19.70 0.41
C VAL C 107 -34.22 -18.32 -0.18
N VAL C 108 -33.20 -17.46 -0.16
CA VAL C 108 -33.35 -16.07 -0.54
C VAL C 108 -32.85 -15.81 -1.97
N VAL C 109 -31.66 -16.31 -2.29
CA VAL C 109 -31.02 -15.95 -3.55
C VAL C 109 -31.80 -16.49 -4.74
N PHE C 110 -32.18 -17.77 -4.69
CA PHE C 110 -32.80 -18.43 -5.83
C PHE C 110 -34.29 -18.13 -5.98
N ARG C 111 -34.88 -17.39 -5.04
CA ARG C 111 -36.29 -17.03 -5.12
C ARG C 111 -36.44 -15.58 -5.55
N GLU C 112 -37.31 -15.36 -6.54
CA GLU C 112 -37.50 -14.02 -7.10
C GLU C 112 -38.45 -13.16 -6.28
N GLN C 113 -39.10 -13.71 -5.25
CA GLN C 113 -40.07 -12.96 -4.46
C GLN C 113 -39.78 -13.04 -2.96
N VAL C 114 -38.54 -13.34 -2.58
CA VAL C 114 -38.13 -13.39 -1.18
C VAL C 114 -37.07 -12.31 -0.97
N PHE C 115 -37.28 -11.48 0.04
CA PHE C 115 -36.40 -10.36 0.32
C PHE C 115 -35.94 -10.39 1.77
N PRO C 116 -34.74 -9.88 2.05
CA PRO C 116 -34.28 -9.81 3.44
C PRO C 116 -35.04 -8.76 4.23
N VAL C 117 -35.09 -8.97 5.55
CA VAL C 117 -35.73 -8.03 6.46
C VAL C 117 -34.84 -7.86 7.68
N ASP C 118 -34.77 -6.63 8.19
CA ASP C 118 -33.97 -6.29 9.35
C ASP C 118 -34.89 -6.02 10.53
N ALA C 119 -34.73 -6.79 11.60
CA ALA C 119 -35.54 -6.65 12.81
C ALA C 119 -34.63 -6.36 14.00
N LEU C 120 -35.03 -5.40 14.81
CA LEU C 120 -34.25 -5.03 15.99
C LEU C 120 -34.31 -6.12 17.05
N HIS C 121 -33.24 -6.22 17.83
CA HIS C 121 -33.19 -7.21 18.90
C HIS C 121 -34.15 -6.86 20.04
N HIS C 122 -34.35 -5.58 20.29
CA HIS C 122 -35.25 -5.11 21.35
C HIS C 122 -36.46 -4.44 20.74
N LYS C 123 -37.62 -4.65 21.36
CA LYS C 123 -38.84 -4.00 20.93
C LYS C 123 -39.25 -2.95 21.95
N PRO C 124 -39.08 -1.66 21.67
CA PRO C 124 -39.51 -0.61 22.60
C PRO C 124 -41.01 -0.34 22.46
N GLY C 125 -41.77 -0.72 23.48
CA GLY C 125 -43.20 -0.54 23.45
C GLY C 125 -43.81 -0.39 24.83
N PRO C 126 -44.59 0.67 25.02
CA PRO C 126 -45.34 0.82 26.26
C PRO C 126 -46.65 0.05 26.22
N LEU C 127 -47.23 -0.15 27.42
CA LEU C 127 -48.52 -0.80 27.58
C LEU C 127 -48.55 -2.20 26.95
N LEU C 128 -47.46 -2.94 27.14
CA LEU C 128 -47.41 -4.30 26.61
C LEU C 128 -48.29 -5.21 27.45
N PRO C 129 -49.21 -5.96 26.84
CA PRO C 129 -50.09 -6.84 27.61
C PRO C 129 -49.31 -7.97 28.27
N GLY C 130 -49.81 -8.40 29.42
CA GLY C 130 -49.18 -9.47 30.17
C GLY C 130 -47.93 -9.02 30.92
N PHE C 134 -38.29 -10.97 31.01
N PHE C 134 -37.17 -11.02 28.48
CA PHE C 134 -37.26 -10.07 31.52
CA PHE C 134 -36.46 -10.17 29.44
C PHE C 134 -37.45 -8.66 30.99
C PHE C 134 -36.85 -8.71 29.26
N ARG C 135 -37.15 -7.68 31.83
N ARG C 135 -36.92 -7.98 30.37
CA ARG C 135 -37.29 -6.27 31.48
CA ARG C 135 -37.29 -6.58 30.38
C ARG C 135 -35.91 -5.63 31.42
C ARG C 135 -36.09 -5.73 30.80
N LEU C 136 -35.67 -4.84 30.37
N LEU C 136 -35.85 -4.66 30.08
CA LEU C 136 -34.39 -4.16 30.19
CA LEU C 136 -34.73 -3.77 30.37
C LEU C 136 -34.44 -2.80 30.87
C LEU C 136 -35.19 -2.70 31.37
N VAL C 137 -33.60 -2.62 31.89
N VAL C 137 -34.59 -2.70 32.56
CA VAL C 137 -33.55 -1.40 32.68
CA VAL C 137 -34.94 -1.78 33.63
C VAL C 137 -32.15 -0.82 32.56
C VAL C 137 -33.70 -0.97 33.99
N SER C 138 -32.07 0.46 32.21
N SER C 138 -33.83 0.34 34.01
CA SER C 138 -30.77 1.11 32.09
CA SER C 138 -32.71 1.20 34.36
C SER C 138 -30.15 1.32 33.46
C SER C 138 -32.40 1.08 35.85
N ALA C 139 -28.88 0.96 33.60
N ALA C 139 -31.12 0.90 36.17
CA ALA C 139 -28.17 1.14 34.86
CA ALA C 139 -30.70 0.80 37.56
C ALA C 139 -27.91 2.61 35.17
C ALA C 139 -30.81 2.13 38.29
N GLU C 140 -27.84 3.46 34.14
N GLU C 140 -30.75 3.25 37.58
CA GLU C 140 -27.61 4.89 34.38
CA GLU C 140 -30.87 4.56 38.21
C GLU C 140 -28.76 5.51 35.16
C GLU C 140 -32.25 4.73 38.86
N THR C 141 -30.00 5.14 34.83
N THR C 141 -33.31 4.30 38.17
CA THR C 141 -31.15 5.66 35.57
CA THR C 141 -34.64 4.38 38.73
C THR C 141 -31.13 5.17 37.02
C THR C 141 -34.77 3.48 39.96
N LEU C 142 -30.74 3.90 37.23
N LEU C 142 -34.17 2.29 39.91
CA LEU C 142 -30.65 3.37 38.58
CA LEU C 142 -34.20 1.40 41.07
C LEU C 142 -29.60 4.11 39.39
C LEU C 142 -33.49 2.02 42.26
N ARG C 143 -28.44 4.39 38.79
N ARG C 143 -32.33 2.64 42.03
CA ARG C 143 -27.40 5.15 39.48
CA ARG C 143 -31.62 3.31 43.11
C ARG C 143 -27.87 6.57 39.79
C ARG C 143 -32.42 4.48 43.67
N GLU C 144 -28.56 7.21 38.85
N GLU C 144 -33.06 5.26 42.80
CA GLU C 144 -29.07 8.55 39.09
CA GLU C 144 -33.89 6.37 43.26
C GLU C 144 -30.08 8.56 40.24
C GLU C 144 -35.06 5.89 44.10
N ILE C 145 -30.95 7.55 40.29
N ILE C 145 -35.68 4.78 43.68
CA ILE C 145 -31.91 7.45 41.39
CA ILE C 145 -36.77 4.21 44.48
C ILE C 145 -31.17 7.22 42.71
C ILE C 145 -36.26 3.72 45.83
N LEU C 146 -30.15 6.37 42.71
N LEU C 146 -35.08 3.07 45.84
CA LEU C 146 -29.38 6.13 43.92
CA LEU C 146 -34.51 2.59 47.09
C LEU C 146 -28.55 7.34 44.35
C LEU C 146 -34.03 3.73 47.99
N GLN C 147 -28.31 8.29 43.43
N GLN C 147 -33.85 4.94 47.44
CA GLN C 147 -27.61 9.51 43.82
CA GLN C 147 -33.51 6.08 48.28
C GLN C 147 -28.40 10.29 44.86
C GLN C 147 -34.62 6.39 49.27
N ASP C 148 -29.72 10.36 44.69
N ASP C 148 -35.87 6.30 48.84
CA ASP C 148 -30.59 11.01 45.67
CA ASP C 148 -37.01 6.48 49.73
C ASP C 148 -30.85 10.02 46.81
C ASP C 148 -37.26 5.18 50.47
N LYS C 149 -30.38 10.35 48.01
N LYS C 149 -37.09 5.20 51.79
CA LYS C 149 -30.49 9.45 49.15
CA LYS C 149 -37.20 3.99 52.60
C LYS C 149 -31.83 9.56 49.88
C LYS C 149 -38.63 3.68 53.00
N GLU C 150 -32.72 10.46 49.44
N GLU C 150 -39.60 4.51 52.63
CA GLU C 150 -34.02 10.56 50.07
CA GLU C 150 -41.00 4.22 52.94
C GLU C 150 -34.82 9.27 49.88
C GLU C 150 -41.45 2.94 52.26
N LEU C 151 -35.13 8.93 48.63
N LEU C 151 -41.45 2.94 50.93
CA LEU C 151 -35.81 7.69 48.28
CA LEU C 151 -41.78 1.77 50.11
C LEU C 151 -37.09 7.50 49.08
C LEU C 151 -43.12 1.15 50.52
N SER C 152 -38.02 8.43 48.89
N SER C 152 -44.17 1.95 50.36
CA SER C 152 -39.30 8.37 49.57
CA SER C 152 -45.51 1.48 50.71
C SER C 152 -40.17 7.26 48.99
C SER C 152 -46.01 0.49 49.67
N LYS C 153 -41.24 6.92 49.73
N LYS C 153 -47.08 -0.22 50.03
CA LYS C 153 -42.13 5.85 49.31
CA LYS C 153 -47.65 -1.24 49.16
C LYS C 153 -42.79 6.17 47.98
C LYS C 153 -48.12 -0.65 47.83
N GLU C 154 -43.36 7.37 47.85
N GLU C 154 -48.91 0.43 47.90
CA GLU C 154 -44.09 7.72 46.63
CA GLU C 154 -49.46 1.02 46.69
C GLU C 154 -43.16 7.79 45.43
C GLU C 154 -48.36 1.59 45.78
N GLN C 155 -41.98 8.39 45.60
N GLN C 155 -47.39 2.28 46.37
CA GLN C 155 -41.03 8.50 44.49
CA GLN C 155 -46.31 2.87 45.57
C GLN C 155 -40.57 7.12 44.02
C GLN C 155 -45.49 1.78 44.89
N LEU C 156 -40.26 6.22 44.95
N LEU C 156 -45.17 0.70 45.60
CA LEU C 156 -39.80 4.90 44.57
CA LEU C 156 -44.37 -0.36 44.99
C LEU C 156 -40.92 4.09 43.92
C LEU C 156 -45.16 -1.10 43.91
N VAL C 157 -42.15 4.22 44.42
N VAL C 157 -46.47 -1.31 44.14
CA VAL C 157 -43.27 3.54 43.79
CA VAL C 157 -47.29 -1.94 43.11
C VAL C 157 -43.49 4.05 42.36
C VAL C 157 -47.35 -1.06 41.86
N ALA C 158 -43.40 5.37 42.18
N ALA C 158 -47.52 0.24 42.05
CA ALA C 158 -43.54 5.95 40.84
CA ALA C 158 -47.54 1.16 40.92
C ALA C 158 -42.42 5.47 39.92
C ALA C 158 -46.21 1.17 40.19
N PHE C 159 -41.19 5.39 40.44
N PHE C 159 -45.09 1.12 40.93
CA PHE C 159 -40.08 4.91 39.63
CA PHE C 159 -43.78 1.08 40.30
C PHE C 159 -40.28 3.46 39.22
C PHE C 159 -43.59 -0.20 39.50
N LEU C 160 -40.74 2.61 40.15
N LEU C 160 -44.03 -1.34 40.03
CA LEU C 160 -41.01 1.22 39.81
CA LEU C 160 -43.92 -2.59 39.29
C LEU C 160 -42.12 1.11 38.76
C LEU C 160 -44.78 -2.56 38.03
N GLU C 161 -43.17 1.92 38.89
N GLU C 161 -45.98 -1.99 38.12
CA GLU C 161 -44.24 1.91 37.90
CA GLU C 161 -46.84 -1.88 36.94
C GLU C 161 -43.73 2.35 36.53
C GLU C 161 -46.20 -0.97 35.89
N ASN C 162 -42.89 3.38 36.51
N ASN C 162 -45.61 0.14 36.33
CA ASN C 162 -42.32 3.84 35.24
CA ASN C 162 -44.94 1.04 35.39
C ASN C 162 -41.43 2.77 34.61
C ASN C 162 -43.74 0.36 34.73
N VAL C 163 -40.64 2.07 35.44
N VAL C 163 -42.99 -0.42 35.50
CA VAL C 163 -39.79 1.00 34.94
CA VAL C 163 -41.85 -1.15 34.95
C VAL C 163 -40.64 -0.12 34.35
C VAL C 163 -42.32 -2.15 33.91
N LEU C 164 -41.72 -0.50 35.03
N LEU C 164 -43.40 -2.88 34.21
CA LEU C 164 -42.59 -1.54 34.51
CA LEU C 164 -43.93 -3.85 33.24
C LEU C 164 -43.26 -1.11 33.21
C LEU C 164 -44.43 -3.15 31.98
N LYS C 165 -43.68 0.16 33.13
N LYS C 165 -45.10 -2.00 32.14
CA LYS C 165 -44.35 0.64 31.93
CA LYS C 165 -45.64 -1.29 30.98
C LYS C 165 -43.40 0.69 30.74
C LYS C 165 -44.52 -0.75 30.10
N THR C 166 -42.22 1.28 30.92
N THR C 166 -43.54 -0.07 30.70
CA THR C 166 -41.23 1.44 29.86
CA THR C 166 -42.44 0.55 29.96
C THR C 166 -40.17 0.34 30.01
C THR C 166 -41.22 -0.36 30.07
N SER C 167 -40.38 -0.73 29.27
N SER C 167 -41.02 -1.21 29.08
CA SER C 167 -39.57 -1.95 29.36
CA SER C 167 -39.91 -2.14 29.15
C SER C 167 -39.48 -2.56 27.96
C SER C 167 -39.55 -2.59 27.75
N GLY C 168 -38.26 -2.62 27.45
CA GLY C 168 -37.91 -3.09 26.12
C GLY C 168 -37.68 -4.58 26.09
N LYS C 169 -38.67 -5.34 25.63
CA LYS C 169 -38.58 -6.79 25.61
C LYS C 169 -37.52 -7.27 24.63
N LEU C 170 -36.73 -8.24 25.05
CA LEU C 170 -35.85 -8.93 24.12
C LEU C 170 -36.65 -9.87 23.23
N ARG C 171 -36.35 -9.86 21.94
CA ARG C 171 -37.12 -10.64 20.99
C ARG C 171 -36.95 -12.13 21.23
N GLU C 172 -38.05 -12.87 21.14
CA GLU C 172 -38.02 -14.32 21.21
C GLU C 172 -38.23 -14.97 19.84
N ASN C 173 -38.62 -14.19 18.84
CA ASN C 173 -38.79 -14.70 17.48
C ASN C 173 -38.68 -13.53 16.52
N LEU C 174 -38.41 -13.85 15.26
CA LEU C 174 -38.32 -12.84 14.21
C LEU C 174 -39.64 -12.63 13.49
N LEU C 175 -40.71 -13.32 13.90
CA LEU C 175 -42.00 -13.17 13.23
C LEU C 175 -42.56 -11.77 13.41
N HIS C 176 -42.45 -11.19 14.61
CA HIS C 176 -43.03 -9.89 14.86
C HIS C 176 -42.37 -8.81 14.01
N GLY C 177 -41.04 -8.83 13.92
CA GLY C 177 -40.35 -7.83 13.11
C GLY C 177 -40.66 -7.97 11.64
N ALA C 178 -40.76 -9.22 11.15
CA ALA C 178 -41.12 -9.43 9.75
C ALA C 178 -42.54 -8.94 9.47
N LEU C 179 -43.47 -9.21 10.37
CA LEU C 179 -44.84 -8.72 10.19
C LEU C 179 -44.91 -7.20 10.30
N GLU C 180 -43.96 -6.59 11.01
CA GLU C 180 -43.92 -5.13 11.09
C GLU C 180 -43.60 -4.49 9.75
N HIS C 181 -42.92 -5.20 8.86
CA HIS C 181 -42.54 -4.68 7.55
C HIS C 181 -43.50 -5.13 6.45
N TYR C 182 -44.76 -5.42 6.80
CA TYR C 182 -45.70 -5.95 5.82
C TYR C 182 -45.99 -4.94 4.72
N VAL C 183 -46.33 -3.69 5.09
CA VAL C 183 -46.81 -2.71 4.12
C VAL C 183 -45.69 -2.33 3.16
N ASN C 184 -44.51 -2.00 3.70
CA ASN C 184 -43.41 -1.54 2.86
C ASN C 184 -42.93 -2.64 1.91
N CYS C 185 -42.77 -3.86 2.43
CA CYS C 185 -42.31 -4.95 1.57
C CYS C 185 -43.37 -5.38 0.58
N LEU C 186 -44.66 -5.24 0.93
CA LEU C 186 -45.72 -5.47 -0.04
C LEU C 186 -45.67 -4.45 -1.15
N ASP C 187 -45.41 -3.19 -0.81
CA ASP C 187 -45.23 -2.16 -1.82
C ASP C 187 -43.99 -2.43 -2.68
N LEU C 188 -42.97 -3.07 -2.11
CA LEU C 188 -41.77 -3.40 -2.86
C LEU C 188 -42.08 -4.36 -4.00
N VAL C 189 -42.94 -5.35 -3.75
CA VAL C 189 -43.25 -6.37 -4.75
C VAL C 189 -44.41 -5.89 -5.61
N ASN C 190 -44.82 -4.63 -5.41
CA ASN C 190 -45.91 -4.02 -6.16
C ASN C 190 -47.21 -4.79 -6.00
N LYS C 191 -47.46 -5.27 -4.79
CA LYS C 191 -48.69 -5.97 -4.43
C LYS C 191 -48.96 -7.16 -5.36
N ARG C 192 -47.98 -8.06 -5.41
CA ARG C 192 -48.06 -9.27 -6.23
C ARG C 192 -47.81 -10.48 -5.33
N LEU C 193 -48.88 -10.99 -4.73
CA LEU C 193 -48.76 -12.18 -3.90
C LEU C 193 -48.46 -13.40 -4.77
N PRO C 194 -47.77 -14.40 -4.21
CA PRO C 194 -47.19 -14.47 -2.87
C PRO C 194 -45.79 -13.85 -2.79
N TYR C 195 -45.37 -13.42 -1.61
CA TYR C 195 -44.00 -12.98 -1.38
C TYR C 195 -43.67 -13.20 0.08
N GLY C 196 -42.36 -13.27 0.38
CA GLY C 196 -41.91 -13.62 1.71
C GLY C 196 -40.75 -12.76 2.16
N LEU C 197 -40.50 -12.81 3.46
CA LEU C 197 -39.40 -12.09 4.09
C LEU C 197 -38.57 -13.08 4.90
N ALA C 198 -37.25 -13.02 4.73
CA ALA C 198 -36.34 -13.93 5.40
C ALA C 198 -35.33 -13.13 6.23
N GLN C 199 -34.89 -13.73 7.34
CA GLN C 199 -33.94 -13.07 8.23
C GLN C 199 -33.21 -14.13 9.04
N ILE C 200 -31.92 -13.89 9.26
CA ILE C 200 -31.10 -14.73 10.13
C ILE C 200 -30.61 -13.85 11.28
N GLY C 201 -30.89 -14.27 12.50
CA GLY C 201 -30.54 -13.46 13.66
C GLY C 201 -30.55 -14.30 14.92
N VAL C 202 -30.34 -13.61 16.04
CA VAL C 202 -30.24 -14.24 17.35
C VAL C 202 -31.51 -13.93 18.14
N CYS C 203 -32.09 -14.95 18.76
CA CYS C 203 -33.29 -14.80 19.57
C CYS C 203 -32.99 -15.23 21.00
N PHE C 204 -33.63 -14.56 21.95
CA PHE C 204 -33.39 -14.78 23.37
C PHE C 204 -34.52 -15.60 23.96
N HIS C 205 -34.16 -16.63 24.73
CA HIS C 205 -35.13 -17.54 25.34
C HIS C 205 -34.81 -17.68 26.82
N PRO C 206 -35.79 -17.47 27.71
CA PRO C 206 -35.57 -17.75 29.13
C PRO C 206 -35.29 -19.22 29.35
N VAL C 207 -34.41 -19.51 30.31
CA VAL C 207 -34.00 -20.87 30.63
C VAL C 207 -34.25 -21.11 32.11
N PHE C 208 -34.94 -22.21 32.42
CA PHE C 208 -35.20 -22.61 33.80
C PHE C 208 -34.19 -23.65 34.25
N ASP C 209 -34.19 -23.91 35.56
CA ASP C 209 -33.31 -24.91 36.14
C ASP C 209 -33.88 -25.40 37.47
N LYS C 218 -31.41 -18.29 37.84
CA LYS C 218 -31.95 -18.31 36.50
C LYS C 218 -30.87 -17.91 35.50
N SER C 219 -31.00 -18.40 34.27
CA SER C 219 -30.00 -18.19 33.23
C SER C 219 -30.67 -17.62 31.99
N ILE C 220 -29.83 -17.20 31.05
CA ILE C 220 -30.28 -16.60 29.79
C ILE C 220 -29.76 -17.46 28.64
N GLY C 221 -30.66 -17.84 27.74
CA GLY C 221 -30.28 -18.64 26.60
C GLY C 221 -30.61 -17.98 25.27
N GLU C 222 -29.60 -17.73 24.46
CA GLU C 222 -29.77 -17.12 23.15
C GLU C 222 -29.44 -18.12 22.06
N LYS C 223 -30.25 -18.12 20.99
CA LYS C 223 -30.09 -19.03 19.88
C LYS C 223 -30.14 -18.26 18.57
N THR C 224 -29.40 -18.75 17.58
CA THR C 224 -29.41 -18.17 16.24
C THR C 224 -30.43 -18.90 15.39
N GLU C 225 -31.41 -18.15 14.88
CA GLU C 225 -32.53 -18.73 14.14
C GLU C 225 -32.63 -18.09 12.76
N ALA C 226 -32.97 -18.91 11.77
CA ALA C 226 -33.27 -18.44 10.42
C ALA C 226 -34.77 -18.57 10.20
N SER C 227 -35.43 -17.45 9.92
CA SER C 227 -36.89 -17.40 9.85
C SER C 227 -37.31 -16.91 8.47
N LEU C 228 -38.34 -17.55 7.91
CA LEU C 228 -38.97 -17.14 6.67
C LEU C 228 -40.46 -16.96 6.92
N VAL C 229 -40.97 -15.77 6.67
CA VAL C 229 -42.39 -15.46 6.83
C VAL C 229 -42.98 -15.31 5.44
N TRP C 230 -43.93 -16.19 5.10
CA TRP C 230 -44.48 -16.28 3.76
C TRP C 230 -45.91 -15.78 3.76
N PHE C 231 -46.20 -14.81 2.89
CA PHE C 231 -47.54 -14.27 2.72
C PHE C 231 -48.16 -14.92 1.49
N THR C 232 -49.23 -15.67 1.69
CA THR C 232 -49.85 -16.44 0.63
C THR C 232 -51.37 -16.22 0.61
N PRO C 233 -52.00 -16.34 -0.56
CA PRO C 233 -53.45 -16.30 -0.59
C PRO C 233 -54.03 -17.46 0.19
N PRO C 234 -55.23 -17.28 0.76
CA PRO C 234 -55.79 -18.33 1.64
C PRO C 234 -55.99 -19.67 0.96
N ARG C 235 -56.32 -19.69 -0.33
CA ARG C 235 -56.65 -20.94 -0.99
C ARG C 235 -55.42 -21.83 -1.18
N THR C 236 -54.25 -21.25 -1.43
CA THR C 236 -53.04 -22.00 -1.68
C THR C 236 -52.15 -22.12 -0.45
N SER C 237 -52.69 -21.83 0.74
CA SER C 237 -51.88 -21.85 1.94
C SER C 237 -51.34 -23.25 2.24
N ASN C 238 -52.21 -24.26 2.18
CA ASN C 238 -51.77 -25.62 2.45
C ASN C 238 -50.78 -26.11 1.40
N GLN C 239 -51.01 -25.77 0.14
CA GLN C 239 -50.09 -26.17 -0.92
C GLN C 239 -48.71 -25.54 -0.72
N TRP C 240 -48.66 -24.26 -0.39
CA TRP C 240 -47.38 -23.61 -0.12
C TRP C 240 -46.72 -24.18 1.13
N LEU C 241 -47.51 -24.52 2.15
CA LEU C 241 -46.95 -25.13 3.34
C LEU C 241 -46.29 -26.47 3.02
N ASP C 242 -46.97 -27.31 2.22
CA ASP C 242 -46.39 -28.58 1.83
C ASP C 242 -45.14 -28.39 0.99
N PHE C 243 -45.17 -27.43 0.06
CA PHE C 243 -44.00 -27.16 -0.77
C PHE C 243 -42.80 -26.72 0.07
N TRP C 244 -43.04 -25.81 1.02
CA TRP C 244 -41.95 -25.35 1.87
C TRP C 244 -41.44 -26.47 2.78
N LEU C 245 -42.35 -27.31 3.28
CA LEU C 245 -41.92 -28.45 4.09
C LEU C 245 -41.00 -29.37 3.29
N ARG C 246 -41.40 -29.70 2.06
CA ARG C 246 -40.57 -30.56 1.22
C ARG C 246 -39.23 -29.91 0.93
N HIS C 247 -39.24 -28.60 0.60
CA HIS C 247 -38.00 -27.92 0.26
C HIS C 247 -37.04 -27.87 1.45
N ARG C 248 -37.55 -27.55 2.65
CA ARG C 248 -36.69 -27.48 3.82
C ARG C 248 -36.17 -28.86 4.20
N LEU C 249 -37.01 -29.89 4.10
CA LEU C 249 -36.54 -31.24 4.41
C LEU C 249 -35.45 -31.67 3.43
N GLN C 250 -35.63 -31.36 2.14
CA GLN C 250 -34.59 -31.66 1.15
C GLN C 250 -33.30 -30.90 1.45
N TRP C 251 -33.41 -29.63 1.83
CA TRP C 251 -32.24 -28.84 2.16
C TRP C 251 -31.49 -29.43 3.35
N TRP C 252 -32.22 -29.84 4.39
CA TRP C 252 -31.57 -30.44 5.55
C TRP C 252 -30.93 -31.78 5.21
N ARG C 253 -31.60 -32.59 4.37
CA ARG C 253 -31.04 -33.89 4.01
C ARG C 253 -29.89 -33.79 3.01
N LYS C 254 -29.75 -32.66 2.31
CA LYS C 254 -28.74 -32.56 1.26
C LYS C 254 -27.33 -32.68 1.82
N PHE C 255 -27.04 -32.03 2.94
CA PHE C 255 -25.70 -31.99 3.49
C PHE C 255 -25.39 -33.13 4.45
N ALA C 256 -26.34 -34.01 4.71
CA ALA C 256 -26.16 -35.07 5.69
C ALA C 256 -25.66 -36.35 5.04
N MET C 257 -24.72 -37.01 5.70
CA MET C 257 -24.25 -38.32 5.23
C MET C 257 -25.31 -39.39 5.45
N SER C 258 -26.19 -39.21 6.43
CA SER C 258 -27.28 -40.14 6.72
C SER C 258 -28.57 -39.34 6.73
N PRO C 259 -29.16 -39.09 5.56
CA PRO C 259 -30.38 -38.28 5.50
C PRO C 259 -31.57 -38.88 6.24
N SER C 260 -31.55 -40.18 6.51
CA SER C 260 -32.66 -40.82 7.21
C SER C 260 -32.86 -40.29 8.62
N ASN C 261 -31.80 -39.76 9.25
CA ASN C 261 -31.93 -39.23 10.60
C ASN C 261 -32.78 -37.97 10.65
N PHE C 262 -32.94 -37.27 9.52
CA PHE C 262 -33.82 -36.11 9.45
C PHE C 262 -35.23 -36.57 9.11
N SER C 263 -36.20 -36.18 9.95
CA SER C 263 -37.58 -36.63 9.81
C SER C 263 -38.51 -35.44 9.88
N SER C 264 -39.78 -35.69 9.55
CA SER C 264 -40.82 -34.68 9.58
C SER C 264 -42.06 -35.25 10.25
N SER C 265 -42.88 -34.36 10.80
CA SER C 265 -44.09 -34.77 11.50
C SER C 265 -45.17 -33.72 11.30
N ASP C 266 -46.41 -34.11 11.54
CA ASP C 266 -47.56 -33.25 11.42
C ASP C 266 -48.11 -32.91 12.80
N CYS C 267 -48.55 -31.67 12.98
CA CYS C 267 -49.04 -31.21 14.27
C CYS C 267 -50.06 -30.11 14.06
N GLN C 268 -50.87 -29.89 15.09
CA GLN C 268 -51.89 -28.85 15.08
C GLN C 268 -51.76 -28.00 16.34
N ASP C 269 -52.03 -26.70 16.20
CA ASP C 269 -51.89 -25.78 17.30
C ASP C 269 -53.12 -25.85 18.22
N GLU C 270 -53.16 -24.97 19.21
CA GLU C 270 -54.29 -24.95 20.14
C GLU C 270 -55.58 -24.58 19.42
N GLU C 271 -55.52 -23.64 18.48
CA GLU C 271 -56.68 -23.24 17.71
C GLU C 271 -57.00 -24.18 16.57
N GLY C 272 -56.16 -25.18 16.33
CA GLY C 272 -56.37 -26.12 15.24
C GLY C 272 -55.64 -25.80 13.96
N ARG C 273 -54.77 -24.80 13.96
CA ARG C 273 -54.03 -24.44 12.75
C ARG C 273 -53.03 -25.54 12.40
N LYS C 274 -52.95 -25.86 11.12
CA LYS C 274 -52.06 -26.91 10.65
C LYS C 274 -50.60 -26.47 10.75
N GLY C 275 -49.73 -27.43 10.98
CA GLY C 275 -48.31 -27.14 11.10
C GLY C 275 -47.49 -28.41 10.98
N ASN C 276 -46.20 -28.20 10.75
CA ASN C 276 -45.25 -29.30 10.58
C ASN C 276 -44.00 -29.03 11.39
N LYS C 277 -43.31 -30.10 11.78
CA LYS C 277 -42.08 -30.01 12.56
C LYS C 277 -41.03 -30.92 11.96
N LEU C 278 -39.78 -30.44 11.97
CA LEU C 278 -38.64 -31.20 11.48
C LEU C 278 -37.71 -31.53 12.64
N TYR C 279 -37.38 -32.81 12.80
CA TYR C 279 -36.53 -33.27 13.88
C TYR C 279 -35.23 -33.83 13.31
N TYR C 280 -34.25 -33.96 14.20
CA TYR C 280 -33.01 -34.67 13.93
C TYR C 280 -32.81 -35.75 14.97
N ASN C 281 -32.37 -36.93 14.52
CA ASN C 281 -32.22 -38.08 15.40
C ASN C 281 -30.84 -38.03 16.05
N PHE C 282 -30.77 -37.37 17.20
CA PHE C 282 -29.57 -37.38 18.01
C PHE C 282 -29.40 -38.75 18.67
N PRO C 283 -28.19 -39.09 19.13
CA PRO C 283 -28.01 -40.38 19.81
C PRO C 283 -28.91 -40.57 21.02
N TRP C 284 -29.26 -39.49 21.72
CA TRP C 284 -30.12 -39.59 22.89
C TRP C 284 -31.61 -39.45 22.58
N GLY C 285 -31.96 -39.11 21.36
CA GLY C 285 -33.36 -38.94 21.00
C GLY C 285 -33.50 -38.00 19.82
N LYS C 286 -34.65 -37.36 19.73
CA LYS C 286 -34.97 -36.45 18.65
C LYS C 286 -35.21 -35.05 19.21
N GLU C 287 -34.51 -34.06 18.66
CA GLU C 287 -34.65 -32.67 19.05
C GLU C 287 -35.12 -31.86 17.84
N LEU C 288 -36.12 -31.01 18.05
CA LEU C 288 -36.68 -30.24 16.96
C LEU C 288 -35.67 -29.22 16.45
N ILE C 289 -35.61 -29.08 15.12
CA ILE C 289 -34.70 -28.13 14.50
C ILE C 289 -35.42 -27.12 13.62
N GLU C 290 -36.65 -27.37 13.19
CA GLU C 290 -37.37 -26.44 12.34
C GLU C 290 -38.85 -26.72 12.45
N THR C 291 -39.65 -25.66 12.50
CA THR C 291 -41.10 -25.75 12.62
C THR C 291 -41.77 -24.85 11.59
N LEU C 292 -42.89 -25.33 11.05
CA LEU C 292 -43.69 -24.57 10.10
C LEU C 292 -45.12 -24.46 10.63
N TRP C 293 -45.70 -23.27 10.50
CA TRP C 293 -47.05 -23.01 11.00
C TRP C 293 -47.87 -22.27 9.97
N ASN C 294 -49.16 -22.60 9.93
CA ASN C 294 -50.15 -21.91 9.10
C ASN C 294 -50.96 -21.03 10.04
N LEU C 295 -50.45 -19.82 10.30
CA LEU C 295 -51.00 -18.96 11.33
C LEU C 295 -52.24 -18.18 10.88
N GLY C 296 -52.61 -18.27 9.60
CA GLY C 296 -53.76 -17.50 9.15
C GLY C 296 -53.46 -16.01 9.09
N ASP C 297 -54.50 -15.21 9.33
CA ASP C 297 -54.38 -13.75 9.30
C ASP C 297 -54.72 -13.11 10.63
N HIS C 298 -54.75 -13.89 11.72
CA HIS C 298 -55.09 -13.35 13.03
C HIS C 298 -54.03 -12.35 13.50
N GLU C 299 -52.76 -12.75 13.44
CA GLU C 299 -51.68 -11.88 13.91
C GLU C 299 -51.58 -10.62 13.06
N LEU C 300 -51.74 -10.75 11.74
CA LEU C 300 -51.64 -9.59 10.87
C LEU C 300 -52.77 -8.61 11.12
N LEU C 301 -53.99 -9.11 11.32
CA LEU C 301 -55.11 -8.23 11.63
C LEU C 301 -54.94 -7.57 12.99
N HIS C 302 -54.45 -8.32 13.99
CA HIS C 302 -54.24 -7.75 15.31
C HIS C 302 -53.18 -6.66 15.28
N MET C 303 -52.10 -6.87 14.51
CA MET C 303 -51.02 -5.89 14.45
C MET C 303 -51.42 -4.64 13.68
N TYR C 304 -52.43 -4.72 12.81
CA TYR C 304 -52.90 -3.57 12.03
C TYR C 304 -54.40 -3.42 12.21
N PRO C 305 -54.84 -2.93 13.37
CA PRO C 305 -56.28 -2.74 13.59
C PRO C 305 -56.83 -1.62 12.71
N GLY C 306 -58.12 -1.72 12.42
CA GLY C 306 -58.80 -0.69 11.65
C GLY C 306 -59.08 -1.07 10.22
N ASN C 307 -58.78 -0.16 9.29
CA ASN C 307 -59.04 -0.42 7.88
C ASN C 307 -58.17 -1.56 7.37
N VAL C 308 -58.77 -2.41 6.53
CA VAL C 308 -58.07 -3.56 5.98
C VAL C 308 -57.70 -3.35 4.51
N SER C 309 -57.92 -2.15 3.98
CA SER C 309 -57.56 -1.88 2.58
C SER C 309 -56.05 -1.96 2.38
N LYS C 310 -55.28 -1.44 3.33
CA LYS C 310 -53.82 -1.48 3.23
C LYS C 310 -53.28 -2.90 3.32
N LEU C 311 -54.02 -3.82 3.94
CA LEU C 311 -53.60 -5.21 4.08
C LEU C 311 -53.99 -6.07 2.89
N HIS C 312 -54.72 -5.53 1.92
CA HIS C 312 -55.16 -6.31 0.78
C HIS C 312 -53.99 -6.65 -0.13
N GLY C 313 -53.91 -7.92 -0.52
CA GLY C 313 -52.90 -8.39 -1.46
C GLY C 313 -53.58 -8.86 -2.75
N ARG C 314 -52.93 -8.58 -3.87
CA ARG C 314 -53.50 -8.85 -5.19
C ARG C 314 -52.92 -10.15 -5.73
N ASP C 315 -53.75 -11.18 -5.85
CA ASP C 315 -53.41 -12.43 -6.52
C ASP C 315 -54.33 -12.59 -7.72
N GLY C 316 -53.74 -12.81 -8.89
CA GLY C 316 -54.54 -12.86 -10.11
C GLY C 316 -55.19 -11.53 -10.39
N ARG C 317 -56.51 -11.46 -10.21
CA ARG C 317 -57.26 -10.22 -10.37
C ARG C 317 -58.15 -9.92 -9.17
N LYS C 318 -57.83 -10.49 -8.01
CA LYS C 318 -58.64 -10.32 -6.81
C LYS C 318 -57.77 -9.84 -5.66
N ASN C 319 -58.38 -9.09 -4.75
CA ASN C 319 -57.71 -8.57 -3.56
C ASN C 319 -58.18 -9.37 -2.34
N VAL C 320 -57.24 -9.80 -1.51
CA VAL C 320 -57.55 -10.63 -0.35
C VAL C 320 -56.45 -10.42 0.68
N VAL C 321 -56.82 -10.55 1.95
CA VAL C 321 -55.86 -10.47 3.06
C VAL C 321 -55.06 -11.77 3.08
N PRO C 322 -53.73 -11.70 2.94
CA PRO C 322 -52.95 -12.94 2.83
C PRO C 322 -52.86 -13.70 4.14
N CYS C 323 -52.66 -15.01 4.01
CA CYS C 323 -52.34 -15.84 5.15
C CYS C 323 -50.86 -15.70 5.51
N VAL C 324 -50.53 -16.04 6.75
CA VAL C 324 -49.17 -15.93 7.26
C VAL C 324 -48.61 -17.33 7.45
N LEU C 325 -47.51 -17.62 6.78
CA LEU C 325 -46.78 -18.88 6.94
C LEU C 325 -45.44 -18.57 7.56
N SER C 326 -45.15 -19.22 8.70
CA SER C 326 -43.93 -18.98 9.45
C SER C 326 -43.07 -20.24 9.42
N VAL C 327 -41.83 -20.10 8.97
CA VAL C 327 -40.87 -21.18 8.95
C VAL C 327 -39.67 -20.73 9.79
N ASN C 328 -39.45 -21.40 10.91
CA ASN C 328 -38.40 -21.03 11.86
C ASN C 328 -37.49 -22.23 12.07
N GLY C 329 -36.19 -22.04 11.84
CA GLY C 329 -35.22 -23.09 12.06
C GLY C 329 -34.05 -22.58 12.87
N ASP C 330 -33.48 -23.49 13.67
CA ASP C 330 -32.38 -23.15 14.57
C ASP C 330 -31.06 -23.56 13.93
N LEU C 331 -30.21 -22.57 13.67
CA LEU C 331 -28.93 -22.85 13.00
C LEU C 331 -27.91 -23.45 13.95
N ASP C 332 -27.96 -23.12 15.24
CA ASP C 332 -27.02 -23.70 16.20
C ASP C 332 -27.25 -25.19 16.38
N ARG C 333 -28.51 -25.58 16.59
CA ARG C 333 -28.82 -27.00 16.71
C ARG C 333 -28.58 -27.73 15.40
N GLY C 334 -28.77 -27.05 14.26
CA GLY C 334 -28.44 -27.65 12.98
C GLY C 334 -26.95 -27.90 12.84
N MET C 335 -26.13 -26.94 13.29
CA MET C 335 -24.68 -27.14 13.29
C MET C 335 -24.29 -28.31 14.18
N LEU C 336 -24.89 -28.40 15.36
CA LEU C 336 -24.62 -29.52 16.24
C LEU C 336 -25.02 -30.84 15.61
N ALA C 337 -26.18 -30.86 14.94
CA ALA C 337 -26.63 -32.08 14.27
C ALA C 337 -25.68 -32.48 13.15
N TYR C 338 -25.19 -31.51 12.38
CA TYR C 338 -24.24 -31.83 11.32
C TYR C 338 -22.92 -32.32 11.89
N LEU C 339 -22.47 -31.74 13.02
CA LEU C 339 -21.27 -32.24 13.67
C LEU C 339 -21.45 -33.68 14.13
N TYR C 340 -22.62 -34.01 14.68
CA TYR C 340 -22.89 -35.38 15.08
C TYR C 340 -22.96 -36.31 13.87
N ASP C 341 -23.51 -35.83 12.76
CA ASP C 341 -23.56 -36.62 11.54
C ASP C 341 -22.17 -36.92 11.01
N SER C 342 -21.26 -35.95 11.07
CA SER C 342 -19.91 -36.14 10.56
C SER C 342 -19.18 -37.24 11.32
N PHE C 343 -19.32 -37.27 12.64
CA PHE C 343 -18.64 -38.25 13.47
C PHE C 343 -19.51 -39.50 13.58
N ARG C 358 -10.62 -44.71 13.22
CA ARG C 358 -10.11 -43.44 12.72
C ARG C 358 -11.05 -42.32 13.14
N LYS C 359 -10.50 -41.30 13.79
CA LYS C 359 -11.31 -40.17 14.26
C LYS C 359 -11.26 -39.08 13.19
N VAL C 360 -12.24 -39.11 12.29
CA VAL C 360 -12.34 -38.14 11.20
C VAL C 360 -13.76 -37.57 11.20
N LEU C 361 -13.85 -36.25 11.14
CA LEU C 361 -15.13 -35.55 11.03
C LEU C 361 -15.39 -35.28 9.56
N LYS C 362 -16.19 -36.13 8.93
CA LYS C 362 -16.45 -36.03 7.49
C LYS C 362 -17.59 -35.05 7.22
N LEU C 363 -17.25 -33.76 7.38
CA LEU C 363 -18.19 -32.70 7.05
C LEU C 363 -18.32 -32.57 5.54
N HIS C 364 -19.46 -32.03 5.11
CA HIS C 364 -19.69 -31.81 3.70
C HIS C 364 -18.75 -30.72 3.20
N PRO C 365 -18.27 -30.82 1.95
CA PRO C 365 -17.35 -29.80 1.43
C PRO C 365 -17.91 -28.40 1.46
N CYS C 366 -19.22 -28.23 1.29
CA CYS C 366 -19.82 -26.90 1.32
C CYS C 366 -19.95 -26.33 2.72
N LEU C 367 -19.71 -27.13 3.75
CA LEU C 367 -19.84 -26.68 5.13
C LEU C 367 -18.55 -26.78 5.94
N ALA C 368 -17.51 -27.43 5.41
CA ALA C 368 -16.27 -27.57 6.15
C ALA C 368 -15.65 -26.19 6.41
N PRO C 369 -15.21 -25.91 7.63
CA PRO C 369 -14.65 -24.58 7.93
C PRO C 369 -13.37 -24.29 7.16
N ILE C 370 -12.40 -25.20 7.24
CA ILE C 370 -11.13 -25.06 6.54
C ILE C 370 -10.99 -26.24 5.59
N LYS C 371 -10.63 -25.94 4.34
CA LYS C 371 -10.64 -26.93 3.26
C LYS C 371 -9.26 -27.47 2.93
N VAL C 372 -8.23 -26.62 2.90
CA VAL C 372 -6.90 -26.99 2.45
C VAL C 372 -5.90 -26.73 3.56
N ALA C 373 -4.98 -27.67 3.75
CA ALA C 373 -3.88 -27.54 4.72
C ALA C 373 -2.56 -27.57 3.98
N LEU C 374 -1.73 -26.56 4.22
CA LEU C 374 -0.43 -26.44 3.57
C LEU C 374 0.67 -26.78 4.56
N ASP C 375 1.58 -27.67 4.15
CA ASP C 375 2.70 -28.09 4.97
C ASP C 375 3.98 -28.05 4.14
N VAL C 376 5.11 -28.29 4.80
CA VAL C 376 6.41 -28.31 4.16
C VAL C 376 7.15 -29.59 4.55
N GLY C 377 8.10 -29.97 3.71
CA GLY C 377 8.90 -31.15 3.97
C GLY C 377 10.30 -30.82 4.45
N ARG C 378 11.31 -31.31 3.75
CA ARG C 378 12.71 -31.04 4.08
C ARG C 378 13.42 -30.47 2.85
N GLY C 379 14.25 -29.46 3.09
CA GLY C 379 14.98 -28.82 2.02
C GLY C 379 15.22 -27.35 2.29
N PRO C 380 15.37 -26.57 1.22
CA PRO C 380 15.57 -25.12 1.38
C PRO C 380 14.34 -24.48 1.99
N THR C 381 14.51 -23.93 3.20
CA THR C 381 13.39 -23.33 3.92
C THR C 381 12.85 -22.11 3.19
N LEU C 382 13.73 -21.26 2.68
CA LEU C 382 13.30 -19.99 2.09
C LEU C 382 12.44 -20.23 0.84
N GLU C 383 12.92 -21.07 -0.07
CA GLU C 383 12.18 -21.32 -1.30
C GLU C 383 10.87 -22.06 -1.04
N LEU C 384 10.88 -23.02 -0.12
CA LEU C 384 9.65 -23.70 0.24
C LEU C 384 8.63 -22.74 0.82
N ARG C 385 9.08 -21.85 1.70
CA ARG C 385 8.18 -20.86 2.29
C ARG C 385 7.64 -19.91 1.23
N GLN C 386 8.49 -19.50 0.27
CA GLN C 386 8.04 -18.60 -0.78
C GLN C 386 6.99 -19.27 -1.67
N VAL C 387 7.21 -20.53 -2.04
CA VAL C 387 6.25 -21.26 -2.86
C VAL C 387 4.94 -21.43 -2.10
N CYS C 388 5.04 -21.79 -0.81
CA CYS C 388 3.82 -21.95 -0.01
C CYS C 388 3.06 -20.64 0.12
N GLN C 389 3.79 -19.52 0.28
CA GLN C 389 3.14 -18.23 0.37
C GLN C 389 2.44 -17.87 -0.94
N GLY C 390 3.08 -18.15 -2.08
CA GLY C 390 2.44 -17.88 -3.35
C GLY C 390 1.18 -18.71 -3.55
N LEU C 391 1.26 -20.00 -3.25
CA LEU C 391 0.09 -20.87 -3.37
C LEU C 391 -1.01 -20.43 -2.41
N PHE C 392 -0.64 -20.03 -1.20
CA PHE C 392 -1.61 -19.55 -0.21
C PHE C 392 -2.32 -18.30 -0.71
N ASN C 393 -1.57 -17.35 -1.28
CA ASN C 393 -2.18 -16.14 -1.82
C ASN C 393 -3.11 -16.47 -2.99
N GLU C 394 -2.68 -17.37 -3.86
CA GLU C 394 -3.53 -17.74 -5.00
C GLU C 394 -4.83 -18.38 -4.53
N LEU C 395 -4.74 -19.31 -3.57
CA LEU C 395 -5.93 -19.97 -3.05
C LEU C 395 -6.86 -18.99 -2.35
N LEU C 396 -6.29 -18.04 -1.59
CA LEU C 396 -7.12 -17.02 -0.95
C LEU C 396 -7.82 -16.15 -2.00
N GLU C 397 -7.11 -15.76 -3.05
CA GLU C 397 -7.72 -14.97 -4.11
C GLU C 397 -8.81 -15.75 -4.84
N ASN C 398 -8.68 -17.08 -4.90
CA ASN C 398 -9.69 -17.92 -5.53
C ASN C 398 -10.76 -18.38 -4.54
N GLY C 399 -10.85 -17.76 -3.37
CA GLY C 399 -11.92 -18.04 -2.43
C GLY C 399 -11.91 -19.42 -1.83
N ILE C 400 -10.75 -19.91 -1.41
CA ILE C 400 -10.61 -21.21 -0.77
C ILE C 400 -9.93 -21.02 0.57
N SER C 401 -10.54 -21.56 1.62
CA SER C 401 -9.96 -21.45 2.96
C SER C 401 -8.77 -22.39 3.10
N VAL C 402 -7.65 -21.86 3.59
CA VAL C 402 -6.42 -22.63 3.73
C VAL C 402 -5.89 -22.45 5.14
N TRP C 403 -5.43 -23.55 5.73
CA TRP C 403 -4.83 -23.51 7.06
C TRP C 403 -3.33 -23.25 6.93
N PRO C 404 -2.82 -22.13 7.45
CA PRO C 404 -1.39 -21.83 7.30
C PRO C 404 -0.52 -22.72 8.18
N GLY C 405 -0.38 -23.99 7.80
CA GLY C 405 0.43 -24.92 8.56
C GLY C 405 1.91 -24.90 8.26
N TYR C 406 2.36 -24.11 7.30
CA TYR C 406 3.76 -24.04 6.95
C TYR C 406 4.54 -23.03 7.80
N LEU C 407 3.86 -22.24 8.62
CA LEU C 407 4.51 -21.31 9.53
C LEU C 407 4.89 -21.97 10.86
N GLU C 408 4.53 -23.24 11.06
CA GLU C 408 4.82 -23.91 12.31
C GLU C 408 6.31 -24.20 12.41
N THR C 409 6.98 -23.54 13.35
CA THR C 409 8.41 -23.76 13.55
C THR C 409 8.69 -25.19 13.99
N MET C 410 7.89 -25.71 14.91
CA MET C 410 8.07 -27.09 15.37
C MET C 410 7.71 -28.07 14.26
N GLN C 411 8.46 -29.16 14.18
CA GLN C 411 8.27 -30.19 13.17
C GLN C 411 7.63 -31.41 13.80
N SER C 412 6.59 -31.93 13.15
CA SER C 412 5.87 -33.11 13.63
C SER C 412 5.77 -34.12 12.51
N SER C 413 5.58 -35.39 12.90
CA SER C 413 5.45 -36.47 11.93
C SER C 413 4.17 -36.29 11.11
N LEU C 414 4.21 -36.78 9.87
CA LEU C 414 3.08 -36.60 8.97
C LEU C 414 1.83 -37.30 9.49
N GLU C 415 1.99 -38.40 10.24
CA GLU C 415 0.83 -39.07 10.79
C GLU C 415 0.08 -38.18 11.78
N GLN C 416 0.81 -37.48 12.66
CA GLN C 416 0.17 -36.58 13.60
C GLN C 416 -0.53 -35.43 12.91
N LEU C 417 0.11 -34.85 11.88
CA LEU C 417 -0.53 -33.78 11.13
C LEU C 417 -1.78 -34.27 10.42
N TYR C 418 -1.73 -35.47 9.85
CA TYR C 418 -2.90 -36.03 9.18
C TYR C 418 -4.03 -36.27 10.16
N SER C 419 -3.73 -36.79 11.34
CA SER C 419 -4.76 -36.99 12.36
C SER C 419 -5.36 -35.66 12.80
N LYS C 420 -4.51 -34.65 13.02
CA LYS C 420 -5.00 -33.34 13.43
C LYS C 420 -5.90 -32.73 12.36
N TYR C 421 -5.51 -32.85 11.10
CA TYR C 421 -6.32 -32.27 10.02
C TYR C 421 -7.62 -33.05 9.82
N ASP C 422 -7.58 -34.38 10.01
CA ASP C 422 -8.82 -35.16 9.94
C ASP C 422 -9.78 -34.76 11.06
N GLU C 423 -9.25 -34.51 12.26
CA GLU C 423 -10.10 -34.04 13.35
C GLU C 423 -10.64 -32.64 13.11
N MET C 424 -10.00 -31.87 12.22
CA MET C 424 -10.43 -30.52 11.90
C MET C 424 -11.27 -30.45 10.63
N SER C 425 -11.64 -31.60 10.06
CA SER C 425 -12.42 -31.69 8.84
C SER C 425 -11.73 -30.95 7.68
N ILE C 426 -10.48 -31.35 7.43
CA ILE C 426 -9.69 -30.79 6.35
C ILE C 426 -9.89 -31.65 5.10
N LEU C 427 -10.34 -31.02 4.02
CA LEU C 427 -10.62 -31.77 2.79
C LEU C 427 -9.34 -32.33 2.19
N PHE C 428 -8.32 -31.49 2.02
CA PHE C 428 -7.08 -31.91 1.38
C PHE C 428 -5.89 -31.32 2.12
N THR C 429 -4.81 -32.11 2.21
CA THR C 429 -3.56 -31.68 2.80
C THR C 429 -2.49 -31.63 1.71
N VAL C 430 -1.81 -30.49 1.60
CA VAL C 430 -0.80 -30.28 0.57
C VAL C 430 0.53 -29.98 1.24
N LEU C 431 1.57 -30.69 0.83
CA LEU C 431 2.92 -30.48 1.34
C LEU C 431 3.86 -30.18 0.17
N VAL C 432 4.77 -29.24 0.37
CA VAL C 432 5.70 -28.79 -0.66
C VAL C 432 7.11 -29.19 -0.25
N THR C 433 7.81 -29.87 -1.16
CA THR C 433 9.18 -30.29 -0.90
C THR C 433 10.12 -29.80 -2.00
N GLU C 434 11.37 -30.28 -1.98
CA GLU C 434 12.32 -29.90 -3.02
C GLU C 434 11.93 -30.44 -4.38
N THR C 435 11.16 -31.53 -4.44
CA THR C 435 10.68 -32.04 -5.71
C THR C 435 9.77 -31.02 -6.40
N THR C 436 9.00 -30.26 -5.62
CA THR C 436 8.19 -29.19 -6.20
C THR C 436 9.07 -28.13 -6.85
N LEU C 437 10.19 -27.78 -6.21
CA LEU C 437 11.13 -26.85 -6.82
C LEU C 437 11.74 -27.44 -8.08
N GLU C 438 12.01 -28.74 -8.08
CA GLU C 438 12.62 -29.39 -9.25
C GLU C 438 11.67 -29.41 -10.44
N ASN C 439 10.52 -30.06 -10.29
CA ASN C 439 9.58 -30.23 -11.39
C ASN C 439 8.26 -29.51 -11.19
N GLY C 440 7.71 -29.54 -9.97
CA GLY C 440 6.46 -28.87 -9.70
C GLY C 440 5.34 -29.81 -9.29
N LEU C 441 5.70 -30.93 -8.67
CA LEU C 441 4.74 -31.92 -8.21
C LEU C 441 4.59 -31.83 -6.70
N ILE C 442 3.35 -31.76 -6.24
CA ILE C 442 3.04 -31.64 -4.82
C ILE C 442 2.21 -32.85 -4.40
N HIS C 443 2.39 -33.26 -3.15
CA HIS C 443 1.69 -34.42 -2.61
C HIS C 443 0.30 -33.98 -2.14
N LEU C 444 -0.73 -34.61 -2.70
CA LEU C 444 -2.12 -34.30 -2.37
C LEU C 444 -2.78 -35.51 -1.73
N ARG C 445 -3.36 -35.30 -0.54
CA ARG C 445 -4.03 -36.35 0.21
C ARG C 445 -5.49 -35.98 0.41
N SER C 446 -6.37 -36.95 0.19
CA SER C 446 -7.81 -36.75 0.33
C SER C 446 -8.28 -37.26 1.69
N ARG C 447 -9.16 -36.49 2.33
CA ARG C 447 -9.68 -36.88 3.64
C ARG C 447 -10.49 -38.16 3.56
N ASP C 448 -11.34 -38.28 2.54
CA ASP C 448 -12.24 -39.43 2.45
C ASP C 448 -11.47 -40.70 2.07
N THR C 449 -10.48 -40.58 1.20
CA THR C 449 -9.78 -41.74 0.67
C THR C 449 -8.49 -42.07 1.40
N THR C 450 -7.84 -41.07 2.01
CA THR C 450 -6.57 -41.25 2.71
C THR C 450 -5.51 -41.85 1.79
N MET C 451 -5.50 -41.40 0.54
CA MET C 451 -4.53 -41.88 -0.45
C MET C 451 -3.79 -40.68 -1.04
N LYS C 452 -2.47 -40.75 -1.05
CA LYS C 452 -1.66 -39.69 -1.64
C LYS C 452 -1.76 -39.72 -3.15
N GLU C 453 -1.54 -38.56 -3.77
CA GLU C 453 -1.61 -38.44 -5.22
C GLU C 453 -0.76 -37.25 -5.66
N MET C 454 0.30 -37.53 -6.40
CA MET C 454 1.13 -36.46 -6.94
C MET C 454 0.36 -35.67 -7.98
N MET C 455 0.50 -34.34 -7.93
CA MET C 455 -0.21 -33.47 -8.86
C MET C 455 0.61 -32.21 -9.09
N HIS C 456 0.54 -31.70 -10.31
CA HIS C 456 1.23 -30.46 -10.65
C HIS C 456 0.59 -29.29 -9.92
N ILE C 457 1.42 -28.34 -9.49
CA ILE C 457 0.94 -27.22 -8.68
C ILE C 457 0.16 -26.20 -9.49
N SER C 458 0.18 -26.28 -10.83
CA SER C 458 -0.47 -25.28 -11.64
C SER C 458 -1.99 -25.43 -11.62
N LYS C 459 -2.49 -26.66 -11.67
CA LYS C 459 -3.93 -26.92 -11.77
C LYS C 459 -4.56 -27.30 -10.43
N LEU C 460 -3.84 -27.14 -9.33
CA LEU C 460 -4.40 -27.46 -8.03
C LEU C 460 -5.61 -26.57 -7.71
N LYS C 461 -5.50 -25.28 -8.02
CA LYS C 461 -6.61 -24.37 -7.77
C LYS C 461 -7.85 -24.75 -8.56
N ASP C 462 -7.68 -25.08 -9.85
CA ASP C 462 -8.81 -25.50 -10.66
C ASP C 462 -9.41 -26.79 -10.13
N PHE C 463 -8.56 -27.75 -9.73
CA PHE C 463 -9.07 -29.00 -9.17
C PHE C 463 -9.89 -28.74 -7.91
N LEU C 464 -9.39 -27.89 -7.01
CA LEU C 464 -10.10 -27.63 -5.77
C LEU C 464 -11.43 -26.93 -6.03
N ILE C 465 -11.43 -25.91 -6.90
CA ILE C 465 -12.66 -25.16 -7.11
C ILE C 465 -13.70 -26.02 -7.84
N LYS C 466 -13.26 -26.86 -8.78
CA LYS C 466 -14.21 -27.74 -9.45
C LYS C 466 -14.70 -28.84 -8.52
N TYR C 467 -13.85 -29.30 -7.60
CA TYR C 467 -14.28 -30.25 -6.58
C TYR C 467 -15.40 -29.67 -5.74
N ILE C 468 -15.21 -28.45 -5.23
CA ILE C 468 -16.22 -27.82 -4.39
C ILE C 468 -17.49 -27.55 -5.19
N SER C 469 -17.36 -27.02 -6.40
CA SER C 469 -18.53 -26.70 -7.20
C SER C 469 -19.32 -27.95 -7.56
N SER C 470 -18.65 -29.02 -7.94
CA SER C 470 -19.34 -30.25 -8.30
C SER C 470 -19.96 -30.92 -7.08
N ALA C 471 -19.31 -30.82 -5.92
CA ALA C 471 -19.94 -31.31 -4.69
C ALA C 471 -21.20 -30.53 -4.36
N LYS C 472 -21.18 -29.21 -4.58
CA LYS C 472 -22.36 -28.38 -4.37
C LYS C 472 -23.47 -28.76 -5.34
N ASN C 473 -23.13 -28.98 -6.61
CA ASN C 473 -24.15 -29.26 -7.61
C ASN C 473 -24.86 -30.58 -7.34
N VAL C 474 -24.12 -31.61 -6.98
CA VAL C 474 -24.70 -32.92 -6.72
C VAL C 474 -25.39 -32.93 -5.36
P 2DT D 51 22.42 17.15 -5.11
OP1 2DT D 51 22.72 16.84 -3.69
OP2 2DT D 51 21.45 18.22 -5.43
O5' 2DT D 51 23.78 17.47 -5.87
N1 2DT D 51 24.91 18.62 -9.70
C6 2DT D 51 23.65 18.69 -9.14
C2 2DT D 51 25.24 19.34 -10.83
O2 2DT D 51 26.34 19.31 -11.35
N3 2DT D 51 24.22 20.11 -11.33
C4 2DT D 51 22.94 20.22 -10.82
O4 2DT D 51 22.08 20.94 -11.34
C5 2DT D 51 22.67 19.44 -9.64
C5M 2DT D 51 21.30 19.48 -9.00
C2' 2DT D 51 26.96 18.51 -8.22
C5' 2DT D 51 24.84 16.52 -5.86
C4' 2DT D 51 25.89 16.86 -6.90
O4' 2DT D 51 25.30 16.81 -8.23
C1' 2DT D 51 25.94 17.74 -9.07
C3' 2DT D 51 26.44 18.28 -6.80
MG MG F . 29.61 21.25 -2.22
PA D3T G . 27.43 21.97 -5.22
O1A D3T G . 27.58 20.75 -4.36
O2A D3T G . 26.33 21.74 -6.23
O5' D3T G . 28.81 22.26 -6.00
C5' D3T G . 29.11 21.09 -6.76
C4' D3T G . 29.18 21.45 -8.25
O4' D3T G . 27.86 21.40 -8.84
C1' D3T G . 27.90 22.21 -10.03
N1 D3T G . 26.59 22.82 -10.22
C6 D3T G . 25.69 22.75 -9.23
C2 D3T G . 26.28 23.50 -11.43
O2 D3T G . 27.14 23.55 -12.33
N3 D3T G . 25.09 24.06 -11.63
C4 D3T G . 24.15 24.02 -10.69
O4 D3T G . 23.03 24.56 -10.88
C5 D3T G . 24.44 23.32 -9.41
C5M D3T G . 23.40 23.26 -8.32
C2' D3T G . 28.97 23.29 -9.79
C3' D3T G . 29.60 22.93 -8.43
O3A D3T G . 27.06 23.23 -4.30
PB D3T G . 28.19 23.98 -3.44
O1B D3T G . 29.41 23.10 -3.28
O2B D3T G . 28.57 25.30 -4.08
O3B D3T G . 27.48 24.23 -2.02
PG D3T G . 28.12 23.67 -0.66
O1G D3T G . 28.35 22.18 -0.79
O2G D3T G . 27.17 23.93 0.49
O3G D3T G . 29.43 24.36 -0.40
#